data_3DKW
#
_entry.id   3DKW
#
_cell.length_a   245.282
_cell.length_b   121.466
_cell.length_c   82.554
_cell.angle_alpha   90.00
_cell.angle_beta   97.53
_cell.angle_gamma   90.00
#
_symmetry.space_group_name_H-M   'C 1 2 1'
#
_entity_poly.entity_id   1
_entity_poly.type   'polypeptide(L)'
_entity_poly.pdbx_seq_one_letter_code
;MEFQRVHQQLLQSHHLFEPLSPVQLQELLASSDLVNLDKGAYVFRQGEPAHAFYYLISGCVKIYRLTPEGQEKILEVTNE
RNTFAEAMMFMDTPNYVATAQAVVPSQLFRFSNKAYLRQLQDNTPLALALLAKLSTRLHQRIDEIETLSLKNATHRVVRY
LLTLAAHAPGENCRVEIPVAKQLVAGHLSIQPETFSRIMHRLGDEGIIHLDGREISILDRERLECFE
;
_entity_poly.pdbx_strand_id   A,B,C,D,E,F,G,H,I,J
#
# COMPACT_ATOMS: atom_id res chain seq x y z
N MET A 1 -71.26 25.57 -3.30
CA MET A 1 -71.12 25.00 -4.64
C MET A 1 -69.66 25.08 -5.08
N GLU A 2 -68.88 25.87 -4.35
CA GLU A 2 -67.46 26.08 -4.65
C GLU A 2 -66.58 25.04 -3.99
N PHE A 3 -66.24 24.02 -4.72
CA PHE A 3 -65.35 23.04 -4.11
C PHE A 3 -65.74 22.84 -2.65
N GLN A 4 -64.73 22.84 -1.79
CA GLN A 4 -64.93 22.76 -0.34
C GLN A 4 -65.80 21.58 0.09
N ARG A 5 -65.74 21.27 1.37
CA ARG A 5 -66.55 20.20 1.95
C ARG A 5 -65.81 18.87 1.94
N VAL A 6 -64.95 18.67 0.94
CA VAL A 6 -64.21 17.43 0.80
C VAL A 6 -62.70 17.68 0.79
N HIS A 7 -62.31 18.91 0.49
CA HIS A 7 -60.90 19.25 0.41
C HIS A 7 -60.26 19.44 1.78
N GLN A 8 -61.05 19.91 2.74
CA GLN A 8 -60.55 20.18 4.08
C GLN A 8 -60.01 18.92 4.76
N GLN A 9 -60.45 17.76 4.28
CA GLN A 9 -60.01 16.49 4.85
C GLN A 9 -58.62 16.10 4.36
N LEU A 10 -58.26 16.58 3.17
CA LEU A 10 -56.96 16.28 2.58
C LEU A 10 -55.84 17.04 3.28
N LEU A 11 -56.14 18.24 3.77
CA LEU A 11 -55.15 19.08 4.43
C LEU A 11 -55.11 18.83 5.93
N GLN A 12 -56.20 18.29 6.47
CA GLN A 12 -56.30 18.05 7.90
C GLN A 12 -55.30 16.99 8.37
N SER A 13 -54.74 16.26 7.43
CA SER A 13 -53.78 15.20 7.75
C SER A 13 -52.34 15.71 7.65
N HIS A 14 -52.15 16.79 6.90
CA HIS A 14 -50.82 17.37 6.72
C HIS A 14 -50.37 18.10 7.97
N HIS A 15 -49.05 18.19 8.17
CA HIS A 15 -48.49 18.77 9.38
C HIS A 15 -48.64 20.28 9.45
N LEU A 16 -48.67 20.93 8.29
CA LEU A 16 -48.74 22.39 8.24
C LEU A 16 -50.15 22.91 8.47
N PHE A 17 -51.14 22.03 8.42
CA PHE A 17 -52.54 22.44 8.53
C PHE A 17 -53.23 21.85 9.76
N GLU A 18 -52.51 21.02 10.51
CA GLU A 18 -53.08 20.40 11.70
C GLU A 18 -53.25 21.39 12.85
N PRO A 19 -52.17 22.12 13.17
CA PRO A 19 -52.18 23.12 14.25
C PRO A 19 -53.22 24.21 14.00
N LEU A 20 -53.51 24.47 12.74
CA LEU A 20 -54.47 25.51 12.38
C LEU A 20 -55.89 25.12 12.76
N SER A 21 -56.65 26.09 13.26
CA SER A 21 -58.04 25.86 13.65
C SER A 21 -58.95 25.89 12.43
N PRO A 22 -60.11 25.21 12.54
CA PRO A 22 -61.08 25.16 11.44
C PRO A 22 -61.37 26.54 10.87
N VAL A 23 -61.26 27.57 11.72
CA VAL A 23 -61.50 28.94 11.29
C VAL A 23 -60.33 29.47 10.47
N GLN A 24 -59.11 29.11 10.89
CA GLN A 24 -57.91 29.54 10.19
C GLN A 24 -57.72 28.74 8.91
N LEU A 25 -58.18 27.50 8.92
CA LEU A 25 -58.07 26.63 7.76
C LEU A 25 -58.91 27.15 6.61
N GLN A 26 -60.10 27.65 6.92
CA GLN A 26 -61.00 28.19 5.91
C GLN A 26 -60.54 29.58 5.47
N GLU A 27 -59.83 30.27 6.35
CA GLU A 27 -59.32 31.60 6.05
C GLU A 27 -58.19 31.55 5.03
N LEU A 28 -57.50 30.41 4.99
CA LEU A 28 -56.39 30.22 4.07
C LEU A 28 -56.87 29.66 2.74
N LEU A 29 -57.92 28.84 2.80
CA LEU A 29 -58.48 28.24 1.60
C LEU A 29 -59.27 29.25 0.77
N ALA A 30 -59.65 30.36 1.41
CA ALA A 30 -60.42 31.40 0.73
C ALA A 30 -59.57 32.13 -0.31
N SER A 31 -58.26 32.16 -0.08
CA SER A 31 -57.34 32.83 -0.99
C SER A 31 -56.64 31.84 -1.91
N SER A 32 -56.87 30.55 -1.66
CA SER A 32 -56.25 29.49 -2.47
C SER A 32 -56.97 29.33 -3.80
N ASP A 33 -56.28 28.74 -4.77
CA ASP A 33 -56.85 28.51 -6.09
C ASP A 33 -56.42 27.17 -6.65
N LEU A 34 -57.36 26.43 -7.23
CA LEU A 34 -57.08 25.13 -7.82
C LEU A 34 -56.27 25.29 -9.11
N VAL A 35 -55.17 24.55 -9.22
CA VAL A 35 -54.30 24.64 -10.39
C VAL A 35 -54.15 23.29 -11.08
N ASN A 36 -54.38 23.27 -12.39
CA ASN A 36 -54.23 22.06 -13.18
C ASN A 36 -53.12 22.21 -14.23
N LEU A 37 -52.19 21.26 -14.23
CA LEU A 37 -51.07 21.30 -15.17
C LEU A 37 -50.99 20.01 -15.99
N ASP A 38 -50.42 20.11 -17.19
CA ASP A 38 -50.25 18.96 -18.06
C ASP A 38 -48.82 18.46 -18.06
N LYS A 39 -48.48 17.64 -19.05
CA LYS A 39 -47.13 17.10 -19.17
C LYS A 39 -46.14 18.16 -19.65
N GLY A 40 -45.07 18.36 -18.90
CA GLY A 40 -44.06 19.33 -19.25
C GLY A 40 -44.47 20.75 -18.92
N ALA A 41 -45.29 20.91 -17.88
CA ALA A 41 -45.77 22.21 -17.46
C ALA A 41 -45.00 22.71 -16.24
N TYR A 42 -44.58 23.97 -16.28
CA TYR A 42 -43.82 24.56 -15.19
C TYR A 42 -44.73 25.16 -14.13
N VAL A 43 -44.38 24.94 -12.86
CA VAL A 43 -45.13 25.51 -11.75
C VAL A 43 -44.68 26.95 -11.50
N PHE A 44 -43.38 27.12 -11.27
CA PHE A 44 -42.80 28.44 -11.10
C PHE A 44 -41.34 28.46 -11.56
N ARG A 45 -40.96 29.51 -12.27
CA ARG A 45 -39.62 29.61 -12.83
C ARG A 45 -38.64 30.26 -11.88
N GLN A 46 -37.35 29.99 -12.09
CA GLN A 46 -36.30 30.55 -11.25
C GLN A 46 -36.05 32.02 -11.62
N GLY A 47 -36.55 32.92 -10.78
CA GLY A 47 -36.42 34.35 -11.04
C GLY A 47 -37.69 35.09 -10.70
N GLU A 48 -38.80 34.36 -10.72
CA GLU A 48 -40.11 34.94 -10.38
C GLU A 48 -40.21 35.22 -8.89
N PRO A 49 -40.87 36.34 -8.53
CA PRO A 49 -41.06 36.72 -7.14
C PRO A 49 -41.84 35.67 -6.37
N ALA A 50 -41.33 35.30 -5.20
CA ALA A 50 -41.99 34.30 -4.36
C ALA A 50 -43.20 34.91 -3.64
N HIS A 51 -44.38 34.33 -3.89
CA HIS A 51 -45.60 34.83 -3.27
C HIS A 51 -46.57 33.72 -2.86
N ALA A 52 -46.22 32.48 -3.21
CA ALA A 52 -47.10 31.35 -2.90
C ALA A 52 -46.36 30.01 -2.85
N PHE A 53 -46.82 29.13 -1.97
CA PHE A 53 -46.30 27.77 -1.89
C PHE A 53 -47.37 26.79 -2.35
N TYR A 54 -46.95 25.64 -2.86
CA TYR A 54 -47.87 24.70 -3.48
C TYR A 54 -48.06 23.40 -2.69
N TYR A 55 -49.23 22.78 -2.88
CA TYR A 55 -49.53 21.49 -2.26
C TYR A 55 -50.04 20.52 -3.31
N LEU A 56 -49.27 19.47 -3.57
CA LEU A 56 -49.61 18.50 -4.60
C LEU A 56 -50.63 17.48 -4.09
N ILE A 57 -51.67 17.23 -4.88
CA ILE A 57 -52.70 16.26 -4.54
C ILE A 57 -52.38 14.91 -5.18
N SER A 58 -52.24 14.92 -6.50
CA SER A 58 -51.93 13.70 -7.25
C SER A 58 -51.00 14.00 -8.43
N GLY A 59 -49.98 13.18 -8.60
CA GLY A 59 -49.02 13.37 -9.68
C GLY A 59 -47.59 13.43 -9.19
N CYS A 60 -46.71 13.94 -10.04
CA CYS A 60 -45.29 14.06 -9.69
C CYS A 60 -44.71 15.36 -10.22
N VAL A 61 -44.12 16.14 -9.32
CA VAL A 61 -43.53 17.42 -9.70
C VAL A 61 -42.06 17.51 -9.28
N LYS A 62 -41.20 17.86 -10.23
CA LYS A 62 -39.77 18.00 -9.96
C LYS A 62 -39.40 19.46 -9.73
N ILE A 63 -38.42 19.68 -8.86
CA ILE A 63 -37.98 21.03 -8.53
C ILE A 63 -36.67 21.36 -9.26
N TYR A 64 -35.60 20.66 -8.88
CA TYR A 64 -34.30 20.82 -9.50
C TYR A 64 -33.91 22.29 -9.71
N ARG A 65 -32.67 22.50 -10.13
CA ARG A 65 -32.16 23.84 -10.41
C ARG A 65 -31.60 23.94 -11.83
N LEU A 66 -31.31 25.16 -12.26
CA LEU A 66 -30.72 25.39 -13.57
C LEU A 66 -29.21 25.55 -13.46
N THR A 67 -28.53 24.45 -13.16
CA THR A 67 -27.08 24.46 -12.99
C THR A 67 -26.37 24.89 -14.27
N PRO A 68 -25.08 25.26 -14.15
CA PRO A 68 -24.27 25.69 -15.29
C PRO A 68 -24.07 24.57 -16.30
N GLU A 69 -23.62 24.92 -17.51
CA GLU A 69 -23.40 23.95 -18.57
C GLU A 69 -24.64 23.80 -19.44
N GLY A 70 -25.81 23.89 -18.82
CA GLY A 70 -27.07 23.77 -19.54
C GLY A 70 -27.80 22.48 -19.23
N GLN A 71 -27.55 21.93 -18.04
CA GLN A 71 -28.18 20.69 -17.62
C GLN A 71 -28.98 20.88 -16.34
N GLU A 72 -30.05 20.11 -16.19
CA GLU A 72 -30.90 20.20 -15.01
C GLU A 72 -30.47 19.22 -13.92
N LYS A 73 -30.13 19.76 -12.76
CA LYS A 73 -29.71 18.95 -11.62
C LYS A 73 -30.85 18.81 -10.60
N ILE A 74 -31.33 17.59 -10.43
CA ILE A 74 -32.44 17.34 -9.51
C ILE A 74 -31.97 17.37 -8.06
N LEU A 75 -32.70 18.09 -7.22
CA LEU A 75 -32.38 18.18 -5.80
C LEU A 75 -33.26 17.23 -4.99
N GLU A 76 -34.57 17.36 -5.16
CA GLU A 76 -35.52 16.49 -4.47
C GLU A 76 -36.84 16.42 -5.23
N VAL A 77 -37.46 15.24 -5.21
CA VAL A 77 -38.73 15.04 -5.90
C VAL A 77 -39.88 14.95 -4.91
N THR A 78 -40.87 15.82 -5.10
CA THR A 78 -42.04 15.85 -4.21
C THR A 78 -43.17 15.00 -4.78
N ASN A 79 -43.71 14.11 -3.96
CA ASN A 79 -44.79 13.23 -4.38
C ASN A 79 -46.16 13.71 -3.90
N GLU A 80 -47.14 12.82 -3.94
CA GLU A 80 -48.51 13.17 -3.58
C GLU A 80 -48.66 13.45 -2.08
N ARG A 81 -49.65 14.26 -1.74
CA ARG A 81 -49.93 14.60 -0.35
C ARG A 81 -48.69 15.15 0.37
N ASN A 82 -47.98 16.05 -0.29
CA ASN A 82 -46.80 16.67 0.28
C ASN A 82 -46.57 18.08 -0.26
N THR A 83 -46.26 19.01 0.63
CA THR A 83 -46.02 20.40 0.24
C THR A 83 -44.55 20.63 -0.10
N PHE A 84 -44.31 21.53 -1.05
CA PHE A 84 -42.95 21.85 -1.46
C PHE A 84 -42.77 23.36 -1.67
N ALA A 85 -41.60 23.86 -1.31
CA ALA A 85 -41.30 25.28 -1.46
C ALA A 85 -41.99 26.11 -0.39
N GLU A 86 -42.37 25.47 0.71
CA GLU A 86 -43.04 26.16 1.81
C GLU A 86 -42.01 26.82 2.73
N ALA A 87 -40.76 26.40 2.62
CA ALA A 87 -39.69 26.95 3.44
C ALA A 87 -39.29 28.33 2.95
N MET A 88 -39.67 28.65 1.72
CA MET A 88 -39.35 29.95 1.13
C MET A 88 -40.13 31.07 1.79
N MET A 89 -41.14 30.71 2.58
CA MET A 89 -41.98 31.68 3.27
C MET A 89 -41.25 32.34 4.43
N PHE A 90 -41.11 31.59 5.53
CA PHE A 90 -40.49 32.12 6.74
C PHE A 90 -38.98 32.31 6.59
N MET A 91 -38.48 32.10 5.37
CA MET A 91 -37.08 32.35 5.07
C MET A 91 -36.93 33.79 4.56
N ASP A 92 -38.05 34.39 4.18
CA ASP A 92 -38.06 35.77 3.72
C ASP A 92 -37.36 35.92 2.37
N THR A 93 -37.50 34.92 1.51
CA THR A 93 -36.91 34.96 0.18
C THR A 93 -37.82 35.68 -0.81
N PRO A 94 -37.29 36.73 -1.46
CA PRO A 94 -38.05 37.54 -2.40
C PRO A 94 -38.40 36.80 -3.68
N ASN A 95 -37.46 36.01 -4.19
CA ASN A 95 -37.67 35.28 -5.43
C ASN A 95 -37.41 33.78 -5.28
N TYR A 96 -37.92 33.00 -6.24
CA TYR A 96 -37.70 31.57 -6.25
C TYR A 96 -36.29 31.24 -6.71
N VAL A 97 -35.71 30.18 -6.13
CA VAL A 97 -34.36 29.76 -6.50
C VAL A 97 -34.38 28.41 -7.21
N ALA A 98 -35.55 28.04 -7.73
CA ALA A 98 -35.71 26.78 -8.44
C ALA A 98 -36.77 26.87 -9.53
N THR A 99 -36.67 26.02 -10.53
CA THR A 99 -37.63 25.98 -11.62
C THR A 99 -38.46 24.70 -11.57
N ALA A 100 -39.57 24.76 -10.85
CA ALA A 100 -40.45 23.59 -10.69
C ALA A 100 -41.15 23.23 -11.99
N GLN A 101 -41.31 21.94 -12.23
CA GLN A 101 -41.98 21.45 -13.43
C GLN A 101 -42.62 20.08 -13.18
N ALA A 102 -43.77 19.85 -13.80
CA ALA A 102 -44.48 18.58 -13.63
C ALA A 102 -44.22 17.64 -14.80
N VAL A 103 -43.77 16.43 -14.50
CA VAL A 103 -43.49 15.43 -15.53
C VAL A 103 -44.78 14.80 -16.04
N VAL A 104 -45.74 14.61 -15.15
CA VAL A 104 -47.02 14.01 -15.51
C VAL A 104 -48.18 14.93 -15.11
N PRO A 105 -49.29 14.86 -15.85
CA PRO A 105 -50.47 15.67 -15.57
C PRO A 105 -50.78 15.69 -14.07
N SER A 106 -50.42 16.77 -13.40
CA SER A 106 -50.60 16.88 -11.96
C SER A 106 -51.58 17.98 -11.59
N GLN A 107 -52.12 17.89 -10.38
CA GLN A 107 -53.05 18.90 -9.87
C GLN A 107 -52.55 19.44 -8.54
N LEU A 108 -52.46 20.75 -8.42
CA LEU A 108 -51.89 21.38 -7.24
C LEU A 108 -52.73 22.52 -6.69
N PHE A 109 -52.54 22.81 -5.40
CA PHE A 109 -53.17 23.96 -4.76
C PHE A 109 -52.18 25.10 -4.64
N ARG A 110 -52.67 26.33 -4.75
CA ARG A 110 -51.81 27.50 -4.67
C ARG A 110 -52.19 28.40 -3.49
N PHE A 111 -51.52 28.18 -2.35
CA PHE A 111 -51.75 28.99 -1.17
C PHE A 111 -50.85 30.22 -1.15
N SER A 112 -51.41 31.37 -0.82
CA SER A 112 -50.66 32.61 -0.78
C SER A 112 -49.76 32.69 0.45
N ASN A 113 -48.54 33.18 0.25
CA ASN A 113 -47.59 33.31 1.35
C ASN A 113 -47.96 34.45 2.29
N LYS A 114 -48.57 35.50 1.75
CA LYS A 114 -48.98 36.66 2.54
C LYS A 114 -50.19 36.33 3.41
N ALA A 115 -50.96 35.33 2.98
CA ALA A 115 -52.16 34.92 3.71
C ALA A 115 -51.84 33.81 4.70
N TYR A 116 -50.60 33.35 4.72
CA TYR A 116 -50.19 32.27 5.62
C TYR A 116 -49.19 32.78 6.66
N LEU A 117 -48.22 33.57 6.22
CA LEU A 117 -47.19 34.09 7.11
C LEU A 117 -47.77 35.09 8.12
N ARG A 118 -48.71 35.91 7.66
CA ARG A 118 -49.32 36.91 8.52
C ARG A 118 -50.16 36.27 9.62
N GLN A 119 -50.77 35.13 9.31
CA GLN A 119 -51.56 34.40 10.30
C GLN A 119 -50.68 33.83 11.40
N LEU A 120 -49.44 33.52 11.05
CA LEU A 120 -48.48 33.01 12.02
C LEU A 120 -47.91 34.16 12.86
N GLN A 121 -47.90 35.35 12.28
CA GLN A 121 -47.42 36.54 12.98
C GLN A 121 -48.42 36.98 14.04
N ASP A 122 -47.91 37.33 15.22
CA ASP A 122 -48.76 37.69 16.34
C ASP A 122 -49.63 36.52 16.76
N ASN A 123 -49.99 36.48 18.04
CA ASN A 123 -50.69 35.33 18.59
C ASN A 123 -49.81 34.09 18.47
N THR A 124 -48.57 34.21 18.96
CA THR A 124 -47.56 33.17 18.80
C THR A 124 -48.07 31.77 19.13
N PRO A 125 -48.98 31.66 20.09
CA PRO A 125 -49.51 30.35 20.47
C PRO A 125 -49.67 29.46 19.25
N LEU A 126 -49.87 30.07 18.08
CA LEU A 126 -50.00 29.33 16.83
C LEU A 126 -48.65 28.79 16.38
N ALA A 127 -47.67 29.69 16.27
CA ALA A 127 -46.31 29.29 15.92
C ALA A 127 -45.80 28.27 16.94
N LEU A 128 -46.30 28.37 18.16
CA LEU A 128 -45.93 27.43 19.21
C LEU A 128 -46.56 26.06 18.93
N ALA A 129 -47.77 26.08 18.39
CA ALA A 129 -48.46 24.84 18.04
C ALA A 129 -47.91 24.27 16.74
N LEU A 130 -47.46 25.15 15.85
CA LEU A 130 -46.86 24.72 14.58
C LEU A 130 -45.55 23.99 14.82
N LEU A 131 -44.75 24.51 15.74
CA LEU A 131 -43.48 23.87 16.09
C LEU A 131 -43.70 22.59 16.88
N ALA A 132 -44.87 22.49 17.52
CA ALA A 132 -45.21 21.32 18.31
C ALA A 132 -45.42 20.08 17.44
N LYS A 133 -46.35 20.19 16.49
CA LYS A 133 -46.68 19.07 15.62
C LYS A 133 -45.63 18.88 14.52
N LEU A 134 -44.88 19.93 14.22
CA LEU A 134 -43.85 19.86 13.19
C LEU A 134 -42.64 19.08 13.68
N SER A 135 -42.45 19.05 15.00
CA SER A 135 -41.33 18.34 15.60
C SER A 135 -41.68 16.88 15.85
N THR A 136 -42.86 16.65 16.43
CA THR A 136 -43.31 15.30 16.74
C THR A 136 -43.45 14.46 15.47
N ARG A 137 -43.66 15.13 14.34
CA ARG A 137 -43.78 14.45 13.06
C ARG A 137 -42.41 14.21 12.44
N LEU A 138 -41.45 15.04 12.82
CA LEU A 138 -40.08 14.91 12.32
C LEU A 138 -39.35 13.78 13.02
N HIS A 139 -39.82 13.43 14.21
CA HIS A 139 -39.20 12.35 14.98
C HIS A 139 -39.74 10.98 14.56
N GLN A 140 -40.98 10.96 14.07
CA GLN A 140 -41.57 9.72 13.59
C GLN A 140 -41.02 9.38 12.21
N ARG A 141 -40.58 10.40 11.48
CA ARG A 141 -39.98 10.22 10.16
C ARG A 141 -38.59 9.60 10.30
N ILE A 142 -37.84 10.07 11.30
CA ILE A 142 -36.51 9.54 11.56
C ILE A 142 -36.61 8.11 12.09
N ASP A 143 -37.64 7.84 12.87
CA ASP A 143 -37.87 6.51 13.41
C ASP A 143 -38.17 5.53 12.30
N GLU A 144 -38.93 5.97 11.30
CA GLU A 144 -39.26 5.15 10.15
C GLU A 144 -38.03 4.89 9.30
N ILE A 145 -37.18 5.91 9.17
CA ILE A 145 -35.95 5.78 8.42
C ILE A 145 -35.01 4.80 9.09
N GLU A 146 -34.98 4.83 10.42
CA GLU A 146 -34.12 3.94 11.20
C GLU A 146 -34.53 2.48 10.99
N THR A 147 -35.81 2.25 10.74
CA THR A 147 -36.32 0.90 10.51
C THR A 147 -36.19 0.50 9.05
N LEU A 148 -36.53 1.41 8.15
CA LEU A 148 -36.44 1.15 6.72
C LEU A 148 -35.00 0.97 6.27
N SER A 149 -34.13 1.87 6.72
CA SER A 149 -32.71 1.79 6.37
C SER A 149 -32.09 0.52 6.93
N LEU A 150 -32.66 0.02 8.02
CA LEU A 150 -32.19 -1.21 8.63
C LEU A 150 -32.59 -2.43 7.80
N LYS A 151 -33.76 -2.34 7.17
CA LYS A 151 -34.26 -3.41 6.32
C LYS A 151 -33.36 -3.59 5.09
N ASN A 152 -32.96 -2.47 4.49
CA ASN A 152 -32.05 -2.50 3.35
C ASN A 152 -30.68 -3.00 3.75
N ALA A 153 -30.31 -2.79 5.00
CA ALA A 153 -29.05 -3.26 5.53
C ALA A 153 -29.09 -4.77 5.75
N THR A 154 -30.17 -5.25 6.35
CA THR A 154 -30.36 -6.67 6.58
C THR A 154 -30.51 -7.42 5.25
N HIS A 155 -30.88 -6.69 4.21
CA HIS A 155 -31.02 -7.26 2.88
C HIS A 155 -29.66 -7.57 2.25
N ARG A 156 -28.92 -6.51 1.93
CA ARG A 156 -27.63 -6.65 1.26
C ARG A 156 -26.69 -7.62 1.98
N VAL A 157 -26.71 -7.58 3.31
CA VAL A 157 -25.84 -8.45 4.11
C VAL A 157 -26.05 -9.92 3.74
N VAL A 158 -27.30 -10.37 3.80
CA VAL A 158 -27.63 -11.76 3.50
C VAL A 158 -27.48 -12.06 2.02
N ARG A 159 -27.76 -11.06 1.18
CA ARG A 159 -27.67 -11.21 -0.26
C ARG A 159 -26.23 -11.44 -0.71
N TYR A 160 -25.31 -10.72 -0.08
CA TYR A 160 -23.89 -10.82 -0.42
C TYR A 160 -23.32 -12.14 0.07
N LEU A 161 -23.99 -12.77 1.04
CA LEU A 161 -23.55 -14.04 1.57
C LEU A 161 -24.10 -15.20 0.74
N LEU A 162 -25.30 -15.03 0.21
CA LEU A 162 -25.95 -16.07 -0.57
C LEU A 162 -25.31 -16.24 -1.94
N THR A 163 -24.80 -15.15 -2.51
CA THR A 163 -24.19 -15.17 -3.82
C THR A 163 -22.89 -15.99 -3.82
N LEU A 164 -22.23 -16.02 -2.67
CA LEU A 164 -20.99 -16.79 -2.53
C LEU A 164 -21.23 -18.10 -1.80
N ALA A 165 -22.41 -18.24 -1.21
CA ALA A 165 -22.80 -19.46 -0.53
C ALA A 165 -23.41 -20.45 -1.53
N ALA A 166 -23.68 -19.97 -2.73
CA ALA A 166 -24.24 -20.81 -3.78
C ALA A 166 -23.18 -21.74 -4.35
N HIS A 167 -22.40 -22.34 -3.46
CA HIS A 167 -21.34 -23.26 -3.87
C HIS A 167 -21.40 -24.54 -3.05
N ALA A 168 -22.18 -25.51 -3.53
CA ALA A 168 -22.38 -26.76 -2.82
C ALA A 168 -23.41 -26.59 -1.72
N PRO A 169 -24.69 -26.61 -2.09
CA PRO A 169 -25.80 -26.42 -1.16
C PRO A 169 -25.79 -27.43 -0.02
N GLY A 170 -26.71 -27.29 0.91
CA GLY A 170 -26.80 -28.20 2.05
C GLY A 170 -26.11 -27.65 3.27
N GLU A 171 -24.79 -27.88 3.35
CA GLU A 171 -23.99 -27.39 4.46
C GLU A 171 -23.00 -26.32 4.00
N ASN A 172 -23.43 -25.07 4.06
CA ASN A 172 -22.60 -23.95 3.61
C ASN A 172 -21.54 -23.57 4.63
N CYS A 173 -20.27 -23.65 4.21
CA CYS A 173 -19.16 -23.29 5.08
C CYS A 173 -18.10 -22.53 4.30
N ARG A 174 -18.20 -22.56 2.98
CA ARG A 174 -17.24 -21.88 2.12
C ARG A 174 -17.58 -20.40 1.93
N VAL A 175 -17.02 -19.56 2.78
CA VAL A 175 -17.26 -18.12 2.69
C VAL A 175 -15.94 -17.37 2.50
N GLU A 176 -15.78 -16.77 1.34
CA GLU A 176 -14.55 -16.04 1.01
C GLU A 176 -14.49 -14.71 1.76
N ILE A 177 -14.27 -13.63 1.01
CA ILE A 177 -14.22 -12.30 1.59
C ILE A 177 -12.95 -12.09 2.43
N PRO A 178 -11.84 -11.73 1.77
CA PRO A 178 -10.57 -11.48 2.45
C PRO A 178 -10.63 -10.24 3.31
N VAL A 179 -11.84 -9.79 3.65
CA VAL A 179 -12.02 -8.60 4.47
C VAL A 179 -12.26 -8.96 5.93
N ALA A 180 -12.11 -7.98 6.81
CA ALA A 180 -12.27 -8.20 8.24
C ALA A 180 -13.48 -7.45 8.80
N LYS A 181 -14.63 -8.13 8.82
CA LYS A 181 -15.85 -7.55 9.39
C LYS A 181 -16.06 -6.10 8.99
N GLN A 182 -15.70 -5.19 9.89
CA GLN A 182 -15.94 -3.76 9.69
C GLN A 182 -15.56 -3.27 8.30
N LEU A 183 -14.41 -3.72 7.81
CA LEU A 183 -13.90 -3.26 6.52
C LEU A 183 -14.86 -3.55 5.37
N VAL A 184 -15.51 -4.71 5.41
CA VAL A 184 -16.43 -5.11 4.36
C VAL A 184 -17.69 -4.25 4.37
N ALA A 185 -18.01 -3.69 5.54
CA ALA A 185 -19.19 -2.84 5.68
C ALA A 185 -19.01 -1.52 4.93
N GLY A 186 -17.76 -1.08 4.82
CA GLY A 186 -17.44 0.16 4.12
C GLY A 186 -17.46 -0.01 2.62
N HIS A 187 -17.23 -1.24 2.16
CA HIS A 187 -17.22 -1.54 0.73
C HIS A 187 -18.64 -1.74 0.20
N LEU A 188 -19.49 -2.34 1.02
CA LEU A 188 -20.87 -2.61 0.63
C LEU A 188 -21.71 -1.34 0.60
N SER A 189 -21.07 -0.21 0.81
CA SER A 189 -21.75 1.09 0.79
C SER A 189 -22.89 1.12 1.81
N ILE A 190 -22.60 0.64 3.02
CA ILE A 190 -23.60 0.63 4.09
C ILE A 190 -22.97 1.07 5.41
N GLN A 191 -23.83 1.39 6.38
CA GLN A 191 -23.38 1.84 7.69
C GLN A 191 -22.47 0.81 8.35
N PRO A 192 -21.31 1.26 8.85
CA PRO A 192 -20.33 0.40 9.50
C PRO A 192 -20.87 -0.23 10.78
N GLU A 193 -21.67 0.53 11.52
CA GLU A 193 -22.20 0.07 12.80
C GLU A 193 -23.32 -0.96 12.64
N THR A 194 -24.05 -0.86 11.54
CA THR A 194 -25.19 -1.75 11.30
C THR A 194 -24.75 -3.19 11.05
N PHE A 195 -23.60 -3.35 10.42
CA PHE A 195 -23.09 -4.68 10.08
C PHE A 195 -22.74 -5.47 11.33
N SER A 196 -22.36 -4.76 12.40
CA SER A 196 -22.01 -5.40 13.66
C SER A 196 -23.24 -5.60 14.54
N ARG A 197 -24.40 -5.30 13.98
CA ARG A 197 -25.65 -5.47 14.71
C ARG A 197 -26.53 -6.55 14.07
N ILE A 198 -26.34 -6.75 12.77
CA ILE A 198 -27.10 -7.75 12.04
C ILE A 198 -26.45 -9.13 12.14
N MET A 199 -25.13 -9.16 11.93
CA MET A 199 -24.38 -10.42 12.02
C MET A 199 -24.43 -10.99 13.43
N HIS A 200 -24.37 -10.12 14.42
CA HIS A 200 -24.41 -10.54 15.82
C HIS A 200 -25.81 -11.01 16.20
N ARG A 201 -26.82 -10.46 15.53
CA ARG A 201 -28.20 -10.86 15.78
C ARG A 201 -28.46 -12.27 15.28
N LEU A 202 -27.85 -12.61 14.15
CA LEU A 202 -28.00 -13.95 13.57
C LEU A 202 -27.28 -14.99 14.42
N GLY A 203 -26.23 -14.56 15.12
CA GLY A 203 -25.48 -15.45 15.99
C GLY A 203 -26.21 -15.75 17.28
N ASP A 204 -27.01 -14.79 17.74
CA ASP A 204 -27.77 -14.96 18.97
C ASP A 204 -28.94 -15.92 18.76
N GLU A 205 -29.53 -15.88 17.57
CA GLU A 205 -30.64 -16.76 17.25
C GLU A 205 -30.18 -18.20 16.99
N GLY A 206 -28.94 -18.33 16.51
CA GLY A 206 -28.38 -19.64 16.22
C GLY A 206 -28.53 -20.04 14.77
N ILE A 207 -28.12 -19.16 13.87
CA ILE A 207 -28.21 -19.43 12.44
C ILE A 207 -26.85 -19.37 11.78
N ILE A 208 -26.12 -18.29 12.02
CA ILE A 208 -24.78 -18.11 11.45
C ILE A 208 -23.74 -17.93 12.55
N HIS A 209 -22.72 -18.78 12.52
CA HIS A 209 -21.64 -18.71 13.51
C HIS A 209 -20.48 -17.86 13.01
N LEU A 210 -19.87 -17.11 13.92
CA LEU A 210 -18.75 -16.25 13.56
C LEU A 210 -17.47 -16.68 14.28
N ASP A 211 -16.40 -16.84 13.52
CA ASP A 211 -15.10 -17.23 14.09
C ASP A 211 -13.97 -16.43 13.47
N GLY A 212 -14.17 -15.12 13.36
CA GLY A 212 -13.17 -14.24 12.77
C GLY A 212 -13.10 -14.38 11.26
N ARG A 213 -13.93 -13.63 10.56
CA ARG A 213 -13.98 -13.69 9.10
C ARG A 213 -14.53 -15.02 8.61
N GLU A 214 -14.19 -16.10 9.31
CA GLU A 214 -14.67 -17.43 8.94
C GLU A 214 -16.17 -17.56 9.24
N ILE A 215 -16.97 -17.49 8.18
CA ILE A 215 -18.43 -17.58 8.34
C ILE A 215 -18.95 -18.97 7.97
N SER A 216 -19.70 -19.57 8.88
CA SER A 216 -20.27 -20.89 8.65
C SER A 216 -21.79 -20.86 8.79
N ILE A 217 -22.48 -21.38 7.79
CA ILE A 217 -23.94 -21.40 7.80
C ILE A 217 -24.48 -22.74 8.26
N LEU A 218 -25.33 -22.72 9.28
CA LEU A 218 -25.92 -23.94 9.82
C LEU A 218 -27.05 -24.42 8.92
N ASP A 219 -28.01 -23.54 8.64
CA ASP A 219 -29.15 -23.88 7.80
C ASP A 219 -29.42 -22.79 6.77
N ARG A 220 -29.56 -23.19 5.51
CA ARG A 220 -29.84 -22.24 4.44
C ARG A 220 -31.34 -22.03 4.27
N GLU A 221 -32.12 -22.95 4.84
CA GLU A 221 -33.58 -22.87 4.76
C GLU A 221 -34.12 -21.79 5.69
N ARG A 222 -33.36 -21.47 6.73
CA ARG A 222 -33.78 -20.47 7.72
C ARG A 222 -33.23 -19.09 7.40
N LEU A 223 -32.53 -18.98 6.28
CA LEU A 223 -31.96 -17.70 5.85
C LEU A 223 -32.72 -17.14 4.65
N GLU A 224 -33.51 -17.99 4.00
CA GLU A 224 -34.30 -17.59 2.85
C GLU A 224 -35.40 -16.60 3.26
N CYS A 225 -35.80 -16.68 4.53
CA CYS A 225 -36.83 -15.79 5.04
C CYS A 225 -36.34 -14.35 5.09
N PHE A 226 -35.23 -14.13 5.79
CA PHE A 226 -34.62 -12.81 5.89
C PHE A 226 -33.45 -12.67 4.93
N GLU A 227 -33.69 -12.05 3.79
CA GLU A 227 -32.66 -11.83 2.79
C GLU A 227 -32.97 -10.62 1.92
N MET B 1 -18.01 29.14 34.58
CA MET B 1 -19.09 29.48 33.60
C MET B 1 -19.17 28.42 32.50
N GLU B 2 -18.02 27.99 32.01
CA GLU B 2 -17.97 27.00 30.94
C GLU B 2 -17.96 25.57 31.49
N PHE B 3 -18.63 24.67 30.79
CA PHE B 3 -18.69 23.27 31.19
C PHE B 3 -17.90 22.40 30.21
N GLN B 4 -18.02 22.71 28.92
CA GLN B 4 -17.31 21.98 27.88
C GLN B 4 -16.89 22.92 26.76
N ARG B 5 -16.03 22.43 25.86
CA ARG B 5 -15.56 23.23 24.74
C ARG B 5 -16.17 22.78 23.43
N VAL B 6 -16.13 21.47 23.17
CA VAL B 6 -16.65 20.92 21.93
C VAL B 6 -18.16 20.75 21.97
N HIS B 7 -18.69 20.46 23.16
CA HIS B 7 -20.12 20.25 23.33
C HIS B 7 -20.93 21.48 22.94
N GLN B 8 -20.33 22.66 23.07
CA GLN B 8 -21.02 23.90 22.75
C GLN B 8 -21.10 24.11 21.24
N GLN B 9 -20.15 23.54 20.52
CA GLN B 9 -20.10 23.67 19.06
C GLN B 9 -21.06 22.70 18.38
N LEU B 10 -21.38 21.61 19.07
CA LEU B 10 -22.27 20.59 18.53
C LEU B 10 -23.72 21.10 18.44
N LEU B 11 -24.07 22.03 19.33
CA LEU B 11 -25.41 22.59 19.34
C LEU B 11 -25.66 23.50 18.14
N GLN B 12 -24.59 24.08 17.62
CA GLN B 12 -24.67 24.98 16.48
C GLN B 12 -25.16 24.24 15.23
N SER B 13 -24.85 22.95 15.16
CA SER B 13 -25.23 22.15 14.00
C SER B 13 -26.71 21.77 14.05
N HIS B 14 -27.26 21.70 15.25
CA HIS B 14 -28.66 21.34 15.43
C HIS B 14 -29.59 22.45 14.96
N HIS B 15 -30.80 22.10 14.57
CA HIS B 15 -31.75 23.06 14.01
C HIS B 15 -32.46 23.88 15.09
N LEU B 16 -32.42 23.41 16.32
CA LEU B 16 -33.12 24.07 17.42
C LEU B 16 -32.24 25.08 18.16
N PHE B 17 -30.99 25.19 17.75
CA PHE B 17 -30.05 26.10 18.41
C PHE B 17 -29.24 26.91 17.42
N GLU B 18 -29.47 26.70 16.13
CA GLU B 18 -28.71 27.39 15.09
C GLU B 18 -29.19 28.83 14.90
N PRO B 19 -30.51 29.01 14.73
CA PRO B 19 -31.10 30.33 14.54
C PRO B 19 -30.92 31.23 15.75
N LEU B 20 -30.77 30.61 16.93
CA LEU B 20 -30.61 31.36 18.17
C LEU B 20 -29.33 32.20 18.17
N SER B 21 -29.44 33.42 18.69
CA SER B 21 -28.30 34.32 18.74
C SER B 21 -27.31 33.91 19.84
N PRO B 22 -26.01 34.05 19.56
CA PRO B 22 -24.97 33.71 20.52
C PRO B 22 -25.20 34.37 21.87
N VAL B 23 -25.71 35.60 21.86
CA VAL B 23 -26.01 36.31 23.09
C VAL B 23 -27.13 35.62 23.86
N GLN B 24 -28.14 35.15 23.14
CA GLN B 24 -29.25 34.44 23.75
C GLN B 24 -28.85 33.04 24.19
N LEU B 25 -27.89 32.47 23.47
CA LEU B 25 -27.41 31.12 23.78
C LEU B 25 -26.59 31.09 25.06
N GLN B 26 -25.81 32.15 25.29
CA GLN B 26 -24.99 32.26 26.48
C GLN B 26 -25.83 32.25 27.75
N GLU B 27 -26.97 32.94 27.69
CA GLU B 27 -27.89 32.99 28.83
C GLU B 27 -28.66 31.67 28.97
N LEU B 28 -28.78 30.94 27.87
CA LEU B 28 -29.48 29.67 27.87
C LEU B 28 -28.60 28.55 28.41
N LEU B 29 -27.30 28.65 28.15
CA LEU B 29 -26.35 27.64 28.60
C LEU B 29 -26.08 27.75 30.09
N ALA B 30 -26.29 28.94 30.65
CA ALA B 30 -26.05 29.19 32.06
C ALA B 30 -27.06 28.47 32.94
N SER B 31 -28.27 28.29 32.41
CA SER B 31 -29.34 27.62 33.16
C SER B 31 -29.31 26.11 32.96
N SER B 32 -28.60 25.67 31.93
CA SER B 32 -28.51 24.24 31.61
C SER B 32 -27.43 23.56 32.43
N ASP B 33 -27.66 22.31 32.79
CA ASP B 33 -26.70 21.53 33.56
C ASP B 33 -26.29 20.27 32.81
N LEU B 34 -25.00 19.92 32.89
CA LEU B 34 -24.49 18.73 32.23
C LEU B 34 -24.96 17.47 32.95
N VAL B 35 -25.46 16.50 32.18
CA VAL B 35 -25.97 15.26 32.76
C VAL B 35 -25.22 14.04 32.23
N ASN B 36 -24.75 13.20 33.14
CA ASN B 36 -24.04 11.98 32.78
C ASN B 36 -24.74 10.74 33.33
N LEU B 37 -25.19 9.86 32.44
CA LEU B 37 -25.90 8.66 32.85
C LEU B 37 -25.20 7.39 32.37
N ASP B 38 -25.50 6.28 33.02
CA ASP B 38 -24.93 4.98 32.65
C ASP B 38 -25.99 4.04 32.12
N LYS B 39 -25.65 2.75 32.06
CA LYS B 39 -26.58 1.74 31.57
C LYS B 39 -27.75 1.55 32.53
N GLY B 40 -28.97 1.59 31.99
CA GLY B 40 -30.16 1.41 32.80
C GLY B 40 -30.48 2.62 33.66
N ALA B 41 -30.26 3.81 33.11
CA ALA B 41 -30.54 5.05 33.82
C ALA B 41 -31.75 5.76 33.22
N TYR B 42 -32.61 6.28 34.10
CA TYR B 42 -33.82 6.97 33.66
C TYR B 42 -33.60 8.47 33.57
N VAL B 43 -34.00 9.07 32.45
CA VAL B 43 -33.89 10.51 32.26
C VAL B 43 -35.01 11.24 32.98
N PHE B 44 -36.25 10.92 32.61
CA PHE B 44 -37.42 11.50 33.27
C PHE B 44 -38.56 10.48 33.33
N ARG B 45 -39.31 10.50 34.42
CA ARG B 45 -40.39 9.55 34.64
C ARG B 45 -41.71 10.02 34.03
N GLN B 46 -42.71 9.16 34.05
CA GLN B 46 -44.02 9.48 33.51
C GLN B 46 -44.99 9.87 34.63
N GLY B 47 -44.85 11.10 35.11
CA GLY B 47 -45.71 11.60 36.18
C GLY B 47 -45.25 12.92 36.75
N GLU B 48 -43.93 13.12 36.79
CA GLU B 48 -43.36 14.35 37.34
C GLU B 48 -43.61 15.54 36.42
N PRO B 49 -43.69 16.74 37.01
CA PRO B 49 -43.91 17.97 36.26
C PRO B 49 -42.81 18.23 35.24
N ALA B 50 -43.20 18.46 33.98
CA ALA B 50 -42.23 18.73 32.92
C ALA B 50 -41.76 20.17 32.99
N HIS B 51 -40.44 20.36 32.95
CA HIS B 51 -39.87 21.70 33.02
C HIS B 51 -38.52 21.79 32.30
N ALA B 52 -38.19 20.75 31.54
CA ALA B 52 -36.93 20.74 30.80
C ALA B 52 -36.91 19.70 29.69
N PHE B 53 -36.39 20.09 28.53
CA PHE B 53 -36.22 19.17 27.41
C PHE B 53 -34.75 18.78 27.30
N TYR B 54 -34.49 17.61 26.71
CA TYR B 54 -33.13 17.07 26.67
C TYR B 54 -32.56 16.96 25.26
N TYR B 55 -31.24 17.11 25.16
CA TYR B 55 -30.53 16.97 23.90
C TYR B 55 -29.43 15.91 24.02
N LEU B 56 -29.58 14.82 23.28
CA LEU B 56 -28.62 13.72 23.33
C LEU B 56 -27.45 13.96 22.39
N ILE B 57 -26.23 13.77 22.91
CA ILE B 57 -25.02 13.95 22.12
C ILE B 57 -24.45 12.60 21.70
N SER B 58 -24.50 11.64 22.62
CA SER B 58 -23.99 10.30 22.35
C SER B 58 -24.76 9.25 23.15
N GLY B 59 -25.16 8.18 22.47
CA GLY B 59 -25.90 7.10 23.13
C GLY B 59 -27.29 6.91 22.55
N CYS B 60 -28.14 6.23 23.31
CA CYS B 60 -29.52 5.98 22.88
C CYS B 60 -30.46 5.96 24.07
N VAL B 61 -31.60 6.61 23.94
CA VAL B 61 -32.58 6.69 25.02
C VAL B 61 -33.99 6.32 24.55
N LYS B 62 -34.57 5.32 25.20
CA LYS B 62 -35.93 4.90 24.88
C LYS B 62 -36.94 5.63 25.75
N ILE B 63 -38.19 5.67 25.30
CA ILE B 63 -39.24 6.36 26.04
C ILE B 63 -40.34 5.42 26.50
N TYR B 64 -41.08 4.86 25.54
CA TYR B 64 -42.18 3.96 25.85
C TYR B 64 -43.16 4.58 26.85
N ARG B 65 -44.23 3.85 27.14
CA ARG B 65 -45.24 4.31 28.09
C ARG B 65 -45.51 3.26 29.16
N LEU B 66 -46.16 3.69 30.25
CA LEU B 66 -46.49 2.79 31.34
C LEU B 66 -47.84 3.14 31.96
N THR B 67 -48.63 4.05 31.26
CA THR B 67 -49.96 4.47 31.70
C THR B 67 -51.03 3.36 31.65
N PRO B 68 -51.03 2.51 30.59
CA PRO B 68 -51.98 1.40 30.57
C PRO B 68 -51.67 0.34 31.61
N GLU B 69 -50.45 0.34 32.10
CA GLU B 69 -50.00 -0.57 33.15
C GLU B 69 -50.16 -2.05 32.77
N GLY B 70 -49.47 -2.50 31.77
CA GLY B 70 -49.55 -3.84 31.22
C GLY B 70 -48.25 -4.30 30.59
N GLN B 71 -47.85 -3.63 29.51
CA GLN B 71 -46.61 -3.96 28.81
C GLN B 71 -45.83 -2.70 28.45
N GLU B 72 -44.53 -2.86 28.27
CA GLU B 72 -43.67 -1.73 27.93
C GLU B 72 -43.71 -1.43 26.44
N LYS B 73 -44.74 -0.71 26.01
CA LYS B 73 -44.90 -0.36 24.61
C LYS B 73 -44.00 0.82 24.22
N ILE B 74 -43.09 0.57 23.30
CA ILE B 74 -42.16 1.59 22.83
C ILE B 74 -42.85 2.56 21.89
N LEU B 75 -42.57 3.85 22.05
CA LEU B 75 -43.17 4.89 21.22
C LEU B 75 -42.18 5.43 20.20
N GLU B 76 -41.00 5.83 20.68
CA GLU B 76 -39.98 6.40 19.81
C GLU B 76 -38.57 6.12 20.35
N VAL B 77 -37.63 5.90 19.44
CA VAL B 77 -36.25 5.66 19.80
C VAL B 77 -35.34 6.78 19.29
N THR B 78 -34.67 7.44 20.22
CA THR B 78 -33.82 8.58 19.87
C THR B 78 -32.34 8.19 19.90
N ASN B 79 -31.58 8.68 18.92
CA ASN B 79 -30.16 8.39 18.83
C ASN B 79 -29.30 9.63 19.06
N GLU B 80 -28.02 9.54 18.74
CA GLU B 80 -27.08 10.63 18.95
C GLU B 80 -27.38 11.83 18.06
N ARG B 81 -26.96 13.01 18.51
CA ARG B 81 -27.16 14.24 17.75
C ARG B 81 -28.64 14.47 17.42
N ASN B 82 -29.51 14.16 18.38
CA ASN B 82 -30.94 14.33 18.19
C ASN B 82 -31.65 14.68 19.50
N THR B 83 -32.62 15.58 19.42
CA THR B 83 -33.37 16.00 20.60
C THR B 83 -34.65 15.18 20.75
N PHE B 84 -35.03 14.93 22.00
CA PHE B 84 -36.24 14.17 22.29
C PHE B 84 -37.04 14.82 23.41
N ALA B 85 -38.36 14.77 23.30
CA ALA B 85 -39.24 15.35 24.31
C ALA B 85 -39.19 16.87 24.30
N GLU B 86 -38.76 17.45 23.20
CA GLU B 86 -38.70 18.90 23.05
C GLU B 86 -40.07 19.45 22.69
N ALA B 87 -40.93 18.57 22.18
CA ALA B 87 -42.29 18.96 21.83
C ALA B 87 -43.11 19.26 23.09
N MET B 88 -42.66 18.70 24.21
CA MET B 88 -43.32 18.94 25.49
C MET B 88 -43.17 20.39 25.93
N MET B 89 -42.10 21.03 25.45
CA MET B 89 -41.85 22.42 25.77
C MET B 89 -42.92 23.32 25.16
N PHE B 90 -43.21 23.11 23.89
CA PHE B 90 -44.18 23.93 23.16
C PHE B 90 -45.60 23.76 23.71
N MET B 91 -46.00 22.50 23.90
CA MET B 91 -47.34 22.20 24.35
C MET B 91 -47.50 22.42 25.85
N ASP B 92 -47.62 23.68 26.25
CA ASP B 92 -47.77 24.01 27.67
C ASP B 92 -48.49 22.92 28.43
N THR B 93 -47.76 21.86 28.76
CA THR B 93 -48.29 20.76 29.55
C THR B 93 -47.52 20.68 30.86
N PRO B 94 -48.24 20.57 31.99
CA PRO B 94 -47.63 20.63 33.31
C PRO B 94 -46.70 19.45 33.60
N ASN B 95 -47.06 18.27 33.12
CA ASN B 95 -46.26 17.06 33.39
C ASN B 95 -45.97 16.25 32.13
N TYR B 96 -44.99 15.36 32.24
CA TYR B 96 -44.61 14.49 31.13
C TYR B 96 -45.71 13.48 30.84
N VAL B 97 -45.81 13.06 29.58
CA VAL B 97 -46.83 12.10 29.17
C VAL B 97 -46.24 10.70 28.98
N ALA B 98 -44.91 10.62 28.99
CA ALA B 98 -44.23 9.35 28.80
C ALA B 98 -43.00 9.23 29.70
N THR B 99 -42.42 8.04 29.75
CA THR B 99 -41.23 7.79 30.56
C THR B 99 -39.97 8.02 29.74
N ALA B 100 -38.82 7.68 30.32
CA ALA B 100 -37.54 7.84 29.64
C ALA B 100 -36.44 7.03 30.33
N GLN B 101 -35.70 6.26 29.55
CA GLN B 101 -34.62 5.45 30.08
C GLN B 101 -33.55 5.18 29.02
N ALA B 102 -32.29 5.25 29.43
CA ALA B 102 -31.17 5.02 28.51
C ALA B 102 -30.68 3.58 28.60
N VAL B 103 -30.67 2.89 27.47
CA VAL B 103 -30.23 1.50 27.42
C VAL B 103 -28.70 1.41 27.46
N VAL B 104 -28.04 2.48 27.04
CA VAL B 104 -26.58 2.53 27.04
C VAL B 104 -26.08 3.84 27.64
N PRO B 105 -24.92 3.80 28.32
CA PRO B 105 -24.33 4.98 28.93
C PRO B 105 -24.37 6.17 27.97
N SER B 106 -25.10 7.21 28.36
CA SER B 106 -25.26 8.38 27.49
C SER B 106 -25.10 9.70 28.26
N GLN B 107 -24.62 10.71 27.55
CA GLN B 107 -24.48 12.06 28.11
C GLN B 107 -25.58 12.95 27.56
N LEU B 108 -26.19 13.75 28.43
CA LEU B 108 -27.32 14.58 28.03
C LEU B 108 -27.21 16.03 28.50
N PHE B 109 -27.96 16.91 27.84
CA PHE B 109 -28.05 18.31 28.23
C PHE B 109 -29.44 18.60 28.79
N ARG B 110 -29.50 19.26 29.93
CA ARG B 110 -30.77 19.58 30.58
C ARG B 110 -31.13 21.05 30.41
N PHE B 111 -31.75 21.39 29.29
CA PHE B 111 -32.19 22.75 29.04
C PHE B 111 -33.59 23.00 29.59
N SER B 112 -33.75 24.09 30.33
CA SER B 112 -35.04 24.42 30.92
C SER B 112 -36.04 24.87 29.87
N ASN B 113 -37.28 24.45 30.03
CA ASN B 113 -38.35 24.83 29.09
C ASN B 113 -38.74 26.30 29.23
N LYS B 114 -38.68 26.81 30.46
CA LYS B 114 -39.05 28.20 30.73
C LYS B 114 -38.02 29.16 30.17
N ALA B 115 -36.78 28.71 30.06
CA ALA B 115 -35.70 29.55 29.56
C ALA B 115 -35.77 29.70 28.05
N TYR B 116 -36.37 28.72 27.38
CA TYR B 116 -36.49 28.72 25.93
C TYR B 116 -37.74 29.46 25.48
N LEU B 117 -38.82 29.29 26.23
CA LEU B 117 -40.09 29.95 25.92
C LEU B 117 -39.97 31.46 26.00
N ARG B 118 -39.20 31.95 26.96
CA ARG B 118 -39.01 33.38 27.14
C ARG B 118 -38.33 34.00 25.93
N GLN B 119 -37.55 33.19 25.22
CA GLN B 119 -36.83 33.66 24.04
C GLN B 119 -37.73 33.63 22.80
N LEU B 120 -38.86 32.95 22.91
CA LEU B 120 -39.80 32.84 21.80
C LEU B 120 -40.90 33.89 21.88
N GLN B 121 -41.27 34.27 23.09
CA GLN B 121 -42.34 35.24 23.30
C GLN B 121 -42.00 36.60 22.72
N ASP B 122 -43.03 37.32 22.29
CA ASP B 122 -42.85 38.65 21.71
C ASP B 122 -42.14 38.59 20.36
N ASN B 123 -40.94 38.03 20.36
CA ASN B 123 -40.15 37.88 19.14
C ASN B 123 -40.83 36.96 18.13
N THR B 124 -41.07 37.47 16.93
CA THR B 124 -41.77 36.71 15.90
C THR B 124 -40.79 36.09 14.89
N PRO B 125 -39.72 36.82 14.56
CA PRO B 125 -38.73 36.37 13.59
C PRO B 125 -38.01 35.10 14.05
N LEU B 126 -37.71 35.03 15.34
CA LEU B 126 -37.00 33.89 15.91
C LEU B 126 -37.80 32.60 15.75
N ALA B 127 -39.11 32.70 15.95
CA ALA B 127 -39.99 31.54 15.83
C ALA B 127 -40.06 31.05 14.39
N LEU B 128 -40.14 31.98 13.44
CA LEU B 128 -40.20 31.63 12.03
C LEU B 128 -38.88 31.04 11.54
N ALA B 129 -37.77 31.54 12.08
CA ALA B 129 -36.45 31.06 11.70
C ALA B 129 -36.29 29.59 12.08
N LEU B 130 -36.76 29.24 13.27
CA LEU B 130 -36.69 27.86 13.75
C LEU B 130 -37.50 26.93 12.84
N LEU B 131 -38.63 27.43 12.34
CA LEU B 131 -39.47 26.66 11.45
C LEU B 131 -38.81 26.47 10.09
N ALA B 132 -38.01 27.46 9.69
CA ALA B 132 -37.32 27.42 8.41
C ALA B 132 -36.33 26.25 8.35
N LYS B 133 -35.45 26.18 9.34
CA LYS B 133 -34.45 25.12 9.39
C LYS B 133 -35.10 23.77 9.69
N LEU B 134 -36.28 23.81 10.27
CA LEU B 134 -37.01 22.59 10.62
C LEU B 134 -37.74 22.00 9.42
N SER B 135 -38.23 22.88 8.55
CA SER B 135 -38.95 22.45 7.36
C SER B 135 -38.01 21.90 6.31
N THR B 136 -36.85 22.54 6.16
CA THR B 136 -35.85 22.11 5.19
C THR B 136 -35.32 20.72 5.53
N ARG B 137 -35.22 20.44 6.83
CA ARG B 137 -34.74 19.14 7.30
C ARG B 137 -35.77 18.05 7.02
N LEU B 138 -37.04 18.41 7.10
CA LEU B 138 -38.12 17.47 6.83
C LEU B 138 -38.08 16.99 5.39
N HIS B 139 -37.80 17.91 4.47
CA HIS B 139 -37.70 17.58 3.05
C HIS B 139 -36.53 16.64 2.79
N GLN B 140 -35.44 16.83 3.52
CA GLN B 140 -34.26 15.99 3.36
C GLN B 140 -34.50 14.58 3.91
N ARG B 141 -35.36 14.48 4.90
CA ARG B 141 -35.67 13.19 5.52
C ARG B 141 -36.71 12.43 4.72
N ILE B 142 -37.71 13.14 4.22
CA ILE B 142 -38.78 12.52 3.44
C ILE B 142 -38.25 11.99 2.11
N ASP B 143 -37.36 12.74 1.48
CA ASP B 143 -36.78 12.34 0.21
C ASP B 143 -35.97 11.07 0.36
N GLU B 144 -35.43 10.85 1.56
CA GLU B 144 -34.65 9.65 1.84
C GLU B 144 -35.55 8.46 2.04
N ILE B 145 -36.76 8.70 2.55
CA ILE B 145 -37.74 7.64 2.77
C ILE B 145 -38.31 7.16 1.44
N GLU B 146 -38.51 8.08 0.51
CA GLU B 146 -39.06 7.75 -0.80
C GLU B 146 -38.10 6.84 -1.56
N THR B 147 -36.83 6.87 -1.20
CA THR B 147 -35.81 6.06 -1.85
C THR B 147 -35.58 4.75 -1.10
N LEU B 148 -35.52 4.83 0.22
CA LEU B 148 -35.30 3.66 1.05
C LEU B 148 -36.49 2.70 0.99
N SER B 149 -37.70 3.24 1.09
CA SER B 149 -38.91 2.44 1.02
C SER B 149 -39.05 1.77 -0.34
N LEU B 150 -38.55 2.45 -1.37
CA LEU B 150 -38.58 1.90 -2.72
C LEU B 150 -37.52 0.82 -2.89
N LYS B 151 -36.37 1.01 -2.26
CA LYS B 151 -35.29 0.04 -2.30
C LYS B 151 -35.70 -1.24 -1.59
N ASN B 152 -36.40 -1.10 -0.48
CA ASN B 152 -36.89 -2.24 0.28
C ASN B 152 -37.94 -3.03 -0.50
N ALA B 153 -38.61 -2.36 -1.43
CA ALA B 153 -39.63 -3.00 -2.24
C ALA B 153 -39.02 -3.64 -3.50
N THR B 154 -38.07 -2.94 -4.10
CA THR B 154 -37.43 -3.43 -5.32
C THR B 154 -36.62 -4.70 -5.06
N HIS B 155 -35.89 -4.72 -3.95
CA HIS B 155 -35.08 -5.87 -3.59
C HIS B 155 -35.94 -7.11 -3.37
N ARG B 156 -37.16 -6.91 -2.90
CA ARG B 156 -38.08 -8.01 -2.68
C ARG B 156 -38.61 -8.55 -4.00
N VAL B 157 -38.82 -7.66 -4.96
CA VAL B 157 -39.30 -8.06 -6.28
C VAL B 157 -38.26 -8.91 -7.00
N VAL B 158 -37.00 -8.57 -6.79
CA VAL B 158 -35.90 -9.33 -7.39
C VAL B 158 -35.62 -10.60 -6.60
N ARG B 159 -36.23 -10.69 -5.42
CA ARG B 159 -36.03 -11.85 -4.55
C ARG B 159 -37.02 -12.97 -4.87
N TYR B 160 -38.26 -12.60 -5.16
CA TYR B 160 -39.29 -13.60 -5.45
C TYR B 160 -39.11 -14.20 -6.84
N LEU B 161 -38.36 -13.50 -7.69
CA LEU B 161 -38.06 -13.99 -9.02
C LEU B 161 -36.96 -15.04 -8.98
N LEU B 162 -36.06 -14.90 -8.00
CA LEU B 162 -34.97 -15.86 -7.82
C LEU B 162 -35.48 -17.14 -7.16
N THR B 163 -36.43 -16.99 -6.24
CA THR B 163 -37.01 -18.13 -5.54
C THR B 163 -37.92 -18.93 -6.47
N LEU B 164 -38.59 -18.23 -7.37
CA LEU B 164 -39.50 -18.88 -8.31
C LEU B 164 -38.71 -19.55 -9.45
N ALA B 165 -37.57 -18.97 -9.79
CA ALA B 165 -36.73 -19.50 -10.85
C ALA B 165 -35.26 -19.51 -10.43
N ALA B 166 -34.79 -20.64 -9.91
CA ALA B 166 -33.43 -20.81 -9.43
C ALA B 166 -32.75 -21.95 -10.16
N HIS B 167 -31.91 -22.67 -9.47
CA HIS B 167 -31.27 -23.84 -10.05
C HIS B 167 -32.28 -24.97 -10.24
N ALA B 168 -33.07 -24.87 -11.30
CA ALA B 168 -34.08 -25.88 -11.61
C ALA B 168 -33.98 -26.34 -13.06
N PRO B 169 -34.74 -27.38 -13.39
CA PRO B 169 -34.74 -27.93 -14.76
C PRO B 169 -35.89 -27.36 -15.60
N GLY B 170 -36.11 -26.06 -15.50
CA GLY B 170 -37.18 -25.41 -16.23
C GLY B 170 -36.68 -24.71 -17.48
N GLU B 171 -36.62 -23.38 -17.43
CA GLU B 171 -36.15 -22.59 -18.55
C GLU B 171 -35.93 -21.13 -18.16
N ASN B 172 -34.96 -20.49 -18.79
CA ASN B 172 -34.65 -19.09 -18.49
C ASN B 172 -35.72 -18.14 -19.02
N CYS B 173 -36.18 -18.38 -20.24
CA CYS B 173 -37.21 -17.56 -20.86
C CYS B 173 -38.61 -17.99 -20.42
N ARG B 174 -38.71 -19.25 -19.99
CA ARG B 174 -39.97 -19.79 -19.53
C ARG B 174 -39.97 -20.01 -18.03
N VAL B 175 -40.62 -19.01 -17.29
CA VAL B 175 -40.65 -19.11 -15.84
C VAL B 175 -41.84 -19.95 -15.37
N GLU B 176 -41.59 -20.85 -14.44
CA GLU B 176 -42.63 -21.73 -13.93
C GLU B 176 -43.58 -20.99 -12.99
N ILE B 177 -44.83 -21.44 -12.94
CA ILE B 177 -45.84 -20.82 -12.09
C ILE B 177 -46.22 -19.44 -12.58
N PRO B 178 -47.51 -19.25 -12.92
CA PRO B 178 -48.01 -17.97 -13.41
C PRO B 178 -47.99 -16.90 -12.32
N VAL B 179 -47.95 -15.63 -12.72
CA VAL B 179 -47.91 -14.53 -11.78
C VAL B 179 -48.85 -13.40 -12.19
N ALA B 180 -49.57 -12.87 -11.21
CA ALA B 180 -50.50 -11.76 -11.46
C ALA B 180 -49.97 -10.47 -10.85
N LYS B 181 -50.81 -9.44 -10.85
CA LYS B 181 -50.43 -8.14 -10.30
C LYS B 181 -50.88 -7.99 -8.85
N GLN B 182 -51.79 -8.86 -8.42
CA GLN B 182 -52.31 -8.81 -7.06
C GLN B 182 -51.77 -9.96 -6.21
N LEU B 183 -51.32 -11.02 -6.86
CA LEU B 183 -50.80 -12.19 -6.16
C LEU B 183 -49.49 -11.88 -5.46
N VAL B 184 -48.53 -11.36 -6.22
CA VAL B 184 -47.22 -11.03 -5.68
C VAL B 184 -47.30 -9.89 -4.66
N ALA B 185 -48.27 -9.01 -4.85
CA ALA B 185 -48.47 -7.88 -3.96
C ALA B 185 -48.66 -8.35 -2.51
N GLY B 186 -49.17 -9.56 -2.35
CA GLY B 186 -49.38 -10.13 -1.03
C GLY B 186 -48.22 -10.99 -0.57
N HIS B 187 -47.36 -11.37 -1.52
CA HIS B 187 -46.20 -12.19 -1.22
C HIS B 187 -45.06 -11.36 -0.63
N LEU B 188 -45.04 -10.08 -0.97
CA LEU B 188 -44.00 -9.17 -0.48
C LEU B 188 -44.60 -8.07 0.38
N SER B 189 -45.92 -8.03 0.46
CA SER B 189 -46.62 -7.03 1.27
C SER B 189 -46.28 -5.62 0.83
N ILE B 190 -46.40 -5.35 -0.46
CA ILE B 190 -46.12 -4.02 -1.02
C ILE B 190 -47.32 -3.49 -1.78
N GLN B 191 -47.32 -2.18 -2.03
CA GLN B 191 -48.40 -1.55 -2.77
C GLN B 191 -48.54 -2.15 -4.17
N PRO B 192 -49.79 -2.35 -4.61
CA PRO B 192 -50.08 -2.94 -5.92
C PRO B 192 -49.69 -2.01 -7.07
N GLU B 193 -49.58 -0.71 -6.77
CA GLU B 193 -49.24 0.27 -7.79
C GLU B 193 -47.74 0.32 -8.04
N THR B 194 -46.95 -0.05 -7.03
CA THR B 194 -45.51 -0.04 -7.14
C THR B 194 -44.99 -1.28 -7.85
N PHE B 195 -45.71 -2.39 -7.71
CA PHE B 195 -45.33 -3.65 -8.33
C PHE B 195 -45.26 -3.52 -9.84
N SER B 196 -46.23 -2.84 -10.42
CA SER B 196 -46.29 -2.66 -11.88
C SER B 196 -45.20 -1.72 -12.37
N ARG B 197 -44.75 -0.83 -11.49
CA ARG B 197 -43.71 0.14 -11.84
C ARG B 197 -42.33 -0.51 -11.82
N ILE B 198 -42.10 -1.38 -10.84
CA ILE B 198 -40.82 -2.06 -10.72
C ILE B 198 -40.59 -3.00 -11.90
N MET B 199 -41.64 -3.72 -12.29
CA MET B 199 -41.56 -4.64 -13.42
C MET B 199 -41.27 -3.89 -14.72
N HIS B 200 -41.64 -2.62 -14.75
CA HIS B 200 -41.44 -1.79 -15.93
C HIS B 200 -40.01 -1.25 -16.01
N ARG B 201 -39.48 -0.84 -14.87
CA ARG B 201 -38.12 -0.30 -14.81
C ARG B 201 -37.08 -1.37 -15.13
N LEU B 202 -37.23 -2.53 -14.53
CA LEU B 202 -36.30 -3.64 -14.75
C LEU B 202 -36.39 -4.17 -16.18
N GLY B 203 -37.58 -4.02 -16.77
CA GLY B 203 -37.80 -4.49 -18.14
C GLY B 203 -37.16 -3.58 -19.18
N ASP B 204 -36.75 -2.39 -18.75
CA ASP B 204 -36.11 -1.44 -19.64
C ASP B 204 -34.61 -1.64 -19.68
N GLU B 205 -34.07 -2.27 -18.64
CA GLU B 205 -32.63 -2.53 -18.55
C GLU B 205 -32.27 -3.79 -19.33
N GLY B 206 -33.22 -4.71 -19.46
CA GLY B 206 -32.98 -5.95 -20.18
C GLY B 206 -32.99 -7.16 -19.27
N ILE B 207 -33.68 -7.05 -18.15
CA ILE B 207 -33.76 -8.14 -17.18
C ILE B 207 -35.05 -8.95 -17.37
N ILE B 208 -36.18 -8.26 -17.38
CA ILE B 208 -37.47 -8.91 -17.54
C ILE B 208 -38.08 -8.59 -18.90
N HIS B 209 -39.40 -8.71 -18.99
CA HIS B 209 -40.11 -8.43 -20.24
C HIS B 209 -40.63 -6.99 -20.26
N LEU B 210 -40.88 -6.41 -19.12
CA LEU B 210 -41.50 -5.08 -18.96
C LEU B 210 -43.02 -5.16 -18.98
N ASP B 211 -43.62 -6.27 -18.99
CA ASP B 211 -45.05 -6.53 -18.91
C ASP B 211 -45.40 -7.36 -17.68
N GLY B 212 -46.64 -7.25 -17.22
CA GLY B 212 -47.09 -7.97 -16.04
C GLY B 212 -47.52 -9.40 -16.35
N ARG B 213 -48.06 -9.59 -17.54
CA ARG B 213 -48.53 -10.91 -17.96
C ARG B 213 -47.38 -11.82 -18.38
N GLU B 214 -47.30 -12.99 -17.76
CA GLU B 214 -46.26 -13.96 -18.07
C GLU B 214 -44.85 -13.36 -17.98
N ILE B 215 -44.02 -13.96 -17.12
CA ILE B 215 -42.66 -13.48 -16.93
C ILE B 215 -41.69 -14.20 -17.85
N SER B 216 -40.94 -13.43 -18.64
CA SER B 216 -39.95 -13.98 -19.55
C SER B 216 -38.59 -13.33 -19.33
N ILE B 217 -37.79 -13.93 -18.45
CA ILE B 217 -36.47 -13.40 -18.12
C ILE B 217 -35.46 -13.67 -19.23
N LEU B 218 -34.75 -12.62 -19.65
CA LEU B 218 -33.74 -12.75 -20.68
C LEU B 218 -32.36 -12.93 -20.07
N ASP B 219 -32.10 -12.22 -18.98
CA ASP B 219 -30.82 -12.30 -18.29
C ASP B 219 -31.02 -12.70 -16.82
N ARG B 220 -30.57 -13.90 -16.47
CA ARG B 220 -30.69 -14.40 -15.12
C ARG B 220 -29.49 -13.97 -14.27
N GLU B 221 -28.36 -13.74 -14.94
CA GLU B 221 -27.14 -13.33 -14.25
C GLU B 221 -27.24 -11.88 -13.77
N ARG B 222 -28.02 -11.08 -14.50
CA ARG B 222 -28.20 -9.68 -14.15
C ARG B 222 -29.17 -9.52 -12.98
N LEU B 223 -29.90 -10.59 -12.68
CA LEU B 223 -30.85 -10.58 -11.58
C LEU B 223 -30.16 -10.76 -10.23
N GLU B 224 -29.15 -11.63 -10.20
CA GLU B 224 -28.44 -11.94 -8.97
C GLU B 224 -27.64 -10.74 -8.46
N CYS B 225 -27.32 -9.82 -9.37
CA CYS B 225 -26.54 -8.63 -9.01
C CYS B 225 -27.42 -7.53 -8.43
N PHE B 226 -28.50 -7.21 -9.13
CA PHE B 226 -29.42 -6.18 -8.69
C PHE B 226 -28.68 -5.01 -8.05
N GLU B 227 -29.51 -4.11 -7.37
CA GLU B 227 -29.04 -2.87 -6.75
C GLU B 227 -28.28 -3.17 -5.48
N MET C 1 1.64 -0.94 -31.49
CA MET C 1 0.79 -0.77 -30.28
C MET C 1 0.65 0.71 -29.93
N GLU C 2 -0.50 1.05 -29.33
CA GLU C 2 -0.76 2.43 -28.93
C GLU C 2 0.06 2.82 -27.71
N PHE C 3 1.22 3.43 -27.93
CA PHE C 3 2.10 3.83 -26.84
C PHE C 3 2.87 5.10 -27.20
N GLN C 4 2.52 6.20 -26.55
CA GLN C 4 3.18 7.48 -26.78
C GLN C 4 3.59 8.14 -25.46
N ARG C 5 4.59 9.01 -25.52
CA ARG C 5 5.07 9.70 -24.34
C ARG C 5 4.20 10.91 -24.01
N VAL C 6 3.42 11.35 -24.99
CA VAL C 6 2.54 12.49 -24.81
C VAL C 6 1.31 12.13 -23.97
N HIS C 7 0.85 10.89 -24.12
CA HIS C 7 -0.32 10.42 -23.39
C HIS C 7 0.02 10.11 -21.93
N GLN C 8 1.26 9.70 -21.68
CA GLN C 8 1.68 9.32 -20.33
C GLN C 8 2.06 10.53 -19.48
N GLN C 9 2.23 11.68 -20.13
CA GLN C 9 2.66 12.89 -19.42
C GLN C 9 1.50 13.64 -18.80
N LEU C 10 0.29 13.39 -19.29
CA LEU C 10 -0.90 14.03 -18.75
C LEU C 10 -1.35 13.34 -17.46
N LEU C 11 -1.10 12.03 -17.38
CA LEU C 11 -1.47 11.26 -16.21
C LEU C 11 -0.57 11.58 -15.02
N GLN C 12 0.64 12.03 -15.31
CA GLN C 12 1.61 12.37 -14.28
C GLN C 12 1.15 13.57 -13.45
N SER C 13 0.41 14.47 -14.08
CA SER C 13 -0.10 15.65 -13.41
C SER C 13 -1.22 15.29 -12.43
N HIS C 14 -1.95 14.22 -12.75
CA HIS C 14 -3.05 13.77 -11.91
C HIS C 14 -2.52 13.04 -10.68
N HIS C 15 -3.32 13.03 -9.61
CA HIS C 15 -2.89 12.46 -8.34
C HIS C 15 -2.90 10.93 -8.34
N LEU C 16 -3.73 10.34 -9.20
CA LEU C 16 -3.88 8.89 -9.26
C LEU C 16 -2.71 8.22 -9.98
N PHE C 17 -1.95 9.01 -10.73
CA PHE C 17 -0.83 8.47 -11.50
C PHE C 17 0.45 9.24 -11.25
N GLU C 18 0.46 10.04 -10.19
CA GLU C 18 1.63 10.84 -9.84
C GLU C 18 2.76 9.98 -9.26
N PRO C 19 2.49 9.30 -8.15
CA PRO C 19 3.47 8.47 -7.45
C PRO C 19 3.89 7.25 -8.26
N LEU C 20 3.05 6.82 -9.18
CA LEU C 20 3.33 5.65 -10.00
C LEU C 20 4.59 5.83 -10.85
N SER C 21 5.41 4.79 -10.90
CA SER C 21 6.65 4.83 -11.69
C SER C 21 6.37 4.53 -13.16
N PRO C 22 7.25 5.03 -14.04
CA PRO C 22 7.12 4.84 -15.48
C PRO C 22 6.90 3.37 -15.84
N VAL C 23 7.45 2.47 -15.02
CA VAL C 23 7.32 1.04 -15.26
C VAL C 23 5.90 0.55 -14.99
N GLN C 24 5.31 1.02 -13.89
CA GLN C 24 3.95 0.63 -13.53
C GLN C 24 2.92 1.40 -14.35
N LEU C 25 3.32 2.56 -14.87
CA LEU C 25 2.43 3.38 -15.66
C LEU C 25 2.28 2.83 -17.08
N GLN C 26 3.35 2.24 -17.59
CA GLN C 26 3.36 1.67 -18.94
C GLN C 26 2.56 0.37 -18.99
N GLU C 27 2.63 -0.41 -17.91
CA GLU C 27 1.93 -1.68 -17.84
C GLU C 27 0.42 -1.47 -17.69
N LEU C 28 0.04 -0.35 -17.08
CA LEU C 28 -1.37 -0.03 -16.88
C LEU C 28 -2.02 0.41 -18.18
N LEU C 29 -1.25 1.06 -19.03
CA LEU C 29 -1.76 1.55 -20.31
C LEU C 29 -1.91 0.41 -21.32
N ALA C 30 -1.23 -0.70 -21.06
CA ALA C 30 -1.29 -1.86 -21.94
C ALA C 30 -2.67 -2.52 -21.91
N SER C 31 -3.29 -2.51 -20.73
CA SER C 31 -4.60 -3.11 -20.57
C SER C 31 -5.72 -2.08 -20.80
N SER C 32 -5.34 -0.83 -20.96
CA SER C 32 -6.29 0.24 -21.18
C SER C 32 -6.65 0.39 -22.65
N ASP C 33 -7.78 1.03 -22.93
CA ASP C 33 -8.23 1.25 -24.30
C ASP C 33 -8.72 2.68 -24.48
N LEU C 34 -8.42 3.27 -25.64
CA LEU C 34 -8.79 4.65 -25.91
C LEU C 34 -10.30 4.83 -25.80
N VAL C 35 -10.98 4.69 -26.93
CA VAL C 35 -12.44 4.81 -26.98
C VAL C 35 -12.87 6.27 -27.01
N ASN C 36 -13.43 6.68 -28.15
CA ASN C 36 -13.89 8.06 -28.31
C ASN C 36 -15.41 8.16 -28.25
N LEU C 37 -15.90 9.18 -27.55
CA LEU C 37 -17.32 9.33 -27.33
C LEU C 37 -17.83 10.65 -27.91
N ASP C 38 -18.97 10.59 -28.59
CA ASP C 38 -19.56 11.77 -29.19
C ASP C 38 -20.65 12.33 -28.28
N LYS C 39 -21.41 13.30 -28.79
CA LYS C 39 -22.48 13.93 -28.01
C LYS C 39 -23.66 13.00 -27.81
N GLY C 40 -24.09 12.85 -26.56
CA GLY C 40 -25.22 11.98 -26.23
C GLY C 40 -24.83 10.52 -26.19
N ALA C 41 -23.57 10.25 -25.86
CA ALA C 41 -23.07 8.89 -25.79
C ALA C 41 -22.93 8.41 -24.35
N TYR C 42 -23.26 7.14 -24.11
CA TYR C 42 -23.18 6.56 -22.78
C TYR C 42 -21.79 6.02 -22.49
N VAL C 43 -21.28 6.33 -21.30
CA VAL C 43 -19.99 5.80 -20.86
C VAL C 43 -20.18 4.44 -20.21
N PHE C 44 -21.12 4.38 -19.27
CA PHE C 44 -21.48 3.13 -18.60
C PHE C 44 -22.86 3.23 -17.97
N ARG C 45 -23.64 2.16 -18.09
CA ARG C 45 -25.01 2.16 -17.60
C ARG C 45 -25.14 1.56 -16.21
N GLN C 46 -26.22 1.91 -15.52
CA GLN C 46 -26.48 1.40 -14.18
C GLN C 46 -27.01 -0.03 -14.24
N GLY C 47 -26.38 -0.93 -13.50
CA GLY C 47 -26.76 -2.33 -13.51
C GLY C 47 -25.70 -3.18 -14.20
N GLU C 48 -24.83 -2.52 -14.95
CA GLU C 48 -23.74 -3.20 -15.64
C GLU C 48 -22.51 -3.30 -14.75
N PRO C 49 -21.66 -4.30 -15.00
CA PRO C 49 -20.45 -4.51 -14.23
C PRO C 49 -19.42 -3.41 -14.48
N ALA C 50 -18.68 -3.05 -13.44
CA ALA C 50 -17.65 -2.02 -13.57
C ALA C 50 -16.52 -2.49 -14.49
N HIS C 51 -15.43 -2.96 -13.89
CA HIS C 51 -14.32 -3.50 -14.65
C HIS C 51 -13.38 -2.42 -15.19
N ALA C 52 -13.85 -1.17 -15.22
CA ALA C 52 -13.05 -0.09 -15.75
C ALA C 52 -13.52 1.30 -15.33
N PHE C 53 -12.58 2.17 -14.97
CA PHE C 53 -12.87 3.56 -14.68
C PHE C 53 -12.29 4.45 -15.77
N TYR C 54 -12.75 5.69 -15.84
CA TYR C 54 -12.38 6.57 -16.93
C TYR C 54 -11.64 7.83 -16.50
N TYR C 55 -10.82 8.35 -17.41
CA TYR C 55 -10.10 9.61 -17.19
C TYR C 55 -10.36 10.56 -18.36
N LEU C 56 -10.93 11.72 -18.06
CA LEU C 56 -11.29 12.68 -19.10
C LEU C 56 -10.14 13.64 -19.42
N ILE C 57 -9.87 13.82 -20.71
CA ILE C 57 -8.84 14.75 -21.15
C ILE C 57 -9.44 16.13 -21.42
N SER C 58 -10.55 16.15 -22.15
CA SER C 58 -11.26 17.38 -22.47
C SER C 58 -12.71 17.11 -22.83
N GLY C 59 -13.62 17.80 -22.14
CA GLY C 59 -15.05 17.62 -22.39
C GLY C 59 -15.86 17.71 -21.11
N CYS C 60 -17.12 17.31 -21.19
CA CYS C 60 -18.02 17.35 -20.04
C CYS C 60 -18.92 16.11 -20.00
N VAL C 61 -18.80 15.34 -18.92
CA VAL C 61 -19.60 14.13 -18.76
C VAL C 61 -20.39 14.18 -17.46
N LYS C 62 -21.72 14.13 -17.57
CA LYS C 62 -22.59 14.15 -16.41
C LYS C 62 -23.04 12.75 -16.03
N ILE C 63 -23.10 12.49 -14.72
CA ILE C 63 -23.51 11.19 -14.22
C ILE C 63 -24.75 11.31 -13.34
N TYR C 64 -25.83 10.66 -13.75
CA TYR C 64 -27.09 10.72 -13.00
C TYR C 64 -27.32 9.46 -12.15
N ARG C 65 -28.08 9.62 -11.07
CA ARG C 65 -28.30 8.55 -10.11
C ARG C 65 -29.65 7.87 -10.31
N LEU C 66 -30.54 8.53 -11.05
CA LEU C 66 -31.87 8.00 -11.32
C LEU C 66 -32.71 7.97 -10.04
N THR C 67 -33.69 8.86 -9.95
CA THR C 67 -34.57 8.92 -8.79
C THR C 67 -35.80 8.05 -8.99
N PRO C 68 -36.46 7.68 -7.88
CA PRO C 68 -37.67 6.87 -7.94
C PRO C 68 -38.57 7.31 -9.09
N GLU C 69 -39.20 6.35 -9.76
CA GLU C 69 -40.03 6.64 -10.92
C GLU C 69 -39.17 6.99 -12.12
N GLY C 70 -39.29 8.22 -12.61
CA GLY C 70 -38.47 8.69 -13.71
C GLY C 70 -37.35 9.58 -13.22
N GLN C 71 -37.22 10.76 -13.84
CA GLN C 71 -36.23 11.74 -13.44
C GLN C 71 -34.79 11.24 -13.57
N GLU C 72 -33.87 12.17 -13.72
CA GLU C 72 -32.44 11.85 -13.82
C GLU C 72 -31.64 12.77 -12.90
N LYS C 73 -31.46 12.33 -11.66
CA LYS C 73 -30.77 13.13 -10.66
C LYS C 73 -29.26 13.14 -10.87
N ILE C 74 -28.74 14.27 -11.33
CA ILE C 74 -27.31 14.43 -11.55
C ILE C 74 -26.57 14.57 -10.22
N LEU C 75 -25.53 13.76 -10.03
CA LEU C 75 -24.77 13.76 -8.79
C LEU C 75 -23.58 14.72 -8.85
N GLU C 76 -22.57 14.35 -9.62
CA GLU C 76 -21.35 15.15 -9.72
C GLU C 76 -21.08 15.59 -11.16
N VAL C 77 -20.53 16.79 -11.31
CA VAL C 77 -20.17 17.31 -12.63
C VAL C 77 -18.66 17.16 -12.85
N THR C 78 -18.29 16.33 -13.82
CA THR C 78 -16.89 16.07 -14.11
C THR C 78 -16.40 16.87 -15.32
N ASN C 79 -15.32 17.62 -15.12
CA ASN C 79 -14.74 18.41 -16.19
C ASN C 79 -13.41 17.86 -16.67
N GLU C 80 -12.68 18.64 -17.47
CA GLU C 80 -11.42 18.21 -18.03
C GLU C 80 -10.34 18.01 -16.96
N ARG C 81 -9.39 17.14 -17.23
CA ARG C 81 -8.31 16.83 -16.29
C ARG C 81 -8.86 16.37 -14.94
N ASN C 82 -9.85 15.50 -14.99
CA ASN C 82 -10.45 14.94 -13.78
C ASN C 82 -10.99 13.53 -14.00
N THR C 83 -10.82 12.68 -12.98
CA THR C 83 -11.29 11.30 -13.06
C THR C 83 -12.62 11.13 -12.33
N PHE C 84 -13.51 10.32 -12.90
CA PHE C 84 -14.82 10.08 -12.30
C PHE C 84 -15.09 8.59 -12.17
N ALA C 85 -15.67 8.20 -11.04
CA ALA C 85 -16.00 6.80 -10.79
C ALA C 85 -14.75 5.94 -10.63
N GLU C 86 -13.75 6.48 -9.95
CA GLU C 86 -12.51 5.75 -9.70
C GLU C 86 -12.56 5.04 -8.35
N ALA C 87 -13.65 5.27 -7.61
CA ALA C 87 -13.82 4.64 -6.31
C ALA C 87 -14.44 3.25 -6.44
N MET C 88 -14.84 2.90 -7.65
CA MET C 88 -15.45 1.60 -7.91
C MET C 88 -14.45 0.47 -7.75
N MET C 89 -13.17 0.79 -7.82
CA MET C 89 -12.11 -0.21 -7.70
C MET C 89 -11.97 -0.71 -6.26
N PHE C 90 -11.57 0.19 -5.37
CA PHE C 90 -11.35 -0.16 -3.97
C PHE C 90 -12.62 0.02 -3.13
N MET C 91 -13.74 -0.44 -3.67
CA MET C 91 -15.01 -0.41 -2.95
C MET C 91 -15.86 -1.60 -3.36
N ASP C 92 -15.20 -2.68 -3.77
CA ASP C 92 -15.89 -3.88 -4.25
C ASP C 92 -16.77 -3.54 -5.44
N THR C 93 -18.01 -3.17 -5.16
CA THR C 93 -18.96 -2.79 -6.21
C THR C 93 -18.79 -3.64 -7.45
N PRO C 94 -19.56 -4.73 -7.55
CA PRO C 94 -19.53 -5.62 -8.71
C PRO C 94 -20.19 -4.94 -9.91
N ASN C 95 -21.19 -4.11 -9.64
CA ASN C 95 -21.88 -3.37 -10.69
C ASN C 95 -21.98 -1.89 -10.36
N TYR C 96 -22.26 -1.08 -11.38
CA TYR C 96 -22.38 0.37 -11.20
C TYR C 96 -23.63 0.74 -10.43
N VAL C 97 -23.65 1.97 -9.92
CA VAL C 97 -24.79 2.48 -9.17
C VAL C 97 -25.34 3.74 -9.82
N ALA C 98 -24.63 4.25 -10.83
CA ALA C 98 -25.04 5.45 -11.53
C ALA C 98 -24.71 5.35 -13.01
N THR C 99 -25.49 6.04 -13.84
CA THR C 99 -25.28 6.03 -15.28
C THR C 99 -24.58 7.30 -15.75
N ALA C 100 -23.48 7.13 -16.48
CA ALA C 100 -22.72 8.27 -16.99
C ALA C 100 -23.01 8.51 -18.47
N GLN C 101 -23.12 9.78 -18.84
CA GLN C 101 -23.40 10.15 -20.23
C GLN C 101 -22.76 11.49 -20.59
N ALA C 102 -22.09 11.53 -21.72
CA ALA C 102 -21.42 12.75 -22.18
C ALA C 102 -22.37 13.62 -23.01
N VAL C 103 -22.44 14.90 -22.68
CA VAL C 103 -23.30 15.83 -23.39
C VAL C 103 -22.60 16.42 -24.61
N VAL C 104 -21.27 16.46 -24.56
CA VAL C 104 -20.47 16.99 -25.66
C VAL C 104 -19.37 16.01 -26.05
N PRO C 105 -19.01 16.01 -27.34
CA PRO C 105 -17.96 15.14 -27.85
C PRO C 105 -16.71 15.23 -26.99
N SER C 106 -16.35 14.13 -26.32
CA SER C 106 -15.21 14.13 -25.41
C SER C 106 -14.29 12.93 -25.66
N GLN C 107 -13.00 13.13 -25.38
CA GLN C 107 -12.01 12.07 -25.50
C GLN C 107 -11.60 11.59 -24.11
N LEU C 108 -11.67 10.27 -23.90
CA LEU C 108 -11.39 9.70 -22.59
C LEU C 108 -10.48 8.48 -22.66
N PHE C 109 -10.00 8.05 -21.50
CA PHE C 109 -9.21 6.83 -21.38
C PHE C 109 -10.02 5.76 -20.66
N ARG C 110 -9.71 4.49 -20.94
CA ARG C 110 -10.44 3.38 -20.33
C ARG C 110 -9.49 2.45 -19.58
N PHE C 111 -9.13 2.84 -18.36
CA PHE C 111 -8.27 2.01 -17.53
C PHE C 111 -9.06 0.91 -16.84
N SER C 112 -8.49 -0.29 -16.79
CA SER C 112 -9.16 -1.43 -16.19
C SER C 112 -9.10 -1.37 -14.66
N ASN C 113 -10.23 -1.68 -14.02
CA ASN C 113 -10.29 -1.68 -12.56
C ASN C 113 -9.48 -2.79 -11.94
N LYS C 114 -9.57 -3.98 -12.53
CA LYS C 114 -8.85 -5.15 -12.02
C LYS C 114 -7.34 -4.99 -12.21
N ALA C 115 -6.94 -4.28 -13.26
CA ALA C 115 -5.54 -4.06 -13.56
C ALA C 115 -4.89 -3.10 -12.54
N TYR C 116 -5.64 -2.08 -12.16
CA TYR C 116 -5.13 -1.09 -11.22
C TYR C 116 -5.08 -1.66 -9.80
N LEU C 117 -6.04 -2.53 -9.49
CA LEU C 117 -6.08 -3.19 -8.19
C LEU C 117 -4.91 -4.16 -8.06
N ARG C 118 -4.55 -4.79 -9.17
CA ARG C 118 -3.41 -5.70 -9.20
C ARG C 118 -2.10 -4.92 -9.21
N GLN C 119 -2.19 -3.65 -9.59
CA GLN C 119 -1.02 -2.78 -9.63
C GLN C 119 -0.64 -2.32 -8.23
N LEU C 120 -1.64 -2.19 -7.35
CA LEU C 120 -1.40 -1.78 -5.97
C LEU C 120 -1.19 -3.00 -5.07
N GLN C 121 -2.28 -3.62 -4.68
CA GLN C 121 -2.24 -4.78 -3.79
C GLN C 121 -1.52 -4.45 -2.48
N ASP C 122 -0.21 -4.56 -2.48
CA ASP C 122 0.59 -4.28 -1.29
C ASP C 122 0.77 -2.78 -1.07
N ASN C 123 1.28 -2.41 0.10
CA ASN C 123 1.51 -1.01 0.43
C ASN C 123 2.77 -0.45 -0.22
N THR C 124 3.69 0.04 0.61
CA THR C 124 4.94 0.60 0.12
C THR C 124 4.69 1.93 -0.60
N PRO C 125 5.77 2.67 -0.89
CA PRO C 125 5.67 3.95 -1.59
C PRO C 125 4.82 3.84 -2.85
N LEU C 126 4.39 2.62 -3.17
CA LEU C 126 3.56 2.39 -4.35
C LEU C 126 2.09 2.68 -4.03
N ALA C 127 1.75 2.60 -2.76
CA ALA C 127 0.38 2.86 -2.33
C ALA C 127 0.34 3.93 -1.23
N LEU C 128 1.40 3.98 -0.43
CA LEU C 128 1.48 4.95 0.65
C LEU C 128 1.62 6.37 0.09
N ALA C 129 2.34 6.50 -1.01
CA ALA C 129 2.53 7.80 -1.65
C ALA C 129 1.21 8.34 -2.18
N LEU C 130 0.40 7.46 -2.76
CA LEU C 130 -0.90 7.84 -3.27
C LEU C 130 -1.78 8.42 -2.17
N LEU C 131 -1.58 7.95 -0.94
CA LEU C 131 -2.32 8.44 0.20
C LEU C 131 -1.84 9.83 0.61
N ALA C 132 -0.56 10.11 0.35
CA ALA C 132 0.02 11.40 0.70
C ALA C 132 -0.23 12.43 -0.40
N LYS C 133 0.02 12.04 -1.64
CA LYS C 133 -0.18 12.94 -2.78
C LYS C 133 -1.62 13.43 -2.87
N LEU C 134 -2.55 12.55 -2.51
CA LEU C 134 -3.97 12.89 -2.56
C LEU C 134 -4.36 13.77 -1.37
N SER C 135 -3.68 13.57 -0.24
CA SER C 135 -3.96 14.35 0.96
C SER C 135 -3.52 15.79 0.79
N THR C 136 -2.38 15.98 0.13
CA THR C 136 -1.84 17.32 -0.11
C THR C 136 -2.76 18.13 -1.02
N ARG C 137 -3.30 17.48 -2.04
CA ARG C 137 -4.21 18.13 -2.97
C ARG C 137 -5.54 18.45 -2.32
N LEU C 138 -5.92 17.63 -1.34
CA LEU C 138 -7.17 17.82 -0.62
C LEU C 138 -7.13 19.10 0.19
N HIS C 139 -6.07 19.29 0.96
CA HIS C 139 -5.90 20.48 1.78
C HIS C 139 -5.89 21.73 0.92
N GLN C 140 -5.32 21.61 -0.28
CA GLN C 140 -5.31 22.72 -1.23
C GLN C 140 -6.72 23.02 -1.70
N ARG C 141 -7.54 21.98 -1.77
CA ARG C 141 -8.94 22.13 -2.16
C ARG C 141 -9.76 22.69 -1.02
N ILE C 142 -9.40 22.28 0.21
CA ILE C 142 -10.08 22.76 1.40
C ILE C 142 -9.93 24.28 1.50
N ASP C 143 -8.70 24.76 1.29
CA ASP C 143 -8.44 26.19 1.30
C ASP C 143 -9.14 26.87 0.13
N GLU C 144 -9.33 26.11 -0.94
CA GLU C 144 -10.01 26.62 -2.13
C GLU C 144 -11.51 26.77 -1.85
N ILE C 145 -12.02 25.93 -0.94
CA ILE C 145 -13.43 25.98 -0.56
C ILE C 145 -13.68 27.05 0.48
N GLU C 146 -12.79 27.13 1.47
CA GLU C 146 -12.93 28.10 2.55
C GLU C 146 -12.89 29.54 2.04
N THR C 147 -12.12 29.76 0.97
CA THR C 147 -11.96 31.09 0.41
C THR C 147 -13.08 31.45 -0.56
N LEU C 148 -13.35 30.56 -1.51
CA LEU C 148 -14.37 30.80 -2.52
C LEU C 148 -15.77 30.78 -1.92
N SER C 149 -16.02 29.83 -1.02
CA SER C 149 -17.32 29.72 -0.36
C SER C 149 -17.62 30.98 0.44
N LEU C 150 -16.58 31.54 1.06
CA LEU C 150 -16.73 32.78 1.82
C LEU C 150 -16.88 33.95 0.87
N LYS C 151 -16.18 33.89 -0.25
CA LYS C 151 -16.28 34.93 -1.27
C LYS C 151 -17.71 35.05 -1.77
N ASN C 152 -18.39 33.90 -1.85
CA ASN C 152 -19.79 33.86 -2.24
C ASN C 152 -20.68 34.43 -1.14
N ALA C 153 -20.19 34.34 0.10
CA ALA C 153 -20.93 34.87 1.25
C ALA C 153 -20.77 36.39 1.33
N THR C 154 -19.59 36.88 0.96
CA THR C 154 -19.33 38.31 0.96
C THR C 154 -20.04 38.99 -0.22
N HIS C 155 -20.26 38.23 -1.28
CA HIS C 155 -20.96 38.73 -2.46
C HIS C 155 -22.46 38.84 -2.22
N ARG C 156 -23.03 37.82 -1.57
CA ARG C 156 -24.47 37.76 -1.35
C ARG C 156 -24.94 38.79 -0.33
N VAL C 157 -24.08 39.11 0.63
CA VAL C 157 -24.43 40.07 1.68
C VAL C 157 -24.44 41.51 1.16
N VAL C 158 -23.39 41.87 0.43
CA VAL C 158 -23.27 43.22 -0.12
C VAL C 158 -24.39 43.50 -1.12
N ARG C 159 -24.82 42.48 -1.84
CA ARG C 159 -25.87 42.62 -2.85
C ARG C 159 -27.24 42.89 -2.21
N TYR C 160 -27.37 42.54 -0.94
CA TYR C 160 -28.63 42.72 -0.22
C TYR C 160 -28.63 44.03 0.56
N LEU C 161 -27.45 44.64 0.67
CA LEU C 161 -27.31 45.90 1.40
C LEU C 161 -27.79 47.08 0.57
N LEU C 162 -27.44 47.08 -0.71
CA LEU C 162 -27.82 48.18 -1.61
C LEU C 162 -29.28 48.08 -2.03
N THR C 163 -29.80 46.85 -2.10
CA THR C 163 -31.18 46.64 -2.50
C THR C 163 -32.16 47.17 -1.47
N LEU C 164 -31.75 47.14 -0.20
CA LEU C 164 -32.59 47.64 0.88
C LEU C 164 -32.55 49.17 0.95
N ALA C 165 -31.58 49.75 0.25
CA ALA C 165 -31.43 51.21 0.20
C ALA C 165 -32.49 51.82 -0.72
N ALA C 166 -32.86 51.07 -1.75
CA ALA C 166 -33.88 51.53 -2.70
C ALA C 166 -35.26 51.47 -2.08
N HIS C 167 -35.65 50.28 -1.62
CA HIS C 167 -36.94 50.11 -0.95
C HIS C 167 -36.93 50.75 0.44
N ALA C 168 -38.18 51.15 0.76
CA ALA C 168 -38.49 51.78 2.05
C ALA C 168 -37.82 53.14 2.28
N PRO C 169 -38.62 54.18 2.59
CA PRO C 169 -38.10 55.54 2.80
C PRO C 169 -37.44 55.74 4.16
N GLY C 170 -37.36 56.98 4.60
CA GLY C 170 -36.72 57.33 5.86
C GLY C 170 -35.25 57.51 5.67
N GLU C 171 -34.88 58.45 4.77
CA GLU C 171 -33.49 58.84 4.41
C GLU C 171 -32.84 57.87 3.39
N ASN C 172 -31.93 58.29 2.47
CA ASN C 172 -31.43 57.17 1.68
C ASN C 172 -30.17 56.56 2.28
N CYS C 173 -29.62 55.56 1.60
CA CYS C 173 -28.41 54.90 2.05
C CYS C 173 -28.56 54.39 3.47
N ARG C 174 -29.63 53.60 3.68
CA ARG C 174 -29.88 52.97 4.97
C ARG C 174 -30.26 51.50 4.76
N VAL C 175 -29.82 50.60 5.64
CA VAL C 175 -30.14 49.18 5.66
C VAL C 175 -31.43 48.92 6.42
N GLU C 176 -32.24 48.00 5.90
CA GLU C 176 -33.51 47.65 6.53
C GLU C 176 -33.36 46.44 7.44
N ILE C 177 -34.46 45.70 7.62
CA ILE C 177 -34.46 44.52 8.45
C ILE C 177 -34.23 44.87 9.93
N PRO C 178 -35.32 45.06 10.67
CA PRO C 178 -35.25 45.36 12.11
C PRO C 178 -34.73 44.17 12.90
N VAL C 179 -34.72 43.00 12.27
CA VAL C 179 -34.26 41.78 12.92
C VAL C 179 -32.76 41.80 13.12
N ALA C 180 -32.29 41.11 14.15
CA ALA C 180 -30.86 41.06 14.45
C ALA C 180 -30.05 40.60 13.24
N LYS C 181 -28.77 40.97 13.21
CA LYS C 181 -27.90 40.60 12.11
C LYS C 181 -27.63 39.10 12.09
N GLN C 182 -27.69 38.48 13.26
CA GLN C 182 -27.46 37.03 13.37
C GLN C 182 -28.53 36.24 12.63
N LEU C 183 -29.73 36.79 12.57
CA LEU C 183 -30.84 36.15 11.88
C LEU C 183 -30.73 36.36 10.37
N VAL C 184 -30.07 37.45 9.97
CA VAL C 184 -29.87 37.75 8.57
C VAL C 184 -29.04 36.67 7.90
N ALA C 185 -28.23 35.97 8.69
CA ALA C 185 -27.42 34.87 8.19
C ALA C 185 -28.30 33.70 7.78
N GLY C 186 -29.29 33.40 8.62
CA GLY C 186 -30.24 32.33 8.33
C GLY C 186 -31.21 32.75 7.25
N HIS C 187 -31.25 34.05 6.97
CA HIS C 187 -32.14 34.58 5.95
C HIS C 187 -31.69 34.15 4.55
N LEU C 188 -30.39 33.96 4.39
CA LEU C 188 -29.83 33.53 3.10
C LEU C 188 -29.40 32.07 3.15
N SER C 189 -28.12 31.85 3.46
CA SER C 189 -27.57 30.50 3.54
C SER C 189 -26.23 30.50 4.26
N ILE C 190 -25.72 31.68 4.56
CA ILE C 190 -24.44 31.82 5.24
C ILE C 190 -24.55 31.50 6.73
N GLN C 191 -23.53 30.83 7.26
CA GLN C 191 -23.50 30.47 8.67
C GLN C 191 -23.31 31.70 9.55
N PRO C 192 -24.01 31.75 10.69
CA PRO C 192 -23.94 32.88 11.61
C PRO C 192 -22.51 33.19 12.03
N GLU C 193 -21.68 32.16 12.13
CA GLU C 193 -20.29 32.33 12.54
C GLU C 193 -19.47 33.01 11.45
N THR C 194 -19.79 32.71 10.19
CA THR C 194 -19.07 33.28 9.06
C THR C 194 -19.69 34.58 8.59
N PHE C 195 -20.97 34.76 8.86
CA PHE C 195 -21.69 35.96 8.45
C PHE C 195 -21.24 37.18 9.26
N SER C 196 -20.93 36.94 10.54
CA SER C 196 -20.48 38.01 11.42
C SER C 196 -19.10 38.50 11.02
N ARG C 197 -18.27 37.59 10.54
CA ARG C 197 -16.91 37.93 10.11
C ARG C 197 -16.94 38.95 8.98
N ILE C 198 -17.94 38.83 8.11
CA ILE C 198 -18.08 39.75 6.99
C ILE C 198 -18.47 41.15 7.47
N MET C 199 -19.26 41.20 8.53
CA MET C 199 -19.69 42.47 9.11
C MET C 199 -18.52 43.18 9.79
N HIS C 200 -17.58 42.40 10.31
CA HIS C 200 -16.40 42.95 10.96
C HIS C 200 -15.35 43.38 9.94
N ARG C 201 -15.49 42.88 8.71
CA ARG C 201 -14.57 43.22 7.63
C ARG C 201 -14.83 44.63 7.12
N LEU C 202 -15.99 44.83 6.51
CA LEU C 202 -16.36 46.13 5.97
C LEU C 202 -16.86 47.06 7.07
N GLY C 203 -16.84 46.57 8.30
CA GLY C 203 -17.26 47.38 9.45
C GLY C 203 -16.09 48.13 10.06
N ASP C 204 -14.93 47.48 10.11
CA ASP C 204 -13.73 48.10 10.64
C ASP C 204 -13.01 48.90 9.55
N GLU C 205 -13.35 48.62 8.30
CA GLU C 205 -12.75 49.31 7.16
C GLU C 205 -13.25 50.74 7.07
N GLY C 206 -14.49 50.97 7.51
CA GLY C 206 -15.08 52.30 7.49
C GLY C 206 -16.10 52.47 6.39
N ILE C 207 -17.17 51.70 6.45
CA ILE C 207 -18.24 51.79 5.47
C ILE C 207 -19.61 51.78 6.16
N ILE C 208 -19.74 50.94 7.17
CA ILE C 208 -20.97 50.84 7.93
C ILE C 208 -20.73 50.03 9.21
N HIS C 209 -21.78 49.84 9.99
CA HIS C 209 -21.67 49.06 11.23
C HIS C 209 -22.50 49.68 12.35
N LEU C 210 -21.87 49.82 13.52
CA LEU C 210 -22.55 50.36 14.69
C LEU C 210 -23.91 50.95 14.34
N ASP C 211 -24.90 50.68 15.19
CA ASP C 211 -26.26 51.19 14.99
C ASP C 211 -27.27 50.07 15.12
N GLY C 212 -28.29 50.29 15.94
CA GLY C 212 -29.31 49.27 16.19
C GLY C 212 -30.51 49.38 15.27
N ARG C 213 -31.17 48.26 15.04
CA ARG C 213 -32.37 48.22 14.20
C ARG C 213 -32.29 49.23 13.06
N GLU C 214 -31.07 49.49 12.59
CA GLU C 214 -30.86 50.43 11.48
C GLU C 214 -29.39 50.63 11.18
N ILE C 215 -28.88 49.90 10.18
CA ILE C 215 -27.50 50.03 9.74
C ILE C 215 -27.39 51.17 8.74
N SER C 216 -26.45 52.08 9.00
CA SER C 216 -26.29 53.26 8.14
C SER C 216 -25.10 53.11 7.18
N ILE C 217 -25.36 53.35 5.90
CA ILE C 217 -24.32 53.31 4.89
C ILE C 217 -23.77 54.71 4.62
N LEU C 218 -22.63 55.03 5.22
CA LEU C 218 -22.04 56.34 5.09
C LEU C 218 -21.10 56.44 3.89
N ASP C 219 -20.21 55.46 3.76
CA ASP C 219 -19.23 55.46 2.68
C ASP C 219 -19.69 54.60 1.50
N ARG C 220 -19.52 55.12 0.29
CA ARG C 220 -19.89 54.41 -0.91
C ARG C 220 -18.85 54.59 -2.02
N GLU C 221 -19.31 54.59 -3.27
CA GLU C 221 -18.43 54.70 -4.42
C GLU C 221 -17.53 53.47 -4.55
N ARG C 222 -16.74 53.21 -3.50
CA ARG C 222 -15.88 52.04 -3.48
C ARG C 222 -16.71 50.75 -3.38
N LEU C 223 -17.71 50.78 -2.51
CA LEU C 223 -18.60 49.64 -2.34
C LEU C 223 -19.56 49.54 -3.52
N GLU C 224 -19.76 50.65 -4.21
CA GLU C 224 -20.63 50.69 -5.38
C GLU C 224 -19.96 50.04 -6.58
N CYS C 225 -18.64 50.04 -6.59
CA CYS C 225 -17.87 49.44 -7.67
C CYS C 225 -17.97 47.91 -7.62
N PHE C 226 -18.10 47.37 -6.41
CA PHE C 226 -18.20 45.93 -6.23
C PHE C 226 -19.61 45.44 -6.53
N GLU C 227 -20.64 46.23 -6.01
CA GLU C 227 -22.04 45.98 -6.31
C GLU C 227 -22.77 47.30 -6.39
N MET D 1 -9.56 7.03 29.05
CA MET D 1 -10.30 7.47 30.27
C MET D 1 -10.47 8.99 30.32
N GLU D 2 -9.46 9.72 29.87
CA GLU D 2 -9.48 11.18 29.84
C GLU D 2 -10.38 11.71 28.75
N PHE D 3 -10.26 11.08 27.47
CA PHE D 3 -11.17 11.43 26.39
C PHE D 3 -12.59 10.97 26.69
N GLN D 4 -13.57 11.79 26.29
CA GLN D 4 -14.97 11.50 26.55
C GLN D 4 -15.58 10.59 25.48
N ARG D 5 -16.89 10.38 25.58
CA ARG D 5 -17.59 9.51 24.63
C ARG D 5 -17.84 10.22 23.31
N VAL D 6 -18.01 11.54 23.37
CA VAL D 6 -18.30 12.33 22.19
C VAL D 6 -17.07 12.45 21.29
N HIS D 7 -15.90 12.58 21.90
CA HIS D 7 -14.66 12.73 21.15
C HIS D 7 -14.34 11.49 20.34
N GLN D 8 -14.88 10.36 20.75
CA GLN D 8 -14.66 9.10 20.05
C GLN D 8 -15.54 8.97 18.82
N GLN D 9 -16.76 9.51 18.91
CA GLN D 9 -17.71 9.46 17.81
C GLN D 9 -17.37 10.47 16.72
N LEU D 10 -16.62 11.50 17.09
CA LEU D 10 -16.22 12.53 16.14
C LEU D 10 -15.18 12.01 15.16
N LEU D 11 -14.44 10.99 15.59
CA LEU D 11 -13.39 10.40 14.75
C LEU D 11 -13.99 9.42 13.74
N GLN D 12 -15.15 8.86 14.08
CA GLN D 12 -15.80 7.88 13.23
C GLN D 12 -16.29 8.54 11.93
N SER D 13 -16.68 9.80 12.02
CA SER D 13 -17.19 10.53 10.87
C SER D 13 -16.07 10.93 9.92
N HIS D 14 -14.85 11.02 10.45
CA HIS D 14 -13.69 11.39 9.64
C HIS D 14 -13.31 10.28 8.67
N HIS D 15 -12.72 10.66 7.54
CA HIS D 15 -12.37 9.69 6.50
C HIS D 15 -11.24 8.76 6.92
N LEU D 16 -10.26 9.29 7.65
CA LEU D 16 -9.10 8.52 8.05
C LEU D 16 -9.42 7.49 9.13
N PHE D 17 -10.40 7.80 9.96
CA PHE D 17 -10.78 6.91 11.06
C PHE D 17 -12.20 6.40 10.91
N GLU D 18 -12.46 5.65 9.84
CA GLU D 18 -13.79 5.13 9.57
C GLU D 18 -13.75 3.64 9.22
N PRO D 19 -12.89 3.28 8.26
CA PRO D 19 -12.74 1.89 7.82
C PRO D 19 -12.25 0.99 8.95
N LEU D 20 -11.43 1.53 9.85
CA LEU D 20 -10.88 0.75 10.95
C LEU D 20 -11.96 0.21 11.86
N SER D 21 -11.72 -0.98 12.41
CA SER D 21 -12.67 -1.61 13.32
C SER D 21 -12.52 -1.03 14.73
N PRO D 22 -13.49 -1.31 15.61
CA PRO D 22 -13.45 -0.81 16.98
C PRO D 22 -12.27 -1.40 17.74
N VAL D 23 -11.84 -2.59 17.34
CA VAL D 23 -10.69 -3.24 17.95
C VAL D 23 -9.39 -2.51 17.57
N GLN D 24 -9.32 -2.07 16.32
CA GLN D 24 -8.17 -1.33 15.84
C GLN D 24 -8.22 0.12 16.30
N LEU D 25 -9.43 0.63 16.50
CA LEU D 25 -9.63 1.99 16.96
C LEU D 25 -9.25 2.13 18.44
N GLN D 26 -9.51 1.06 19.20
CA GLN D 26 -9.19 1.04 20.62
C GLN D 26 -7.68 0.95 20.84
N GLU D 27 -7.00 0.30 19.91
CA GLU D 27 -5.55 0.16 19.98
C GLU D 27 -4.86 1.44 19.51
N LEU D 28 -5.51 2.17 18.63
CA LEU D 28 -4.96 3.43 18.11
C LEU D 28 -5.16 4.56 19.11
N LEU D 29 -6.21 4.47 19.90
CA LEU D 29 -6.50 5.48 20.92
C LEU D 29 -5.78 5.17 22.22
N ALA D 30 -5.24 3.95 22.32
CA ALA D 30 -4.51 3.53 23.51
C ALA D 30 -3.24 4.35 23.67
N SER D 31 -2.56 4.61 22.56
CA SER D 31 -1.32 5.39 22.58
C SER D 31 -1.59 6.82 22.14
N SER D 32 -2.55 7.47 22.79
CA SER D 32 -2.91 8.85 22.46
C SER D 32 -3.20 9.65 23.71
N ASP D 33 -2.88 10.94 23.67
CA ASP D 33 -3.10 11.83 24.81
C ASP D 33 -3.86 13.08 24.40
N LEU D 34 -4.98 13.35 25.05
CA LEU D 34 -5.79 14.52 24.77
C LEU D 34 -5.14 15.78 25.33
N VAL D 35 -4.49 16.55 24.46
CA VAL D 35 -3.79 17.76 24.89
C VAL D 35 -4.43 19.02 24.32
N ASN D 36 -4.84 19.92 25.21
CA ASN D 36 -5.42 21.20 24.80
C ASN D 36 -4.45 22.36 24.99
N LEU D 37 -4.33 23.21 23.98
CA LEU D 37 -3.38 24.31 24.00
C LEU D 37 -4.06 25.66 24.15
N ASP D 38 -3.32 26.64 24.65
CA ASP D 38 -3.84 27.98 24.83
C ASP D 38 -3.61 28.84 23.58
N LYS D 39 -3.95 30.11 23.67
CA LYS D 39 -3.79 31.03 22.55
C LYS D 39 -2.33 31.43 22.38
N GLY D 40 -1.75 31.09 21.22
CA GLY D 40 -0.36 31.40 20.94
C GLY D 40 0.57 30.23 21.15
N ALA D 41 -0.01 29.08 21.49
CA ALA D 41 0.77 27.88 21.74
C ALA D 41 1.15 27.19 20.43
N TYR D 42 2.26 26.46 20.45
CA TYR D 42 2.73 25.75 19.26
C TYR D 42 2.36 24.27 19.30
N VAL D 43 1.91 23.76 18.16
CA VAL D 43 1.59 22.34 18.06
C VAL D 43 2.84 21.54 17.71
N PHE D 44 3.43 21.84 16.55
CA PHE D 44 4.70 21.24 16.15
C PHE D 44 5.60 22.30 15.50
N ARG D 45 6.89 22.19 15.77
CA ARG D 45 7.84 23.21 15.30
C ARG D 45 8.79 22.66 14.23
N GLN D 46 9.20 23.55 13.33
CA GLN D 46 10.10 23.18 12.24
C GLN D 46 11.49 22.86 12.78
N GLY D 47 12.05 21.73 12.33
CA GLY D 47 13.36 21.29 12.80
C GLY D 47 13.25 20.08 13.69
N GLU D 48 12.10 19.95 14.36
CA GLU D 48 11.85 18.82 15.24
C GLU D 48 11.55 17.55 14.44
N PRO D 49 11.95 16.39 14.97
CA PRO D 49 11.71 15.11 14.31
C PRO D 49 10.24 14.90 14.00
N ALA D 50 9.94 14.42 12.80
CA ALA D 50 8.57 14.18 12.38
C ALA D 50 7.99 12.99 13.14
N HIS D 51 7.06 13.26 14.06
CA HIS D 51 6.44 12.21 14.85
C HIS D 51 5.04 12.57 15.33
N ALA D 52 4.08 11.72 15.00
CA ALA D 52 2.70 11.90 15.43
C ALA D 52 1.96 12.97 14.63
N PHE D 53 0.86 12.58 14.01
CA PHE D 53 0.00 13.52 13.31
C PHE D 53 -1.17 13.92 14.22
N TYR D 54 -1.81 15.04 13.90
CA TYR D 54 -2.84 15.59 14.78
C TYR D 54 -4.23 15.60 14.16
N TYR D 55 -5.25 15.56 15.02
CA TYR D 55 -6.64 15.64 14.60
C TYR D 55 -7.36 16.75 15.36
N LEU D 56 -7.62 17.86 14.68
CA LEU D 56 -8.27 19.01 15.29
C LEU D 56 -9.74 18.74 15.60
N ILE D 57 -10.17 19.14 16.78
CA ILE D 57 -11.55 18.95 17.20
C ILE D 57 -12.29 20.28 17.31
N SER D 58 -11.60 21.29 17.83
CA SER D 58 -12.18 22.62 17.98
C SER D 58 -11.11 23.70 17.95
N GLY D 59 -11.42 24.81 17.29
CA GLY D 59 -10.49 25.94 17.20
C GLY D 59 -9.84 26.03 15.83
N CYS D 60 -8.71 26.74 15.77
CA CYS D 60 -7.99 26.93 14.51
C CYS D 60 -6.48 26.91 14.74
N VAL D 61 -5.76 26.23 13.85
CA VAL D 61 -4.32 26.13 13.96
C VAL D 61 -3.64 26.48 12.64
N LYS D 62 -2.77 27.48 12.68
CA LYS D 62 -2.05 27.91 11.48
C LYS D 62 -0.72 27.19 11.35
N ILE D 63 -0.36 26.84 10.12
CA ILE D 63 0.90 26.15 9.86
C ILE D 63 2.03 27.15 9.59
N TYR D 64 1.95 27.81 8.45
CA TYR D 64 2.94 28.82 8.06
C TYR D 64 4.37 28.29 8.10
N ARG D 65 5.17 28.68 7.11
CA ARG D 65 6.57 28.30 7.04
C ARG D 65 7.46 29.54 7.10
N LEU D 66 8.67 29.37 7.63
CA LEU D 66 9.60 30.49 7.78
C LEU D 66 10.15 30.96 6.43
N THR D 67 9.85 32.19 6.07
CA THR D 67 10.37 32.77 4.83
C THR D 67 11.71 33.44 5.08
N PRO D 68 12.61 33.37 4.09
CA PRO D 68 13.96 33.93 4.20
C PRO D 68 13.98 35.18 5.07
N GLU D 69 14.34 35.02 6.34
CA GLU D 69 14.40 36.14 7.28
C GLU D 69 13.33 37.18 6.96
N GLY D 70 12.15 36.88 7.31
CA GLY D 70 11.07 37.81 7.08
C GLY D 70 10.11 37.88 8.24
N GLN D 71 9.14 37.01 8.24
CA GLN D 71 8.09 36.97 9.26
C GLN D 71 7.33 35.65 9.21
N GLU D 72 6.66 35.42 8.09
CA GLU D 72 5.87 34.19 7.91
C GLU D 72 5.39 34.06 6.47
N LYS D 73 4.64 33.01 6.20
CA LYS D 73 4.12 32.76 4.86
C LYS D 73 2.69 32.25 4.89
N ILE D 74 2.45 31.20 5.67
CA ILE D 74 1.13 30.61 5.80
C ILE D 74 0.68 29.99 4.47
N LEU D 75 0.62 28.65 4.44
CA LEU D 75 0.22 27.93 3.24
C LEU D 75 -1.13 27.26 3.41
N GLU D 76 -1.31 26.59 4.54
CA GLU D 76 -2.55 25.87 4.81
C GLU D 76 -3.22 26.35 6.09
N VAL D 77 -4.54 26.47 6.07
CA VAL D 77 -5.31 26.87 7.24
C VAL D 77 -6.41 25.86 7.53
N THR D 78 -6.19 25.01 8.52
CA THR D 78 -7.15 23.97 8.88
C THR D 78 -8.24 24.52 9.78
N ASN D 79 -9.42 23.88 9.73
CA ASN D 79 -10.55 24.29 10.54
C ASN D 79 -10.95 23.20 11.53
N GLU D 80 -12.22 23.22 11.96
CA GLU D 80 -12.70 22.24 12.93
C GLU D 80 -13.00 20.90 12.28
N ARG D 81 -12.80 19.82 13.04
CA ARG D 81 -13.07 18.48 12.55
C ARG D 81 -12.30 18.18 11.26
N ASN D 82 -11.02 18.48 11.27
CA ASN D 82 -10.16 18.22 10.12
C ASN D 82 -8.71 17.97 10.52
N THR D 83 -8.14 16.89 9.99
CA THR D 83 -6.76 16.51 10.31
C THR D 83 -5.77 17.37 9.52
N PHE D 84 -4.73 17.83 10.19
CA PHE D 84 -3.71 18.66 9.56
C PHE D 84 -2.33 18.05 9.73
N ALA D 85 -1.56 18.02 8.63
CA ALA D 85 -0.19 17.50 8.67
C ALA D 85 -0.17 15.97 8.65
N GLU D 86 -1.16 15.37 8.00
CA GLU D 86 -1.21 13.92 7.88
C GLU D 86 -0.56 13.45 6.59
N ALA D 87 -0.07 14.40 5.80
CA ALA D 87 0.61 14.09 4.55
C ALA D 87 2.02 13.57 4.82
N MET D 88 2.57 13.98 5.96
CA MET D 88 3.91 13.53 6.36
C MET D 88 3.85 12.15 7.00
N MET D 89 2.64 11.70 7.33
CA MET D 89 2.45 10.39 7.92
C MET D 89 3.01 9.30 7.02
N PHE D 90 2.36 9.09 5.88
CA PHE D 90 2.81 8.10 4.91
C PHE D 90 3.68 8.72 3.83
N MET D 91 4.85 9.22 4.24
CA MET D 91 5.78 9.85 3.30
C MET D 91 7.12 10.14 3.96
N ASP D 92 8.02 9.16 3.91
CA ASP D 92 9.36 9.31 4.48
C ASP D 92 9.33 9.33 6.00
N THR D 93 8.83 10.42 6.57
CA THR D 93 8.77 10.56 8.02
C THR D 93 10.13 10.93 8.60
N PRO D 94 10.74 11.97 8.04
CA PRO D 94 12.05 12.44 8.50
C PRO D 94 11.91 13.51 9.56
N ASN D 95 11.86 14.77 9.14
CA ASN D 95 11.73 15.89 10.07
C ASN D 95 10.61 16.84 9.66
N TYR D 96 10.10 17.61 10.61
CA TYR D 96 9.05 18.58 10.33
C TYR D 96 9.56 19.71 9.45
N VAL D 97 9.00 19.82 8.25
CA VAL D 97 9.40 20.85 7.31
C VAL D 97 8.54 22.10 7.47
N ALA D 98 7.50 22.00 8.29
CA ALA D 98 6.60 23.12 8.53
C ALA D 98 6.37 23.34 10.02
N THR D 99 6.06 24.58 10.39
CA THR D 99 5.79 24.92 11.77
C THR D 99 4.31 24.82 12.08
N ALA D 100 3.92 25.21 13.29
CA ALA D 100 2.52 25.16 13.70
C ALA D 100 2.25 26.07 14.90
N GLN D 101 1.19 26.87 14.79
CA GLN D 101 0.81 27.77 15.87
C GLN D 101 -0.71 27.81 16.02
N ALA D 102 -1.18 27.67 17.26
CA ALA D 102 -2.61 27.65 17.53
C ALA D 102 -3.13 29.03 17.92
N VAL D 103 -4.24 29.43 17.29
CA VAL D 103 -4.88 30.70 17.60
C VAL D 103 -6.25 30.47 18.25
N VAL D 104 -6.38 30.92 19.50
CA VAL D 104 -7.61 30.72 20.25
C VAL D 104 -7.66 29.30 20.81
N PRO D 105 -7.95 29.18 22.11
CA PRO D 105 -7.98 27.89 22.79
C PRO D 105 -8.45 26.77 21.87
N SER D 106 -7.61 25.74 21.70
CA SER D 106 -7.93 24.61 20.85
C SER D 106 -7.65 23.29 21.55
N GLN D 107 -8.34 22.24 21.11
CA GLN D 107 -8.16 20.91 21.69
C GLN D 107 -7.99 19.87 20.59
N LEU D 108 -6.93 19.09 20.67
CA LEU D 108 -6.62 18.08 19.65
C LEU D 108 -6.04 16.81 20.26
N PHE D 109 -6.13 15.72 19.51
CA PHE D 109 -5.59 14.43 19.96
C PHE D 109 -4.11 14.29 19.61
N ARG D 110 -3.54 13.14 19.95
CA ARG D 110 -2.12 12.89 19.71
C ARG D 110 -1.90 11.50 19.12
N PHE D 111 -2.24 11.33 17.85
CA PHE D 111 -2.05 10.06 17.16
C PHE D 111 -0.61 9.91 16.68
N SER D 112 0.08 8.90 17.21
CA SER D 112 1.47 8.67 16.85
C SER D 112 1.59 8.06 15.45
N ASN D 113 2.70 8.35 14.78
CA ASN D 113 2.95 7.83 13.45
C ASN D 113 3.32 6.34 13.47
N LYS D 114 4.03 5.93 14.52
CA LYS D 114 4.45 4.54 14.66
C LYS D 114 3.27 3.63 14.97
N ALA D 115 2.21 4.21 15.52
CA ALA D 115 1.02 3.45 15.89
C ALA D 115 0.06 3.30 14.71
N TYR D 116 0.15 4.22 13.75
CA TYR D 116 -0.73 4.21 12.59
C TYR D 116 -0.21 3.25 11.52
N LEU D 117 1.09 2.96 11.56
CA LEU D 117 1.70 2.06 10.59
C LEU D 117 1.44 0.60 10.96
N ARG D 118 1.18 0.35 12.24
CA ARG D 118 0.92 -1.00 12.72
C ARG D 118 -0.26 -1.63 11.99
N GLN D 119 -1.30 -0.84 11.77
CA GLN D 119 -2.50 -1.31 11.10
C GLN D 119 -2.28 -1.50 9.60
N LEU D 120 -1.34 -0.72 9.06
CA LEU D 120 -1.01 -0.80 7.64
C LEU D 120 0.07 -1.84 7.37
N GLN D 121 1.17 -1.40 6.78
CA GLN D 121 2.28 -2.29 6.48
C GLN D 121 1.87 -3.39 5.51
N ASP D 122 1.36 -4.48 6.07
CA ASP D 122 0.92 -5.62 5.26
C ASP D 122 -0.59 -5.86 5.42
N ASN D 123 -1.39 -4.90 4.96
CA ASN D 123 -2.82 -5.00 5.05
C ASN D 123 -3.50 -4.48 3.77
N THR D 124 -3.79 -5.40 2.86
CA THR D 124 -4.32 -5.04 1.55
C THR D 124 -5.67 -4.32 1.62
N PRO D 125 -6.65 -4.91 2.29
CA PRO D 125 -8.00 -4.36 2.37
C PRO D 125 -8.01 -2.94 2.96
N LEU D 126 -7.29 -2.75 4.05
CA LEU D 126 -7.25 -1.46 4.74
C LEU D 126 -6.69 -0.37 3.84
N ALA D 127 -5.55 -0.64 3.21
CA ALA D 127 -4.90 0.33 2.33
C ALA D 127 -5.85 0.84 1.26
N LEU D 128 -6.63 -0.07 0.68
CA LEU D 128 -7.58 0.30 -0.37
C LEU D 128 -8.78 1.06 0.21
N ALA D 129 -9.19 0.68 1.42
CA ALA D 129 -10.31 1.34 2.08
C ALA D 129 -9.97 2.80 2.39
N LEU D 130 -8.76 3.04 2.86
CA LEU D 130 -8.32 4.39 3.19
C LEU D 130 -8.37 5.29 1.95
N LEU D 131 -7.95 4.75 0.82
CA LEU D 131 -7.97 5.49 -0.44
C LEU D 131 -9.40 5.68 -0.93
N ALA D 132 -10.28 4.77 -0.53
CA ALA D 132 -11.68 4.84 -0.93
C ALA D 132 -12.39 6.00 -0.24
N LYS D 133 -12.08 6.22 1.03
CA LYS D 133 -12.67 7.31 1.80
C LYS D 133 -12.21 8.66 1.26
N LEU D 134 -10.97 8.72 0.78
CA LEU D 134 -10.41 9.94 0.22
C LEU D 134 -10.96 10.21 -1.17
N SER D 135 -11.26 9.13 -1.90
CA SER D 135 -11.78 9.24 -3.25
C SER D 135 -13.23 9.73 -3.25
N THR D 136 -14.01 9.25 -2.30
CA THR D 136 -15.41 9.63 -2.18
C THR D 136 -15.56 11.07 -1.71
N ARG D 137 -14.57 11.55 -0.96
CA ARG D 137 -14.59 12.92 -0.45
C ARG D 137 -13.98 13.90 -1.47
N LEU D 138 -13.68 13.38 -2.66
CA LEU D 138 -13.18 14.20 -3.74
C LEU D 138 -14.32 14.56 -4.69
N HIS D 139 -15.25 13.62 -4.86
CA HIS D 139 -16.43 13.84 -5.70
C HIS D 139 -17.47 14.66 -4.93
N GLN D 140 -17.15 14.99 -3.69
CA GLN D 140 -18.04 15.79 -2.86
C GLN D 140 -17.47 17.19 -2.64
N ARG D 141 -16.15 17.30 -2.70
CA ARG D 141 -15.47 18.58 -2.51
C ARG D 141 -15.30 19.31 -3.84
N ILE D 142 -14.84 18.58 -4.86
CA ILE D 142 -14.65 19.16 -6.18
C ILE D 142 -15.99 19.58 -6.78
N ASP D 143 -17.02 18.78 -6.50
CA ASP D 143 -18.37 19.07 -6.98
C ASP D 143 -18.90 20.36 -6.36
N GLU D 144 -18.51 20.61 -5.11
CA GLU D 144 -18.93 21.81 -4.41
C GLU D 144 -18.19 23.03 -4.93
N ILE D 145 -16.96 22.83 -5.39
CA ILE D 145 -16.14 23.90 -5.93
C ILE D 145 -16.64 24.37 -7.29
N GLU D 146 -17.06 23.40 -8.11
CA GLU D 146 -17.54 23.70 -9.45
C GLU D 146 -18.92 24.34 -9.44
N THR D 147 -19.62 24.22 -8.32
CA THR D 147 -20.97 24.76 -8.21
C THR D 147 -20.97 26.21 -7.75
N LEU D 148 -20.05 26.56 -6.85
CA LEU D 148 -19.98 27.91 -6.32
C LEU D 148 -18.98 28.78 -7.07
N SER D 149 -17.96 28.14 -7.64
CA SER D 149 -16.97 28.87 -8.42
C SER D 149 -17.59 29.44 -9.69
N LEU D 150 -18.46 28.64 -10.32
CA LEU D 150 -19.19 29.09 -11.50
C LEU D 150 -20.30 30.05 -11.09
N LYS D 151 -20.78 29.89 -9.85
CA LYS D 151 -21.80 30.78 -9.31
C LYS D 151 -21.23 32.18 -9.12
N ASN D 152 -20.02 32.24 -8.59
CA ASN D 152 -19.34 33.52 -8.40
C ASN D 152 -19.01 34.16 -9.75
N ALA D 153 -18.83 33.32 -10.77
CA ALA D 153 -18.58 33.80 -12.12
C ALA D 153 -19.82 34.45 -12.68
N THR D 154 -20.98 33.91 -12.35
CA THR D 154 -22.26 34.46 -12.79
C THR D 154 -22.63 35.67 -11.95
N HIS D 155 -22.11 35.73 -10.73
CA HIS D 155 -22.35 36.87 -9.84
C HIS D 155 -21.62 38.11 -10.32
N ARG D 156 -20.39 37.91 -10.80
CA ARG D 156 -19.55 39.01 -11.26
C ARG D 156 -20.11 39.65 -12.53
N VAL D 157 -20.56 38.82 -13.46
CA VAL D 157 -21.10 39.30 -14.73
C VAL D 157 -22.23 40.31 -14.52
N VAL D 158 -23.20 39.93 -13.70
CA VAL D 158 -24.36 40.78 -13.43
C VAL D 158 -23.98 42.00 -12.58
N ARG D 159 -22.93 41.86 -11.78
CA ARG D 159 -22.49 42.94 -10.90
C ARG D 159 -21.81 44.05 -11.68
N TYR D 160 -20.93 43.68 -12.60
CA TYR D 160 -20.18 44.64 -13.40
C TYR D 160 -21.07 45.31 -14.45
N LEU D 161 -22.23 44.72 -14.71
CA LEU D 161 -23.15 45.25 -15.69
C LEU D 161 -23.99 46.39 -15.12
N LEU D 162 -24.41 46.24 -13.87
CA LEU D 162 -25.23 47.24 -13.21
C LEU D 162 -24.40 48.44 -12.74
N THR D 163 -23.11 48.20 -12.52
CA THR D 163 -22.21 49.25 -12.06
C THR D 163 -21.99 50.31 -13.15
N LEU D 164 -22.00 49.86 -14.40
CA LEU D 164 -21.79 50.76 -15.54
C LEU D 164 -23.12 51.28 -16.06
N ALA D 165 -24.19 50.92 -15.38
CA ALA D 165 -25.51 51.38 -15.75
C ALA D 165 -25.96 52.54 -14.86
N ALA D 166 -25.40 53.72 -15.09
CA ALA D 166 -25.74 54.90 -14.31
C ALA D 166 -25.04 56.15 -14.84
N HIS D 167 -23.98 55.94 -15.60
CA HIS D 167 -23.21 57.04 -16.17
C HIS D 167 -23.63 57.32 -17.59
N ALA D 168 -24.07 56.27 -18.29
CA ALA D 168 -24.50 56.40 -19.67
C ALA D 168 -25.68 55.50 -19.95
N PRO D 169 -26.67 55.54 -19.07
CA PRO D 169 -27.86 54.72 -19.24
C PRO D 169 -28.57 55.01 -20.53
N GLY D 170 -29.12 53.97 -21.12
CA GLY D 170 -29.84 54.14 -22.38
C GLY D 170 -31.35 54.09 -22.21
N GLU D 171 -31.84 53.01 -21.61
CA GLU D 171 -33.26 52.84 -21.38
C GLU D 171 -33.52 51.77 -20.32
N ASN D 172 -34.77 51.71 -19.86
CA ASN D 172 -35.15 50.74 -18.84
C ASN D 172 -35.20 49.32 -19.39
N CYS D 173 -35.26 49.20 -20.71
CA CYS D 173 -35.30 47.89 -21.36
C CYS D 173 -34.08 47.69 -22.25
N ARG D 174 -33.35 48.76 -22.51
CA ARG D 174 -32.15 48.70 -23.34
C ARG D 174 -31.00 49.47 -22.72
N VAL D 175 -29.78 49.12 -23.10
CA VAL D 175 -28.58 49.78 -22.59
C VAL D 175 -27.62 50.14 -23.71
N GLU D 176 -26.92 51.26 -23.55
CA GLU D 176 -25.96 51.71 -24.55
C GLU D 176 -24.60 51.04 -24.34
N ILE D 177 -24.01 51.28 -23.18
CA ILE D 177 -22.70 50.71 -22.85
C ILE D 177 -22.51 49.36 -23.53
N PRO D 178 -21.51 49.28 -24.42
CA PRO D 178 -21.22 48.04 -25.14
C PRO D 178 -20.44 47.05 -24.28
N VAL D 179 -20.82 45.78 -24.34
CA VAL D 179 -20.14 44.75 -23.57
C VAL D 179 -19.58 43.66 -24.49
N ALA D 180 -18.35 43.86 -24.94
CA ALA D 180 -17.70 42.90 -25.83
C ALA D 180 -17.41 41.58 -25.12
N LYS D 181 -17.17 40.53 -25.89
CA LYS D 181 -16.88 39.22 -25.33
C LYS D 181 -15.47 39.13 -24.80
N GLN D 182 -14.63 40.09 -25.14
CA GLN D 182 -13.24 40.07 -24.70
C GLN D 182 -12.80 41.37 -24.00
N LEU D 183 -13.38 42.54 -24.41
CA LEU D 183 -13.05 43.82 -23.79
C LEU D 183 -13.48 43.85 -22.33
N VAL D 184 -14.68 43.34 -22.06
CA VAL D 184 -15.21 43.30 -20.70
C VAL D 184 -14.93 41.97 -20.04
N ALA D 185 -14.74 40.93 -20.86
CA ALA D 185 -14.44 39.60 -20.36
C ALA D 185 -13.06 39.55 -19.71
N GLY D 186 -12.25 40.55 -20.01
CA GLY D 186 -10.90 40.64 -19.45
C GLY D 186 -10.87 41.55 -18.23
N HIS D 187 -12.03 42.07 -17.85
CA HIS D 187 -12.14 42.96 -16.71
C HIS D 187 -12.87 42.27 -15.56
N LEU D 188 -13.64 41.24 -15.89
CA LEU D 188 -14.39 40.49 -14.89
C LEU D 188 -13.49 39.47 -14.19
N SER D 189 -12.20 39.76 -14.15
CA SER D 189 -11.23 38.88 -13.51
C SER D 189 -11.74 37.45 -13.44
N ILE D 190 -12.04 36.88 -14.61
CA ILE D 190 -12.55 35.51 -14.69
C ILE D 190 -11.88 34.72 -15.80
N GLN D 191 -12.67 34.31 -16.78
CA GLN D 191 -12.16 33.55 -17.92
C GLN D 191 -13.00 33.79 -19.17
N PRO D 192 -12.34 33.98 -20.32
CA PRO D 192 -13.02 34.21 -21.60
C PRO D 192 -13.96 33.07 -21.94
N GLU D 193 -13.59 31.85 -21.56
CA GLU D 193 -14.41 30.68 -21.85
C GLU D 193 -15.66 30.63 -20.98
N THR D 194 -15.54 31.11 -19.75
CA THR D 194 -16.65 31.10 -18.81
C THR D 194 -17.66 32.19 -19.15
N PHE D 195 -17.17 33.34 -19.59
CA PHE D 195 -18.04 34.46 -19.96
C PHE D 195 -19.03 34.07 -21.06
N SER D 196 -18.57 33.23 -21.99
CA SER D 196 -19.41 32.78 -23.08
C SER D 196 -20.46 31.79 -22.60
N ARG D 197 -20.14 31.10 -21.51
CA ARG D 197 -21.07 30.11 -20.95
C ARG D 197 -22.12 30.78 -20.07
N ILE D 198 -21.72 31.86 -19.39
CA ILE D 198 -22.63 32.61 -18.54
C ILE D 198 -23.68 33.34 -19.37
N MET D 199 -23.24 33.94 -20.47
CA MET D 199 -24.14 34.66 -21.37
C MET D 199 -25.01 33.69 -22.17
N HIS D 200 -24.62 32.42 -22.17
CA HIS D 200 -25.36 31.39 -22.90
C HIS D 200 -26.62 30.98 -22.17
N ARG D 201 -26.49 30.77 -20.86
CA ARG D 201 -27.63 30.35 -20.04
C ARG D 201 -28.62 31.50 -19.82
N LEU D 202 -28.09 32.68 -19.57
CA LEU D 202 -28.92 33.86 -19.34
C LEU D 202 -29.65 34.28 -20.60
N GLY D 203 -29.08 33.94 -21.76
CA GLY D 203 -29.68 34.28 -23.05
C GLY D 203 -30.82 33.36 -23.41
N ASP D 204 -30.74 32.11 -22.97
CA ASP D 204 -31.78 31.12 -23.26
C ASP D 204 -33.01 31.33 -22.38
N GLU D 205 -32.80 31.88 -21.19
CA GLU D 205 -33.90 32.13 -20.27
C GLU D 205 -34.84 33.21 -20.79
N GLY D 206 -34.26 34.22 -21.44
CA GLY D 206 -35.06 35.31 -22.00
C GLY D 206 -34.87 36.60 -21.24
N ILE D 207 -33.70 36.78 -20.65
CA ILE D 207 -33.39 37.98 -19.89
C ILE D 207 -32.32 38.81 -20.58
N ILE D 208 -31.26 38.12 -21.02
CA ILE D 208 -30.18 38.75 -21.77
C ILE D 208 -30.07 38.13 -23.16
N HIS D 209 -30.16 38.96 -24.17
CA HIS D 209 -30.03 38.50 -25.54
C HIS D 209 -28.73 38.98 -26.17
N LEU D 210 -28.22 38.21 -27.11
CA LEU D 210 -26.97 38.55 -27.76
C LEU D 210 -27.19 39.42 -28.99
N ASP D 211 -26.63 40.56 -29.02
CA ASP D 211 -26.69 41.51 -30.13
C ASP D 211 -25.31 41.86 -30.65
N GLY D 212 -25.26 42.75 -31.64
CA GLY D 212 -23.99 43.16 -32.23
C GLY D 212 -23.17 44.02 -31.29
N ARG D 213 -22.39 43.38 -30.44
CA ARG D 213 -21.54 44.07 -29.48
C ARG D 213 -22.38 44.91 -28.51
N GLU D 214 -23.66 44.53 -28.27
CA GLU D 214 -24.57 45.25 -27.38
C GLU D 214 -25.43 44.28 -26.59
N ILE D 215 -25.86 44.70 -25.41
CA ILE D 215 -26.72 43.87 -24.56
C ILE D 215 -28.07 44.50 -24.37
N SER D 216 -29.07 43.79 -24.74
CA SER D 216 -30.45 44.24 -24.54
C SER D 216 -31.05 43.63 -23.28
N ILE D 217 -31.17 44.43 -22.23
CA ILE D 217 -31.73 43.98 -20.96
C ILE D 217 -33.24 44.15 -20.94
N LEU D 218 -33.97 43.04 -20.88
CA LEU D 218 -35.43 43.08 -20.86
C LEU D 218 -35.94 43.21 -19.42
N ASP D 219 -35.52 42.30 -18.56
CA ASP D 219 -35.95 42.32 -17.16
C ASP D 219 -34.97 43.10 -16.30
N ARG D 220 -35.45 43.58 -15.15
CA ARG D 220 -34.62 44.36 -14.24
C ARG D 220 -34.71 43.80 -12.81
N GLU D 221 -35.53 42.78 -12.63
CA GLU D 221 -35.72 42.17 -11.33
C GLU D 221 -34.77 40.99 -11.13
N ARG D 222 -34.74 40.09 -12.10
CA ARG D 222 -33.87 38.93 -12.04
C ARG D 222 -32.40 39.33 -12.04
N LEU D 223 -32.06 40.31 -12.86
CA LEU D 223 -30.69 40.80 -12.95
C LEU D 223 -30.21 41.35 -11.61
N GLU D 224 -31.08 42.07 -10.93
CA GLU D 224 -30.76 42.65 -9.63
C GLU D 224 -30.85 41.60 -8.52
N CYS D 225 -31.65 40.57 -8.76
CA CYS D 225 -31.82 39.49 -7.79
C CYS D 225 -30.68 38.48 -7.90
N PHE D 226 -30.24 38.23 -9.12
CA PHE D 226 -29.15 37.29 -9.37
C PHE D 226 -27.83 38.01 -9.63
N GLU D 227 -27.63 39.12 -8.92
CA GLU D 227 -26.47 39.97 -9.10
C GLU D 227 -25.24 39.36 -8.45
N MET E 1 8.49 0.54 3.41
CA MET E 1 9.23 -0.68 3.10
C MET E 1 8.44 -1.92 3.52
N GLU E 2 8.41 -2.17 4.82
CA GLU E 2 7.70 -3.32 5.37
C GLU E 2 8.10 -4.60 4.65
N PHE E 3 7.62 -4.76 3.41
CA PHE E 3 7.93 -5.94 2.62
C PHE E 3 9.33 -6.47 2.93
N GLN E 4 10.23 -5.59 3.20
CA GLN E 4 11.64 -5.92 3.37
C GLN E 4 11.85 -6.88 4.54
N ARG E 5 10.99 -6.86 5.52
CA ARG E 5 11.10 -7.73 6.68
C ARG E 5 10.60 -9.13 6.37
N VAL E 6 10.09 -9.33 5.14
CA VAL E 6 9.46 -10.61 4.86
C VAL E 6 9.96 -11.21 3.55
N HIS E 7 10.22 -10.35 2.58
CA HIS E 7 10.69 -10.78 1.28
C HIS E 7 12.15 -11.24 1.32
N GLN E 8 12.92 -10.63 2.22
CA GLN E 8 14.33 -10.95 2.34
C GLN E 8 14.55 -12.31 3.02
N GLN E 9 13.53 -12.77 3.73
CA GLN E 9 13.62 -14.04 4.44
C GLN E 9 13.28 -15.22 3.53
N LEU E 10 12.44 -14.97 2.53
CA LEU E 10 12.03 -16.02 1.60
C LEU E 10 13.00 -16.15 0.43
N LEU E 11 13.63 -15.03 0.07
CA LEU E 11 14.58 -15.02 -1.05
C LEU E 11 15.95 -15.50 -0.60
N GLN E 12 16.16 -15.59 0.71
CA GLN E 12 17.43 -16.01 1.26
C GLN E 12 17.67 -17.49 0.98
N SER E 13 16.59 -18.23 0.75
CA SER E 13 16.68 -19.66 0.47
C SER E 13 17.14 -19.91 -0.96
N HIS E 14 16.89 -18.95 -1.83
CA HIS E 14 17.26 -19.07 -3.24
C HIS E 14 18.77 -18.99 -3.41
N HIS E 15 19.26 -19.52 -4.53
CA HIS E 15 20.71 -19.60 -4.77
C HIS E 15 21.28 -18.29 -5.31
N LEU E 16 20.45 -17.49 -5.94
CA LEU E 16 20.92 -16.24 -6.56
C LEU E 16 20.88 -15.06 -5.61
N PHE E 17 20.34 -15.26 -4.41
CA PHE E 17 20.20 -14.17 -3.45
C PHE E 17 20.84 -14.49 -2.09
N GLU E 18 21.32 -15.71 -1.93
CA GLU E 18 21.93 -16.13 -0.67
C GLU E 18 23.26 -15.42 -0.43
N PRO E 19 24.17 -15.52 -1.41
CA PRO E 19 25.48 -14.90 -1.32
C PRO E 19 25.39 -13.42 -0.97
N LEU E 20 24.26 -12.81 -1.32
CA LEU E 20 24.04 -11.38 -1.05
C LEU E 20 23.75 -11.15 0.43
N SER E 21 24.53 -10.27 1.05
CA SER E 21 24.35 -9.95 2.46
C SER E 21 23.29 -8.87 2.65
N PRO E 22 23.14 -8.37 3.88
CA PRO E 22 22.19 -7.33 4.21
C PRO E 22 22.01 -6.35 3.05
N VAL E 23 22.97 -6.34 2.13
CA VAL E 23 22.93 -5.46 0.97
C VAL E 23 21.68 -5.71 0.14
N GLN E 24 21.32 -6.99 -0.01
CA GLN E 24 20.15 -7.37 -0.79
C GLN E 24 19.02 -6.37 -0.62
N LEU E 25 19.18 -5.43 0.31
CA LEU E 25 18.17 -4.42 0.55
C LEU E 25 18.17 -3.34 -0.53
N GLN E 26 19.35 -3.01 -1.04
CA GLN E 26 19.48 -1.99 -2.07
C GLN E 26 18.96 -2.49 -3.42
N GLU E 27 18.90 -3.81 -3.56
CA GLU E 27 18.42 -4.42 -4.80
C GLU E 27 16.90 -4.46 -4.86
N LEU E 28 16.28 -4.92 -3.78
CA LEU E 28 14.83 -5.00 -3.71
C LEU E 28 14.20 -3.62 -3.82
N LEU E 29 14.80 -2.65 -3.14
CA LEU E 29 14.29 -1.27 -3.16
C LEU E 29 14.19 -0.77 -4.60
N ALA E 30 15.23 -1.02 -5.39
CA ALA E 30 15.25 -0.64 -6.79
C ALA E 30 14.35 -1.56 -7.61
N SER E 31 14.12 -2.76 -7.07
CA SER E 31 13.25 -3.74 -7.72
C SER E 31 11.86 -3.71 -7.11
N SER E 32 11.51 -2.57 -6.53
CA SER E 32 10.21 -2.41 -5.89
C SER E 32 9.09 -2.26 -6.93
N ASP E 33 9.06 -3.18 -7.88
CA ASP E 33 8.03 -3.16 -8.92
C ASP E 33 7.34 -4.51 -9.03
N LEU E 34 6.40 -4.77 -8.13
CA LEU E 34 5.67 -6.02 -8.11
C LEU E 34 4.74 -6.14 -9.30
N VAL E 35 4.80 -7.28 -9.99
CA VAL E 35 3.97 -7.53 -11.15
C VAL E 35 2.92 -8.61 -10.86
N ASN E 36 1.65 -8.22 -10.90
CA ASN E 36 0.56 -9.15 -10.65
C ASN E 36 -0.25 -9.43 -11.92
N LEU E 37 -0.19 -10.67 -12.39
CA LEU E 37 -0.90 -11.06 -13.60
C LEU E 37 -1.89 -12.19 -13.34
N ASP E 38 -2.97 -12.21 -14.11
CA ASP E 38 -3.98 -13.25 -13.97
C ASP E 38 -3.86 -14.29 -15.08
N LYS E 39 -4.95 -15.01 -15.33
CA LYS E 39 -4.96 -16.04 -16.36
C LYS E 39 -4.91 -15.44 -17.75
N GLY E 40 -3.98 -15.95 -18.57
CA GLY E 40 -3.83 -15.46 -19.95
C GLY E 40 -3.15 -14.10 -20.00
N ALA E 41 -2.09 -13.94 -19.23
CA ALA E 41 -1.34 -12.68 -19.21
C ALA E 41 0.12 -12.91 -19.57
N TYR E 42 0.68 -11.99 -20.35
CA TYR E 42 2.07 -12.09 -20.78
C TYR E 42 3.02 -11.35 -19.84
N VAL E 43 4.16 -11.95 -19.56
CA VAL E 43 5.19 -11.32 -18.76
C VAL E 43 6.11 -10.49 -19.66
N PHE E 44 6.62 -11.13 -20.71
CA PHE E 44 7.43 -10.45 -21.71
C PHE E 44 7.37 -11.18 -23.05
N ARG E 45 7.10 -10.43 -24.11
CA ARG E 45 6.93 -11.02 -25.44
C ARG E 45 8.26 -11.19 -26.17
N GLN E 46 8.24 -12.00 -27.21
CA GLN E 46 9.44 -12.25 -28.02
C GLN E 46 9.70 -11.07 -28.96
N GLY E 47 10.86 -10.45 -28.80
CA GLY E 47 11.21 -9.29 -29.60
C GLY E 47 11.37 -8.04 -28.76
N GLU E 48 10.78 -8.06 -27.58
CA GLU E 48 10.87 -6.94 -26.65
C GLU E 48 12.28 -6.84 -26.06
N PRO E 49 12.76 -5.60 -25.88
CA PRO E 49 14.09 -5.35 -25.30
C PRO E 49 14.19 -5.93 -23.89
N ALA E 50 15.31 -6.58 -23.61
CA ALA E 50 15.55 -7.15 -22.29
C ALA E 50 16.00 -6.09 -21.30
N HIS E 51 15.34 -6.04 -20.14
CA HIS E 51 15.66 -5.04 -19.13
C HIS E 51 15.77 -5.65 -17.73
N ALA E 52 14.95 -6.67 -17.46
CA ALA E 52 14.95 -7.30 -16.15
C ALA E 52 14.34 -8.70 -16.18
N PHE E 53 14.81 -9.56 -15.29
CA PHE E 53 14.29 -10.92 -15.16
C PHE E 53 13.24 -10.98 -14.07
N TYR E 54 12.58 -12.13 -13.92
CA TYR E 54 11.48 -12.25 -12.97
C TYR E 54 11.64 -13.42 -12.02
N TYR E 55 11.05 -13.29 -10.84
CA TYR E 55 11.02 -14.35 -9.84
C TYR E 55 9.58 -14.67 -9.45
N LEU E 56 9.20 -15.94 -9.57
CA LEU E 56 7.83 -16.36 -9.30
C LEU E 56 7.60 -16.66 -7.82
N ILE E 57 6.47 -16.18 -7.29
CA ILE E 57 6.10 -16.44 -5.91
C ILE E 57 5.22 -17.68 -5.82
N SER E 58 4.03 -17.60 -6.42
CA SER E 58 3.10 -18.72 -6.42
C SER E 58 2.33 -18.78 -7.74
N GLY E 59 2.33 -19.97 -8.34
CA GLY E 59 1.63 -20.16 -9.61
C GLY E 59 2.47 -20.93 -10.62
N CYS E 60 2.24 -20.66 -11.89
CA CYS E 60 2.97 -21.34 -12.96
C CYS E 60 3.17 -20.42 -14.17
N VAL E 61 4.42 -20.26 -14.59
CA VAL E 61 4.73 -19.44 -15.75
C VAL E 61 5.35 -20.29 -16.86
N LYS E 62 4.86 -20.11 -18.08
CA LYS E 62 5.32 -20.89 -19.23
C LYS E 62 6.16 -20.04 -20.18
N ILE E 63 7.33 -20.57 -20.54
CA ILE E 63 8.20 -19.92 -21.51
C ILE E 63 8.25 -20.73 -22.80
N TYR E 64 7.81 -20.13 -23.90
CA TYR E 64 7.72 -20.86 -25.17
C TYR E 64 8.20 -20.03 -26.35
N ARG E 65 8.69 -20.72 -27.38
CA ARG E 65 9.10 -20.07 -28.62
C ARG E 65 8.04 -20.28 -29.69
N LEU E 66 8.17 -19.54 -30.80
CA LEU E 66 7.20 -19.63 -31.87
C LEU E 66 7.71 -20.47 -33.04
N THR E 67 6.89 -21.41 -33.50
CA THR E 67 7.24 -22.25 -34.62
C THR E 67 6.66 -21.70 -35.91
N PRO E 68 7.24 -22.08 -37.06
CA PRO E 68 6.80 -21.61 -38.37
C PRO E 68 5.37 -22.02 -38.68
N GLU E 69 4.99 -23.22 -38.24
CA GLU E 69 3.63 -23.72 -38.48
C GLU E 69 2.60 -22.91 -37.71
N GLY E 70 2.95 -22.51 -36.50
CA GLY E 70 2.05 -21.73 -35.65
C GLY E 70 1.66 -22.46 -34.38
N GLN E 71 2.64 -23.09 -33.75
CA GLN E 71 2.41 -23.84 -32.52
C GLN E 71 3.31 -23.34 -31.40
N GLU E 72 2.77 -23.29 -30.19
CA GLU E 72 3.53 -22.84 -29.02
C GLU E 72 4.44 -23.95 -28.50
N LYS E 73 5.71 -23.90 -28.91
CA LYS E 73 6.68 -24.89 -28.48
C LYS E 73 7.22 -24.57 -27.09
N ILE E 74 6.71 -25.27 -26.09
CA ILE E 74 7.15 -25.07 -24.71
C ILE E 74 8.56 -25.58 -24.50
N LEU E 75 9.40 -24.74 -23.88
CA LEU E 75 10.79 -25.11 -23.62
C LEU E 75 10.97 -25.56 -22.18
N GLU E 76 10.41 -24.81 -21.25
CA GLU E 76 10.52 -25.13 -19.83
C GLU E 76 9.28 -24.69 -19.05
N VAL E 77 8.98 -25.42 -17.98
CA VAL E 77 7.84 -25.09 -17.12
C VAL E 77 8.32 -24.60 -15.76
N THR E 78 8.06 -23.34 -15.46
CA THR E 78 8.50 -22.73 -14.20
C THR E 78 7.47 -22.93 -13.09
N ASN E 79 7.95 -23.39 -11.94
CA ASN E 79 7.07 -23.60 -10.79
C ASN E 79 7.29 -22.54 -9.70
N GLU E 80 6.54 -22.67 -8.61
CA GLU E 80 6.60 -21.72 -7.51
C GLU E 80 7.98 -21.70 -6.85
N ARG E 81 8.37 -20.53 -6.35
CA ARG E 81 9.66 -20.38 -5.67
C ARG E 81 10.82 -20.70 -6.61
N ASN E 82 10.79 -20.13 -7.80
CA ASN E 82 11.85 -20.36 -8.78
C ASN E 82 12.00 -19.19 -9.76
N THR E 83 13.24 -18.83 -10.04
CA THR E 83 13.52 -17.75 -10.98
C THR E 83 13.56 -18.30 -12.41
N PHE E 84 13.40 -17.41 -13.38
CA PHE E 84 13.42 -17.80 -14.79
C PHE E 84 13.86 -16.65 -15.68
N ALA E 85 14.58 -16.99 -16.75
CA ALA E 85 15.05 -15.99 -17.70
C ALA E 85 16.08 -15.05 -17.06
N GLU E 86 16.94 -15.61 -16.23
CA GLU E 86 17.98 -14.84 -15.55
C GLU E 86 19.32 -14.96 -16.28
N ALA E 87 19.39 -15.90 -17.21
CA ALA E 87 20.62 -16.12 -17.97
C ALA E 87 20.79 -15.07 -19.07
N MET E 88 19.81 -14.19 -19.18
CA MET E 88 19.84 -13.14 -20.19
C MET E 88 20.74 -11.98 -19.77
N MET E 89 20.98 -11.88 -18.47
CA MET E 89 21.82 -10.82 -17.92
C MET E 89 23.29 -10.99 -18.29
N PHE E 90 23.78 -12.22 -18.12
CA PHE E 90 25.18 -12.51 -18.39
C PHE E 90 25.51 -12.37 -19.87
N MET E 91 24.52 -12.59 -20.71
CA MET E 91 24.70 -12.46 -22.16
C MET E 91 24.44 -11.01 -22.59
N ASP E 92 25.11 -10.61 -23.67
CA ASP E 92 24.97 -9.24 -24.18
C ASP E 92 23.80 -9.13 -25.16
N THR E 93 22.81 -10.00 -25.00
CA THR E 93 21.64 -9.98 -25.87
C THR E 93 20.71 -8.84 -25.51
N PRO E 94 20.29 -8.07 -26.51
CA PRO E 94 19.42 -6.90 -26.31
C PRO E 94 17.95 -7.26 -26.26
N ASN E 95 17.60 -8.44 -26.78
CA ASN E 95 16.20 -8.86 -26.84
C ASN E 95 15.96 -10.22 -26.19
N TYR E 96 14.71 -10.50 -25.86
CA TYR E 96 14.33 -11.78 -25.27
C TYR E 96 14.32 -12.89 -26.32
N VAL E 97 14.50 -14.12 -25.87
CA VAL E 97 14.57 -15.26 -26.79
C VAL E 97 13.21 -15.92 -26.98
N ALA E 98 12.44 -16.04 -25.90
CA ALA E 98 11.13 -16.68 -25.95
C ALA E 98 10.05 -15.82 -25.30
N THR E 99 8.79 -16.17 -25.54
CA THR E 99 7.66 -15.45 -24.98
C THR E 99 7.23 -16.07 -23.66
N ALA E 100 6.93 -15.23 -22.67
CA ALA E 100 6.51 -15.70 -21.36
C ALA E 100 5.02 -15.43 -21.14
N GLN E 101 4.35 -16.38 -20.48
CA GLN E 101 2.93 -16.26 -20.21
C GLN E 101 2.53 -17.09 -18.99
N ALA E 102 1.41 -16.72 -18.37
CA ALA E 102 0.95 -17.41 -17.17
C ALA E 102 -0.41 -18.06 -17.40
N VAL E 103 -0.54 -19.30 -16.94
CA VAL E 103 -1.79 -20.04 -17.08
C VAL E 103 -2.70 -19.82 -15.87
N VAL E 104 -2.10 -19.42 -14.76
CA VAL E 104 -2.84 -19.16 -13.53
C VAL E 104 -2.38 -17.86 -12.89
N PRO E 105 -3.26 -17.22 -12.12
CA PRO E 105 -2.93 -15.96 -11.44
C PRO E 105 -1.67 -16.11 -10.59
N SER E 106 -0.65 -15.33 -10.90
CA SER E 106 0.62 -15.44 -10.20
C SER E 106 1.20 -14.09 -9.79
N GLN E 107 2.07 -14.11 -8.79
CA GLN E 107 2.75 -12.91 -8.33
C GLN E 107 4.22 -12.99 -8.72
N LEU E 108 4.77 -11.89 -9.24
CA LEU E 108 6.14 -11.89 -9.70
C LEU E 108 6.90 -10.60 -9.38
N PHE E 109 8.14 -10.76 -8.96
CA PHE E 109 9.04 -9.63 -8.70
C PHE E 109 9.84 -9.31 -9.95
N ARG E 110 10.18 -8.04 -10.13
CA ARG E 110 10.92 -7.60 -11.31
C ARG E 110 12.29 -7.04 -10.95
N PHE E 111 13.30 -7.89 -11.00
CA PHE E 111 14.67 -7.48 -10.71
C PHE E 111 15.37 -6.96 -11.97
N SER E 112 15.80 -5.71 -11.93
CA SER E 112 16.46 -5.08 -13.08
C SER E 112 17.80 -5.74 -13.38
N ASN E 113 18.12 -5.86 -14.67
CA ASN E 113 19.39 -6.44 -15.09
C ASN E 113 20.56 -5.51 -14.81
N LYS E 114 20.34 -4.21 -15.03
CA LYS E 114 21.37 -3.21 -14.80
C LYS E 114 21.64 -3.03 -13.31
N ALA E 115 20.60 -3.20 -12.50
CA ALA E 115 20.72 -3.05 -11.05
C ALA E 115 21.43 -4.25 -10.44
N TYR E 116 21.29 -5.41 -11.08
CA TYR E 116 21.90 -6.63 -10.59
C TYR E 116 23.39 -6.65 -10.89
N LEU E 117 23.78 -5.96 -11.96
CA LEU E 117 25.18 -5.87 -12.35
C LEU E 117 25.92 -4.83 -11.52
N ARG E 118 25.17 -3.97 -10.86
CA ARG E 118 25.74 -2.93 -10.01
C ARG E 118 26.60 -3.54 -8.91
N GLN E 119 26.02 -4.50 -8.18
CA GLN E 119 26.75 -5.17 -7.10
C GLN E 119 27.74 -6.18 -7.66
N LEU E 120 27.74 -6.34 -8.99
CA LEU E 120 28.58 -7.33 -9.64
C LEU E 120 29.74 -6.68 -10.39
N GLN E 121 29.89 -5.37 -10.23
CA GLN E 121 30.97 -4.64 -10.90
C GLN E 121 32.31 -4.92 -10.20
N ASP E 122 32.27 -4.99 -8.87
CA ASP E 122 33.47 -5.32 -8.11
C ASP E 122 34.01 -6.69 -8.52
N ASN E 123 33.11 -7.67 -8.60
CA ASN E 123 33.45 -8.99 -9.12
C ASN E 123 34.44 -9.76 -8.25
N THR E 124 35.73 -9.49 -8.44
CA THR E 124 36.80 -10.22 -7.77
C THR E 124 36.35 -10.97 -6.52
N PRO E 125 36.09 -10.24 -5.43
CA PRO E 125 35.85 -10.84 -4.11
C PRO E 125 34.39 -11.24 -3.87
N LEU E 126 33.47 -10.69 -4.64
CA LEU E 126 32.05 -10.93 -4.42
C LEU E 126 31.46 -11.95 -5.40
N ALA E 127 31.80 -11.80 -6.68
CA ALA E 127 31.24 -12.66 -7.72
C ALA E 127 31.49 -14.14 -7.46
N LEU E 128 32.61 -14.45 -6.81
CA LEU E 128 32.96 -15.83 -6.51
C LEU E 128 31.92 -16.50 -5.63
N ALA E 129 31.37 -15.74 -4.68
CA ALA E 129 30.36 -16.26 -3.78
C ALA E 129 29.11 -16.67 -4.55
N LEU E 130 28.68 -15.84 -5.49
CA LEU E 130 27.52 -16.13 -6.31
C LEU E 130 27.83 -17.25 -7.31
N LEU E 131 29.10 -17.40 -7.63
CA LEU E 131 29.54 -18.44 -8.55
C LEU E 131 29.65 -19.78 -7.83
N ALA E 132 29.61 -19.74 -6.50
CA ALA E 132 29.73 -20.94 -5.70
C ALA E 132 28.37 -21.56 -5.40
N LYS E 133 27.41 -20.70 -5.02
CA LYS E 133 26.07 -21.16 -4.70
C LYS E 133 25.39 -21.81 -5.90
N LEU E 134 25.62 -21.24 -7.08
CA LEU E 134 25.04 -21.76 -8.31
C LEU E 134 25.75 -23.02 -8.76
N SER E 135 26.84 -23.36 -8.07
CA SER E 135 27.62 -24.55 -8.40
C SER E 135 27.39 -25.67 -7.39
N THR E 136 27.23 -25.30 -6.13
CA THR E 136 26.99 -26.28 -5.07
C THR E 136 25.59 -26.86 -5.16
N ARG E 137 24.69 -26.10 -5.79
CA ARG E 137 23.32 -26.55 -6.02
C ARG E 137 23.29 -27.78 -6.93
N LEU E 138 24.10 -27.73 -7.99
CA LEU E 138 24.13 -28.80 -8.98
C LEU E 138 24.26 -30.18 -8.33
N HIS E 139 25.31 -30.34 -7.52
CA HIS E 139 25.55 -31.62 -6.87
C HIS E 139 24.29 -32.18 -6.20
N GLN E 140 23.50 -31.30 -5.60
CA GLN E 140 22.26 -31.70 -4.96
C GLN E 140 21.17 -31.97 -5.98
N ARG E 141 21.26 -31.31 -7.13
CA ARG E 141 20.28 -31.48 -8.20
C ARG E 141 20.48 -32.80 -8.93
N ILE E 142 21.72 -33.10 -9.28
CA ILE E 142 22.05 -34.33 -10.00
C ILE E 142 21.75 -35.56 -9.15
N ASP E 143 22.01 -35.47 -7.87
CA ASP E 143 21.76 -36.58 -6.95
C ASP E 143 20.26 -36.88 -6.86
N GLU E 144 19.45 -35.83 -6.96
CA GLU E 144 18.00 -35.97 -6.87
C GLU E 144 17.45 -36.65 -8.12
N ILE E 145 18.10 -36.44 -9.25
CA ILE E 145 17.68 -37.04 -10.52
C ILE E 145 18.07 -38.50 -10.61
N GLU E 146 19.29 -38.82 -10.18
CA GLU E 146 19.80 -40.17 -10.23
C GLU E 146 18.98 -41.10 -9.32
N THR E 147 18.48 -40.56 -8.22
CA THR E 147 17.69 -41.34 -7.27
C THR E 147 16.27 -41.56 -7.79
N LEU E 148 15.70 -40.50 -8.36
CA LEU E 148 14.33 -40.56 -8.87
C LEU E 148 14.25 -41.39 -10.15
N SER E 149 15.30 -41.33 -10.95
CA SER E 149 15.35 -42.07 -12.21
C SER E 149 15.25 -43.57 -11.98
N LEU E 150 15.97 -44.05 -10.96
CA LEU E 150 15.96 -45.47 -10.62
C LEU E 150 14.60 -45.86 -10.04
N LYS E 151 14.00 -44.96 -9.29
CA LYS E 151 12.70 -45.20 -8.68
C LYS E 151 11.65 -45.46 -9.78
N ASN E 152 11.77 -44.73 -10.88
CA ASN E 152 10.87 -44.92 -12.01
C ASN E 152 11.24 -46.15 -12.84
N ALA E 153 12.52 -46.54 -12.77
CA ALA E 153 13.01 -47.70 -13.49
C ALA E 153 12.63 -48.99 -12.77
N THR E 154 12.51 -48.91 -11.44
CA THR E 154 12.16 -50.07 -10.64
C THR E 154 10.67 -50.36 -10.72
N HIS E 155 9.88 -49.34 -11.03
CA HIS E 155 8.43 -49.48 -11.13
C HIS E 155 8.01 -49.83 -12.55
N ARG E 156 8.92 -49.64 -13.50
CA ARG E 156 8.63 -49.91 -14.91
C ARG E 156 9.07 -51.32 -15.30
N VAL E 157 10.03 -51.87 -14.55
CA VAL E 157 10.55 -53.20 -14.84
C VAL E 157 9.64 -54.30 -14.28
N VAL E 158 9.02 -54.01 -13.13
CA VAL E 158 8.13 -54.97 -12.49
C VAL E 158 6.84 -55.14 -13.28
N ARG E 159 6.39 -54.06 -13.92
CA ARG E 159 5.17 -54.09 -14.71
C ARG E 159 5.28 -55.09 -15.86
N TYR E 160 6.48 -55.18 -16.44
CA TYR E 160 6.72 -56.10 -17.55
C TYR E 160 6.83 -57.54 -17.06
N LEU E 161 7.16 -57.70 -15.78
CA LEU E 161 7.30 -59.02 -15.18
C LEU E 161 5.95 -59.56 -14.73
N LEU E 162 5.10 -58.67 -14.24
CA LEU E 162 3.77 -59.06 -13.77
C LEU E 162 2.87 -59.49 -14.92
N THR E 163 3.06 -58.87 -16.08
CA THR E 163 2.27 -59.19 -17.26
C THR E 163 2.61 -60.58 -17.79
N LEU E 164 3.89 -60.87 -17.90
CA LEU E 164 4.35 -62.16 -18.40
C LEU E 164 3.85 -63.31 -17.52
N ALA E 165 3.87 -63.11 -16.25
CA ALA E 165 3.31 -64.08 -15.32
C ALA E 165 1.82 -64.09 -15.58
N ALA E 166 1.41 -63.20 -16.48
CA ALA E 166 0.03 -63.09 -16.88
C ALA E 166 -0.08 -63.60 -18.30
N HIS E 167 -0.03 -62.68 -19.24
CA HIS E 167 0.06 -63.00 -20.65
C HIS E 167 1.02 -64.15 -20.85
N ALA E 168 0.66 -65.11 -21.71
CA ALA E 168 1.50 -66.26 -22.00
C ALA E 168 1.58 -67.21 -20.83
N PRO E 169 1.38 -68.50 -21.09
CA PRO E 169 1.31 -69.49 -20.03
C PRO E 169 2.66 -70.08 -19.71
N GLY E 170 2.80 -71.37 -19.98
CA GLY E 170 4.03 -72.07 -19.72
C GLY E 170 4.18 -72.43 -18.27
N GLU E 171 3.23 -73.19 -17.75
CA GLU E 171 3.24 -73.60 -16.36
C GLU E 171 2.57 -72.54 -15.49
N ASN E 172 2.20 -71.42 -16.11
CA ASN E 172 1.55 -70.34 -15.39
C ASN E 172 2.45 -69.69 -14.35
N CYS E 173 3.21 -68.68 -14.82
CA CYS E 173 4.06 -67.95 -13.89
C CYS E 173 5.51 -67.94 -14.37
N ARG E 174 5.72 -68.30 -15.63
CA ARG E 174 7.05 -68.34 -16.21
C ARG E 174 7.12 -67.50 -17.48
N VAL E 175 8.28 -66.89 -17.72
CA VAL E 175 8.49 -66.08 -18.91
C VAL E 175 8.70 -66.96 -20.14
N GLU E 176 7.91 -66.70 -21.18
CA GLU E 176 7.98 -67.50 -22.40
C GLU E 176 8.86 -66.84 -23.46
N ILE E 177 8.72 -65.53 -23.61
CA ILE E 177 9.50 -64.78 -24.59
C ILE E 177 10.93 -64.58 -24.12
N PRO E 178 11.91 -65.01 -24.92
CA PRO E 178 13.31 -64.87 -24.60
C PRO E 178 13.69 -63.42 -24.32
N VAL E 179 13.67 -63.03 -23.05
CA VAL E 179 13.98 -61.66 -22.66
C VAL E 179 15.46 -61.50 -22.37
N ALA E 180 16.10 -60.58 -23.09
CA ALA E 180 17.52 -60.30 -22.90
C ALA E 180 17.72 -58.96 -22.21
N LYS E 181 18.98 -58.55 -22.08
CA LYS E 181 19.31 -57.28 -21.44
C LYS E 181 19.07 -56.10 -22.36
N GLN E 182 18.98 -56.38 -23.66
CA GLN E 182 18.77 -55.34 -24.66
C GLN E 182 17.30 -55.27 -25.09
N LEU E 183 16.57 -56.36 -24.86
CA LEU E 183 15.16 -56.43 -25.23
C LEU E 183 14.32 -55.48 -24.38
N VAL E 184 14.70 -55.34 -23.12
CA VAL E 184 13.97 -54.46 -22.20
C VAL E 184 14.12 -53.01 -22.61
N ALA E 185 15.27 -52.67 -23.19
CA ALA E 185 15.53 -51.32 -23.66
C ALA E 185 14.57 -50.93 -24.76
N GLY E 186 13.83 -51.91 -25.27
CA GLY E 186 12.86 -51.68 -26.33
C GLY E 186 11.44 -51.80 -25.85
N HIS E 187 11.21 -52.68 -24.87
CA HIS E 187 9.89 -52.87 -24.29
C HIS E 187 9.52 -51.73 -23.36
N LEU E 188 10.48 -51.27 -22.57
CA LEU E 188 10.24 -50.22 -21.58
C LEU E 188 11.09 -48.98 -21.84
N SER E 189 12.11 -49.14 -22.68
CA SER E 189 13.00 -48.03 -23.02
C SER E 189 13.70 -47.49 -21.78
N ILE E 190 14.47 -48.35 -21.12
CA ILE E 190 15.22 -47.96 -19.93
C ILE E 190 16.72 -48.01 -20.18
N GLN E 191 17.47 -47.20 -19.44
CA GLN E 191 18.92 -47.17 -19.57
C GLN E 191 19.53 -48.53 -19.27
N PRO E 192 20.48 -48.96 -20.11
CA PRO E 192 21.14 -50.24 -19.94
C PRO E 192 21.84 -50.36 -18.59
N GLU E 193 22.37 -49.26 -18.09
CA GLU E 193 23.12 -49.26 -16.83
C GLU E 193 22.21 -49.32 -15.62
N THR E 194 21.02 -48.72 -15.76
CA THR E 194 20.06 -48.67 -14.64
C THR E 194 19.25 -49.96 -14.52
N PHE E 195 18.94 -50.57 -15.67
CA PHE E 195 18.13 -51.78 -15.70
C PHE E 195 18.82 -52.96 -15.04
N SER E 196 20.07 -53.20 -15.42
CA SER E 196 20.82 -54.35 -14.92
C SER E 196 20.92 -54.38 -13.40
N ARG E 197 21.32 -53.25 -12.82
CA ARG E 197 21.51 -53.15 -11.38
C ARG E 197 20.27 -53.56 -10.59
N ILE E 198 19.10 -53.29 -11.15
CA ILE E 198 17.84 -53.60 -10.49
C ILE E 198 17.56 -55.10 -10.47
N MET E 199 17.90 -55.77 -11.58
CA MET E 199 17.66 -57.19 -11.70
C MET E 199 18.51 -58.01 -10.72
N HIS E 200 19.74 -57.56 -10.50
CA HIS E 200 20.66 -58.26 -9.61
C HIS E 200 20.21 -58.14 -8.15
N ARG E 201 19.63 -57.00 -7.80
CA ARG E 201 19.16 -56.77 -6.44
C ARG E 201 17.84 -57.49 -6.17
N LEU E 202 16.93 -57.42 -7.13
CA LEU E 202 15.62 -58.06 -7.01
C LEU E 202 15.74 -59.58 -7.06
N GLY E 203 16.77 -60.07 -7.76
CA GLY E 203 16.98 -61.51 -7.90
C GLY E 203 17.54 -62.13 -6.64
N ASP E 204 18.40 -61.39 -5.94
CA ASP E 204 19.00 -61.88 -4.70
C ASP E 204 18.05 -61.72 -3.52
N GLU E 205 16.95 -61.09 -3.67
CA GLU E 205 15.98 -60.94 -2.60
C GLU E 205 14.99 -62.11 -2.54
N GLY E 206 15.44 -63.27 -3.27
CA GLY E 206 14.57 -64.44 -3.15
C GLY E 206 13.22 -64.22 -3.79
N ILE E 207 13.23 -63.67 -4.99
CA ILE E 207 11.98 -63.40 -5.72
C ILE E 207 11.99 -64.07 -7.09
N ILE E 208 12.98 -63.72 -7.91
CA ILE E 208 13.09 -64.27 -9.25
C ILE E 208 14.50 -64.83 -9.51
N HIS E 209 14.54 -65.98 -10.18
CA HIS E 209 15.81 -66.62 -10.50
C HIS E 209 16.36 -66.13 -11.83
N LEU E 210 17.46 -65.37 -11.77
CA LEU E 210 18.08 -64.83 -12.97
C LEU E 210 19.47 -65.43 -13.17
N ASP E 211 19.72 -65.91 -14.40
CA ASP E 211 21.01 -66.51 -14.73
C ASP E 211 21.50 -66.03 -16.09
N GLY E 212 20.60 -66.02 -17.07
CA GLY E 212 20.94 -65.60 -18.42
C GLY E 212 19.84 -65.92 -19.41
N ARG E 213 18.94 -64.98 -19.63
CA ARG E 213 17.83 -65.17 -20.56
C ARG E 213 16.70 -65.95 -19.91
N GLU E 214 17.03 -67.11 -19.33
CA GLU E 214 16.04 -67.94 -18.67
C GLU E 214 15.54 -67.30 -17.38
N ILE E 215 14.26 -66.95 -17.36
CA ILE E 215 13.67 -66.31 -16.19
C ILE E 215 12.61 -67.20 -15.53
N SER E 216 12.68 -67.29 -14.21
CA SER E 216 11.71 -68.08 -13.45
C SER E 216 11.48 -67.43 -12.08
N ILE E 217 10.22 -67.20 -11.75
CA ILE E 217 9.87 -66.53 -10.50
C ILE E 217 9.46 -67.52 -9.41
N LEU E 218 9.56 -67.08 -8.16
CA LEU E 218 9.19 -67.93 -7.03
C LEU E 218 7.99 -67.34 -6.28
N ASP E 219 8.25 -66.31 -5.47
CA ASP E 219 7.20 -65.66 -4.70
C ASP E 219 6.70 -64.40 -5.40
N ARG E 220 5.39 -64.22 -5.42
CA ARG E 220 4.78 -63.04 -6.04
C ARG E 220 4.10 -62.17 -4.99
N GLU E 221 4.06 -62.66 -3.76
CA GLU E 221 3.44 -61.93 -2.66
C GLU E 221 4.19 -60.64 -2.36
N ARG E 222 5.53 -60.75 -2.29
CA ARG E 222 6.36 -59.59 -2.03
C ARG E 222 6.45 -58.69 -3.25
N LEU E 223 6.36 -59.28 -4.43
CA LEU E 223 6.40 -58.53 -5.68
C LEU E 223 5.23 -57.55 -5.75
N GLU E 224 4.09 -57.97 -5.22
CA GLU E 224 2.90 -57.13 -5.21
C GLU E 224 3.11 -55.92 -4.29
N CYS E 225 3.95 -56.08 -3.28
CA CYS E 225 4.25 -55.01 -2.35
C CYS E 225 5.40 -54.15 -2.86
N PHE E 226 6.16 -54.69 -3.80
CA PHE E 226 7.29 -53.97 -4.38
C PHE E 226 6.93 -53.41 -5.76
N GLU E 227 5.53 -53.13 -5.90
CA GLU E 227 4.99 -52.49 -7.09
C GLU E 227 5.27 -50.99 -7.09
N MET F 1 50.70 -35.22 -21.54
CA MET F 1 50.68 -33.92 -22.27
C MET F 1 50.11 -34.09 -23.67
N GLU F 2 50.48 -35.18 -24.34
CA GLU F 2 50.02 -35.48 -25.69
C GLU F 2 48.59 -35.99 -25.69
N PHE F 3 48.25 -36.80 -24.70
CA PHE F 3 46.92 -37.37 -24.57
C PHE F 3 45.91 -36.35 -24.07
N GLN F 4 46.32 -35.49 -23.15
CA GLN F 4 45.46 -34.49 -22.52
C GLN F 4 44.94 -33.46 -23.50
N ARG F 5 45.74 -33.17 -24.53
CA ARG F 5 45.34 -32.21 -25.56
C ARG F 5 44.31 -32.83 -26.49
N VAL F 6 44.33 -34.15 -26.62
CA VAL F 6 43.37 -34.84 -27.48
C VAL F 6 41.98 -34.87 -26.85
N HIS F 7 41.91 -35.31 -25.60
CA HIS F 7 40.64 -35.38 -24.88
C HIS F 7 40.26 -34.04 -24.28
N GLN F 8 39.80 -33.13 -25.13
CA GLN F 8 39.41 -31.80 -24.68
C GLN F 8 37.95 -31.52 -25.04
N GLN F 9 37.41 -32.30 -25.98
CA GLN F 9 36.03 -32.14 -26.40
C GLN F 9 35.06 -32.49 -25.28
N LEU F 10 35.42 -33.52 -24.51
CA LEU F 10 34.60 -33.94 -23.39
C LEU F 10 34.54 -32.87 -22.32
N LEU F 11 35.64 -32.14 -22.17
CA LEU F 11 35.70 -31.04 -21.20
C LEU F 11 34.89 -29.84 -21.68
N GLN F 12 34.82 -29.66 -22.99
CA GLN F 12 34.06 -28.57 -23.58
C GLN F 12 32.56 -28.77 -23.37
N SER F 13 32.15 -30.02 -23.25
CA SER F 13 30.75 -30.34 -23.02
C SER F 13 30.35 -30.01 -21.58
N HIS F 14 31.33 -29.95 -20.70
CA HIS F 14 31.10 -29.61 -19.31
C HIS F 14 30.78 -28.12 -19.16
N HIS F 15 30.03 -27.78 -18.12
CA HIS F 15 29.57 -26.41 -17.93
C HIS F 15 30.66 -25.45 -17.45
N LEU F 16 31.70 -26.00 -16.81
CA LEU F 16 32.76 -25.18 -16.24
C LEU F 16 33.86 -24.84 -17.25
N PHE F 17 33.88 -25.56 -18.36
CA PHE F 17 34.91 -25.37 -19.36
C PHE F 17 34.35 -25.02 -20.74
N GLU F 18 33.05 -24.77 -20.79
CA GLU F 18 32.39 -24.44 -22.05
C GLU F 18 32.61 -22.99 -22.46
N PRO F 19 32.42 -22.07 -21.51
CA PRO F 19 32.60 -20.64 -21.74
C PRO F 19 34.06 -20.28 -22.05
N LEU F 20 34.99 -21.08 -21.53
CA LEU F 20 36.41 -20.85 -21.74
C LEU F 20 36.82 -21.05 -23.19
N SER F 21 37.81 -20.28 -23.63
CA SER F 21 38.31 -20.37 -25.00
C SER F 21 39.26 -21.56 -25.16
N PRO F 22 39.32 -22.12 -26.37
CA PRO F 22 40.19 -23.26 -26.67
C PRO F 22 41.63 -23.01 -26.25
N VAL F 23 42.04 -21.75 -26.27
CA VAL F 23 43.40 -21.37 -25.89
C VAL F 23 43.60 -21.54 -24.39
N GLN F 24 42.58 -21.19 -23.61
CA GLN F 24 42.64 -21.30 -22.16
C GLN F 24 42.55 -22.76 -21.71
N LEU F 25 41.77 -23.55 -22.44
CA LEU F 25 41.59 -24.96 -22.12
C LEU F 25 42.86 -25.75 -22.39
N GLN F 26 43.63 -25.31 -23.38
CA GLN F 26 44.88 -25.98 -23.73
C GLN F 26 46.01 -25.58 -22.80
N GLU F 27 45.85 -24.44 -22.13
CA GLU F 27 46.85 -23.94 -21.20
C GLU F 27 46.57 -24.42 -19.78
N LEU F 28 45.31 -24.71 -19.49
CA LEU F 28 44.89 -25.18 -18.18
C LEU F 28 45.30 -26.63 -17.95
N LEU F 29 45.27 -27.42 -19.01
CA LEU F 29 45.64 -28.83 -18.92
C LEU F 29 47.16 -29.01 -18.90
N ALA F 30 47.88 -27.95 -19.23
CA ALA F 30 49.34 -27.99 -19.25
C ALA F 30 49.91 -27.99 -17.83
N SER F 31 49.16 -27.41 -16.90
CA SER F 31 49.59 -27.32 -15.51
C SER F 31 49.05 -28.50 -14.69
N SER F 32 47.88 -28.99 -15.06
CA SER F 32 47.25 -30.10 -14.36
C SER F 32 47.92 -31.42 -14.70
N ASP F 33 47.90 -32.35 -13.74
CA ASP F 33 48.50 -33.67 -13.94
C ASP F 33 47.46 -34.78 -13.83
N LEU F 34 47.64 -35.84 -14.60
CA LEU F 34 46.71 -36.96 -14.59
C LEU F 34 46.95 -37.86 -13.37
N VAL F 35 45.87 -38.18 -12.65
CA VAL F 35 45.96 -39.02 -11.47
C VAL F 35 45.14 -40.29 -11.63
N ASN F 36 45.80 -41.43 -11.49
CA ASN F 36 45.12 -42.71 -11.61
C ASN F 36 45.22 -43.52 -10.32
N LEU F 37 44.08 -43.70 -9.65
CA LEU F 37 44.05 -44.40 -8.37
C LEU F 37 43.40 -45.77 -8.49
N ASP F 38 43.70 -46.65 -7.53
CA ASP F 38 43.14 -48.00 -7.53
C ASP F 38 41.91 -48.06 -6.63
N LYS F 39 41.47 -49.29 -6.33
CA LYS F 39 40.28 -49.49 -5.49
C LYS F 39 40.59 -49.19 -4.03
N GLY F 40 39.77 -48.36 -3.42
CA GLY F 40 39.94 -48.00 -2.02
C GLY F 40 41.07 -47.01 -1.80
N ALA F 41 41.22 -46.08 -2.73
CA ALA F 41 42.27 -45.06 -2.65
C ALA F 41 41.68 -43.70 -2.28
N TYR F 42 42.42 -42.94 -1.48
CA TYR F 42 41.97 -41.62 -1.05
C TYR F 42 42.42 -40.53 -2.02
N VAL F 43 41.47 -39.71 -2.47
CA VAL F 43 41.78 -38.59 -3.35
C VAL F 43 42.32 -37.43 -2.53
N PHE F 44 41.49 -36.92 -1.62
CA PHE F 44 41.90 -35.87 -0.71
C PHE F 44 41.27 -36.07 0.67
N ARG F 45 42.09 -35.98 1.71
CA ARG F 45 41.65 -36.26 3.07
C ARG F 45 41.11 -35.01 3.77
N GLN F 46 40.21 -35.23 4.73
CA GLN F 46 39.62 -34.13 5.49
C GLN F 46 40.63 -33.52 6.45
N GLY F 47 40.79 -32.20 6.38
CA GLY F 47 41.72 -31.50 7.25
C GLY F 47 43.03 -31.17 6.55
N GLU F 48 43.41 -32.04 5.62
CA GLU F 48 44.63 -31.82 4.86
C GLU F 48 44.54 -30.57 4.02
N PRO F 49 45.60 -30.26 3.30
CA PRO F 49 45.65 -29.08 2.45
C PRO F 49 44.79 -29.25 1.21
N ALA F 50 43.79 -28.41 1.08
CA ALA F 50 42.90 -28.48 -0.06
C ALA F 50 43.16 -27.33 -1.03
N HIS F 51 43.38 -27.70 -2.29
CA HIS F 51 43.62 -26.67 -3.30
C HIS F 51 43.61 -27.26 -4.70
N ALA F 52 42.56 -28.04 -5.01
CA ALA F 52 42.44 -28.65 -6.32
C ALA F 52 41.15 -29.45 -6.46
N PHE F 53 40.32 -29.05 -7.42
CA PHE F 53 39.07 -29.77 -7.70
C PHE F 53 39.30 -30.82 -8.77
N TYR F 54 38.54 -31.91 -8.71
CA TYR F 54 38.77 -33.05 -9.59
C TYR F 54 37.64 -33.28 -10.60
N TYR F 55 37.99 -33.89 -11.72
CA TYR F 55 37.02 -34.23 -12.76
C TYR F 55 37.06 -35.72 -13.05
N LEU F 56 35.96 -36.41 -12.79
CA LEU F 56 35.89 -37.85 -12.99
C LEU F 56 35.46 -38.22 -14.40
N ILE F 57 36.14 -39.22 -14.97
CA ILE F 57 35.82 -39.68 -16.32
C ILE F 57 35.16 -41.05 -16.28
N SER F 58 35.77 -41.97 -15.53
CA SER F 58 35.22 -43.32 -15.40
C SER F 58 35.38 -43.83 -13.96
N GLY F 59 34.30 -44.37 -13.41
CA GLY F 59 34.32 -44.90 -12.05
C GLY F 59 33.35 -44.19 -11.14
N CYS F 60 33.53 -44.38 -9.83
CA CYS F 60 32.67 -43.75 -8.84
C CYS F 60 33.47 -43.35 -7.60
N VAL F 61 33.29 -42.10 -7.17
CA VAL F 61 34.00 -41.58 -6.01
C VAL F 61 33.05 -41.06 -4.95
N LYS F 62 33.21 -41.53 -3.72
CA LYS F 62 32.38 -41.10 -2.61
C LYS F 62 33.13 -40.11 -1.72
N ILE F 63 32.39 -39.20 -1.09
CA ILE F 63 32.98 -38.20 -0.22
C ILE F 63 32.76 -38.55 1.25
N TYR F 64 31.49 -38.58 1.66
CA TYR F 64 31.13 -38.94 3.02
C TYR F 64 31.93 -38.17 4.08
N ARG F 65 31.44 -38.21 5.31
CA ARG F 65 32.12 -37.58 6.43
C ARG F 65 32.40 -38.59 7.54
N LEU F 66 33.20 -38.18 8.53
CA LEU F 66 33.54 -39.04 9.64
C LEU F 66 33.64 -38.26 10.94
N THR F 67 32.41 -37.45 11.12
CA THR F 67 32.16 -36.65 12.33
C THR F 67 31.43 -37.41 13.45
N PRO F 68 30.46 -38.33 13.11
CA PRO F 68 29.67 -38.91 14.19
C PRO F 68 30.40 -40.05 14.88
N GLU F 69 29.66 -40.86 15.63
CA GLU F 69 30.25 -42.00 16.33
C GLU F 69 30.76 -43.03 15.33
N GLY F 70 31.82 -42.69 14.61
CA GLY F 70 32.39 -43.57 13.61
C GLY F 70 31.47 -43.76 12.42
N GLN F 71 31.58 -44.91 11.78
CA GLN F 71 30.73 -45.23 10.62
C GLN F 71 31.05 -44.34 9.44
N GLU F 72 30.19 -44.38 8.42
CA GLU F 72 30.39 -43.63 7.20
C GLU F 72 29.08 -43.10 6.63
N LYS F 73 28.88 -41.79 6.73
CA LYS F 73 27.66 -41.16 6.22
C LYS F 73 27.91 -40.46 4.89
N ILE F 74 27.27 -40.96 3.85
CA ILE F 74 27.43 -40.40 2.50
C ILE F 74 26.61 -39.13 2.32
N LEU F 75 27.26 -38.07 1.83
CA LEU F 75 26.57 -36.81 1.57
C LEU F 75 26.11 -36.73 0.13
N GLU F 76 27.00 -37.09 -0.79
CA GLU F 76 26.68 -37.06 -2.22
C GLU F 76 27.55 -38.03 -3.00
N VAL F 77 26.98 -38.66 -4.02
CA VAL F 77 27.70 -39.62 -4.85
C VAL F 77 28.09 -38.99 -6.18
N THR F 78 29.36 -39.12 -6.55
CA THR F 78 29.86 -38.56 -7.80
C THR F 78 29.99 -39.61 -8.89
N ASN F 79 29.37 -39.34 -10.03
CA ASN F 79 29.43 -40.27 -11.17
C ASN F 79 30.31 -39.75 -12.29
N GLU F 80 30.24 -40.40 -13.44
CA GLU F 80 31.05 -40.02 -14.60
C GLU F 80 30.58 -38.72 -15.22
N ARG F 81 31.49 -38.01 -15.87
CA ARG F 81 31.17 -36.74 -16.51
C ARG F 81 30.67 -35.71 -15.49
N ASN F 82 31.15 -35.83 -14.26
CA ASN F 82 30.75 -34.92 -13.20
C ASN F 82 31.92 -34.55 -12.29
N THR F 83 31.95 -33.29 -11.86
CA THR F 83 33.01 -32.80 -10.98
C THR F 83 32.52 -32.72 -9.54
N PHE F 84 33.45 -32.85 -8.59
CA PHE F 84 33.11 -32.79 -7.17
C PHE F 84 34.11 -31.93 -6.41
N ALA F 85 33.65 -31.34 -5.31
CA ALA F 85 34.50 -30.48 -4.48
C ALA F 85 34.99 -29.28 -5.28
N GLU F 86 34.07 -28.68 -6.05
CA GLU F 86 34.41 -27.54 -6.89
C GLU F 86 34.12 -26.22 -6.17
N ALA F 87 33.42 -26.29 -5.05
CA ALA F 87 33.08 -25.11 -4.28
C ALA F 87 34.18 -24.75 -3.28
N MET F 88 35.24 -25.56 -3.26
CA MET F 88 36.35 -25.34 -2.34
C MET F 88 37.19 -24.13 -2.76
N MET F 89 37.11 -23.78 -4.04
CA MET F 89 37.87 -22.64 -4.56
C MET F 89 37.35 -21.32 -4.01
N PHE F 90 36.05 -21.28 -3.74
CA PHE F 90 35.41 -20.04 -3.28
C PHE F 90 35.34 -19.99 -1.75
N MET F 91 35.32 -21.15 -1.12
CA MET F 91 35.25 -21.23 0.34
C MET F 91 36.61 -20.94 0.96
N ASP F 92 36.72 -19.85 1.69
CA ASP F 92 37.99 -19.35 2.19
C ASP F 92 38.51 -20.21 3.33
N THR F 93 38.81 -21.47 3.01
CA THR F 93 39.35 -22.40 3.98
C THR F 93 40.54 -23.14 3.41
N PRO F 94 41.66 -23.10 4.09
CA PRO F 94 42.83 -23.79 3.57
C PRO F 94 42.76 -25.30 3.83
N ASN F 95 41.74 -25.72 4.56
CA ASN F 95 41.56 -27.13 4.90
C ASN F 95 40.33 -27.74 4.24
N TYR F 96 40.36 -29.06 4.04
CA TYR F 96 39.24 -29.75 3.42
C TYR F 96 38.14 -30.04 4.43
N VAL F 97 36.89 -29.88 4.00
CA VAL F 97 35.74 -30.07 4.88
C VAL F 97 35.32 -31.54 4.98
N ALA F 98 35.64 -32.31 3.94
CA ALA F 98 35.28 -33.72 3.91
C ALA F 98 36.37 -34.58 3.29
N THR F 99 36.24 -35.90 3.42
CA THR F 99 37.21 -36.83 2.88
C THR F 99 36.84 -37.23 1.45
N ALA F 100 37.61 -38.15 0.88
CA ALA F 100 37.37 -38.62 -0.48
C ALA F 100 37.92 -40.03 -0.68
N GLN F 101 37.09 -40.90 -1.26
CA GLN F 101 37.49 -42.28 -1.50
C GLN F 101 36.75 -42.87 -2.69
N ALA F 102 37.42 -43.75 -3.42
CA ALA F 102 36.83 -44.39 -4.60
C ALA F 102 36.49 -45.85 -4.32
N VAL F 103 35.28 -46.25 -4.68
CA VAL F 103 34.83 -47.62 -4.49
C VAL F 103 35.37 -48.54 -5.59
N VAL F 104 35.71 -47.94 -6.73
CA VAL F 104 36.25 -48.69 -7.86
C VAL F 104 37.36 -47.92 -8.54
N PRO F 105 38.33 -48.65 -9.12
CA PRO F 105 39.45 -48.04 -9.82
C PRO F 105 38.96 -46.93 -10.76
N SER F 106 39.36 -45.69 -10.48
CA SER F 106 38.91 -44.55 -11.26
C SER F 106 40.06 -43.67 -11.73
N GLN F 107 39.84 -42.97 -12.85
CA GLN F 107 40.83 -42.04 -13.39
C GLN F 107 40.32 -40.61 -13.25
N LEU F 108 41.14 -39.76 -12.65
CA LEU F 108 40.73 -38.39 -12.37
C LEU F 108 41.78 -37.36 -12.78
N PHE F 109 41.32 -36.20 -13.24
CA PHE F 109 42.20 -35.07 -13.52
C PHE F 109 42.32 -34.20 -12.28
N ARG F 110 43.50 -33.62 -12.07
CA ARG F 110 43.73 -32.80 -10.89
C ARG F 110 43.93 -31.33 -11.24
N PHE F 111 42.83 -30.62 -11.45
CA PHE F 111 42.88 -29.19 -11.74
C PHE F 111 43.14 -28.40 -10.46
N SER F 112 44.07 -27.45 -10.54
CA SER F 112 44.42 -26.62 -9.38
C SER F 112 43.37 -25.55 -9.12
N ASN F 113 43.13 -25.27 -7.85
CA ASN F 113 42.15 -24.25 -7.46
C ASN F 113 42.70 -22.84 -7.66
N LYS F 114 43.92 -22.61 -7.22
CA LYS F 114 44.56 -21.31 -7.33
C LYS F 114 44.82 -20.94 -8.79
N ALA F 115 45.21 -21.92 -9.58
CA ALA F 115 45.51 -21.70 -10.99
C ALA F 115 44.25 -21.33 -11.76
N TYR F 116 43.12 -21.89 -11.36
CA TYR F 116 41.85 -21.62 -12.02
C TYR F 116 41.35 -20.21 -11.70
N LEU F 117 41.52 -19.80 -10.44
CA LEU F 117 41.09 -18.47 -10.01
C LEU F 117 41.89 -17.38 -10.72
N ARG F 118 43.16 -17.65 -10.98
CA ARG F 118 44.02 -16.70 -11.68
C ARG F 118 43.58 -16.52 -13.12
N GLN F 119 43.09 -17.61 -13.72
CA GLN F 119 42.62 -17.57 -15.10
C GLN F 119 41.33 -16.78 -15.23
N LEU F 120 40.50 -16.86 -14.19
CA LEU F 120 39.23 -16.14 -14.17
C LEU F 120 39.45 -14.64 -13.98
N GLN F 121 40.07 -14.28 -12.86
CA GLN F 121 40.35 -12.88 -12.55
C GLN F 121 39.62 -11.95 -13.50
N ASP F 122 40.38 -11.25 -14.34
CA ASP F 122 39.81 -10.29 -15.29
C ASP F 122 38.76 -9.42 -14.61
N ASN F 123 37.55 -9.40 -15.18
CA ASN F 123 36.46 -8.61 -14.64
C ASN F 123 35.13 -9.37 -14.64
N THR F 124 34.21 -8.92 -15.49
CA THR F 124 32.89 -9.55 -15.59
C THR F 124 32.84 -10.56 -16.73
N PRO F 125 33.69 -10.37 -17.74
CA PRO F 125 33.73 -11.23 -18.92
C PRO F 125 33.62 -12.71 -18.56
N LEU F 126 34.73 -13.29 -18.09
CA LEU F 126 34.76 -14.72 -17.77
C LEU F 126 33.85 -15.07 -16.60
N ALA F 127 33.73 -14.15 -15.64
CA ALA F 127 32.91 -14.38 -14.47
C ALA F 127 31.44 -14.61 -14.85
N LEU F 128 30.89 -13.68 -15.63
CA LEU F 128 29.50 -13.78 -16.07
C LEU F 128 29.29 -14.94 -17.03
N ALA F 129 30.29 -15.19 -17.88
CA ALA F 129 30.22 -16.27 -18.85
C ALA F 129 29.92 -17.61 -18.16
N LEU F 130 30.57 -17.84 -17.03
CA LEU F 130 30.38 -19.07 -16.28
C LEU F 130 29.00 -19.11 -15.62
N LEU F 131 28.57 -17.96 -15.10
CA LEU F 131 27.28 -17.86 -14.43
C LEU F 131 26.13 -18.12 -15.41
N ALA F 132 26.42 -17.97 -16.70
CA ALA F 132 25.41 -18.18 -17.73
C ALA F 132 25.19 -19.67 -17.99
N LYS F 133 26.28 -20.43 -18.02
CA LYS F 133 26.21 -21.86 -18.26
C LYS F 133 25.74 -22.62 -17.02
N LEU F 134 26.04 -22.05 -15.85
CA LEU F 134 25.65 -22.67 -14.59
C LEU F 134 24.14 -22.53 -14.35
N SER F 135 23.57 -21.44 -14.84
CA SER F 135 22.15 -21.17 -14.67
C SER F 135 21.31 -21.99 -15.64
N THR F 136 21.75 -22.06 -16.89
CA THR F 136 21.03 -22.79 -17.94
C THR F 136 20.99 -24.28 -17.63
N ARG F 137 22.09 -24.80 -17.09
CA ARG F 137 22.19 -26.22 -16.77
C ARG F 137 21.26 -26.58 -15.62
N LEU F 138 21.08 -25.66 -14.68
CA LEU F 138 20.22 -25.89 -13.52
C LEU F 138 18.75 -26.02 -13.96
N HIS F 139 18.30 -25.10 -14.79
CA HIS F 139 16.93 -25.11 -15.27
C HIS F 139 16.62 -26.40 -16.03
N GLN F 140 17.59 -26.88 -16.79
CA GLN F 140 17.42 -28.12 -17.55
C GLN F 140 17.34 -29.32 -16.63
N ARG F 141 18.00 -29.22 -15.47
CA ARG F 141 17.99 -30.30 -14.50
C ARG F 141 16.76 -30.21 -13.60
N ILE F 142 16.31 -28.99 -13.34
CA ILE F 142 15.12 -28.77 -12.53
C ILE F 142 13.88 -29.31 -13.23
N ASP F 143 13.82 -29.12 -14.54
CA ASP F 143 12.70 -29.63 -15.33
C ASP F 143 12.71 -31.15 -15.32
N GLU F 144 13.89 -31.74 -15.21
CA GLU F 144 14.02 -33.19 -15.14
C GLU F 144 13.48 -33.72 -13.81
N ILE F 145 13.66 -32.94 -12.76
CA ILE F 145 13.17 -33.30 -11.44
C ILE F 145 11.67 -33.08 -11.34
N GLU F 146 11.19 -32.00 -11.96
CA GLU F 146 9.77 -31.68 -11.97
C GLU F 146 8.97 -32.74 -12.72
N THR F 147 9.59 -33.33 -13.73
CA THR F 147 8.93 -34.36 -14.53
C THR F 147 8.99 -35.72 -13.85
N LEU F 148 10.17 -36.07 -13.35
CA LEU F 148 10.36 -37.35 -12.66
C LEU F 148 9.58 -37.40 -11.35
N SER F 149 9.48 -36.25 -10.69
CA SER F 149 8.73 -36.17 -9.44
C SER F 149 7.26 -36.46 -9.68
N LEU F 150 6.75 -36.01 -10.81
CA LEU F 150 5.36 -36.26 -11.19
C LEU F 150 5.21 -37.68 -11.72
N LYS F 151 6.30 -38.21 -12.27
CA LYS F 151 6.30 -39.58 -12.78
C LYS F 151 6.20 -40.59 -11.64
N ASN F 152 7.05 -40.43 -10.65
CA ASN F 152 7.04 -41.30 -9.47
C ASN F 152 5.72 -41.17 -8.70
N ALA F 153 5.12 -39.99 -8.75
CA ALA F 153 3.85 -39.75 -8.09
C ALA F 153 2.71 -40.47 -8.79
N THR F 154 2.76 -40.46 -10.12
CA THR F 154 1.72 -41.11 -10.92
C THR F 154 1.88 -42.63 -10.89
N HIS F 155 3.11 -43.10 -10.85
CA HIS F 155 3.38 -44.53 -10.80
C HIS F 155 2.87 -45.16 -9.50
N ARG F 156 3.15 -44.51 -8.38
CA ARG F 156 2.76 -45.01 -7.07
C ARG F 156 1.24 -45.04 -6.90
N VAL F 157 0.54 -44.23 -7.69
CA VAL F 157 -0.91 -44.15 -7.60
C VAL F 157 -1.58 -45.27 -8.39
N VAL F 158 -1.04 -45.55 -9.57
CA VAL F 158 -1.59 -46.60 -10.42
C VAL F 158 -1.32 -47.99 -9.84
N ARG F 159 -0.09 -48.21 -9.42
CA ARG F 159 0.31 -49.50 -8.86
C ARG F 159 -0.49 -49.81 -7.59
N TYR F 160 -0.79 -48.77 -6.81
CA TYR F 160 -1.55 -48.93 -5.58
C TYR F 160 -3.00 -49.33 -5.89
N LEU F 161 -3.50 -48.88 -7.03
CA LEU F 161 -4.85 -49.22 -7.47
C LEU F 161 -4.88 -50.63 -8.04
N LEU F 162 -3.75 -51.07 -8.59
CA LEU F 162 -3.65 -52.41 -9.16
C LEU F 162 -3.64 -53.46 -8.05
N THR F 163 -3.07 -53.09 -6.91
CA THR F 163 -3.01 -54.00 -5.76
C THR F 163 -4.39 -54.15 -5.12
N LEU F 164 -5.23 -53.13 -5.28
CA LEU F 164 -6.58 -53.16 -4.74
C LEU F 164 -7.54 -53.90 -5.66
N ALA F 165 -7.10 -54.17 -6.88
CA ALA F 165 -7.91 -54.87 -7.86
C ALA F 165 -7.52 -56.34 -7.95
N ALA F 166 -6.24 -56.62 -7.81
CA ALA F 166 -5.73 -57.98 -7.89
C ALA F 166 -6.02 -58.77 -6.61
N HIS F 167 -5.72 -58.16 -5.47
CA HIS F 167 -5.92 -58.81 -4.19
C HIS F 167 -7.40 -58.86 -3.81
N ALA F 168 -8.12 -57.79 -4.13
CA ALA F 168 -9.54 -57.71 -3.85
C ALA F 168 -10.35 -57.59 -5.14
N PRO F 169 -10.74 -58.73 -5.72
CA PRO F 169 -11.50 -58.76 -6.97
C PRO F 169 -12.95 -58.34 -6.77
N GLY F 170 -13.60 -57.92 -7.85
CA GLY F 170 -14.99 -57.49 -7.79
C GLY F 170 -15.53 -57.09 -9.16
N GLU F 171 -15.69 -55.78 -9.35
CA GLU F 171 -16.20 -55.26 -10.62
C GLU F 171 -15.26 -54.21 -11.19
N ASN F 172 -15.37 -54.01 -12.48
CA ASN F 172 -14.54 -53.05 -13.17
C ASN F 172 -14.87 -51.61 -12.79
N CYS F 173 -16.13 -51.38 -12.46
CA CYS F 173 -16.57 -50.04 -12.08
C CYS F 173 -16.58 -49.86 -10.57
N ARG F 174 -16.22 -50.92 -9.86
CA ARG F 174 -16.18 -50.89 -8.41
C ARG F 174 -14.81 -51.26 -7.90
N VAL F 175 -14.33 -50.50 -6.92
CA VAL F 175 -13.03 -50.74 -6.35
C VAL F 175 -12.92 -50.09 -4.98
N GLU F 176 -12.64 -50.84 -3.95
CA GLU F 176 -12.46 -50.40 -2.58
C GLU F 176 -11.32 -49.39 -2.46
N ILE F 177 -11.42 -48.50 -1.48
CA ILE F 177 -10.40 -47.47 -1.28
C ILE F 177 -9.15 -48.07 -0.62
N PRO F 178 -9.35 -48.77 0.50
CA PRO F 178 -10.64 -48.96 1.14
C PRO F 178 -10.83 -48.00 2.32
N VAL F 179 -9.82 -47.18 2.59
CA VAL F 179 -9.84 -46.28 3.74
C VAL F 179 -10.21 -44.86 3.34
N ALA F 180 -9.80 -43.89 4.16
CA ALA F 180 -10.09 -42.49 3.89
C ALA F 180 -9.30 -41.97 2.69
N LYS F 181 -9.53 -40.71 2.34
CA LYS F 181 -8.85 -40.11 1.20
C LYS F 181 -7.53 -39.47 1.61
N GLN F 182 -7.42 -39.09 2.87
CA GLN F 182 -6.21 -38.46 3.39
C GLN F 182 -5.22 -39.50 3.90
N LEU F 183 -5.72 -40.69 4.22
CA LEU F 183 -4.88 -41.76 4.73
C LEU F 183 -4.02 -42.37 3.63
N VAL F 184 -4.56 -42.44 2.43
CA VAL F 184 -3.85 -43.00 1.29
C VAL F 184 -2.76 -42.05 0.78
N ALA F 185 -3.01 -40.76 0.94
CA ALA F 185 -2.06 -39.74 0.49
C ALA F 185 -0.90 -39.58 1.47
N GLY F 186 -0.84 -40.48 2.45
CA GLY F 186 0.22 -40.45 3.44
C GLY F 186 1.56 -40.85 2.88
N HIS F 187 1.76 -42.15 2.70
CA HIS F 187 3.01 -42.67 2.16
C HIS F 187 3.00 -42.69 0.64
N LEU F 188 4.15 -42.96 0.03
CA LEU F 188 4.26 -43.02 -1.42
C LEU F 188 5.01 -41.80 -1.95
N SER F 189 5.52 -40.98 -1.05
CA SER F 189 6.26 -39.77 -1.42
C SER F 189 5.42 -38.87 -2.31
N ILE F 190 4.13 -38.78 -1.99
CA ILE F 190 3.21 -37.94 -2.76
C ILE F 190 2.63 -36.83 -1.89
N GLN F 191 2.84 -35.58 -2.29
CA GLN F 191 2.33 -34.44 -1.54
C GLN F 191 0.81 -34.38 -1.59
N PRO F 192 0.19 -33.90 -0.51
CA PRO F 192 -1.26 -33.80 -0.40
C PRO F 192 -1.86 -32.99 -1.55
N GLU F 193 -1.10 -32.03 -2.06
CA GLU F 193 -1.57 -31.19 -3.15
C GLU F 193 -1.48 -31.89 -4.51
N THR F 194 -0.49 -32.77 -4.65
CA THR F 194 -0.28 -33.49 -5.90
C THR F 194 -1.18 -34.72 -6.00
N PHE F 195 -1.44 -35.37 -4.87
CA PHE F 195 -2.26 -36.56 -4.84
C PHE F 195 -3.68 -36.27 -5.32
N SER F 196 -4.19 -35.10 -4.97
CA SER F 196 -5.53 -34.70 -5.36
C SER F 196 -5.59 -34.36 -6.85
N ARG F 197 -4.41 -34.13 -7.44
CA ARG F 197 -4.32 -33.79 -8.86
C ARG F 197 -4.24 -35.05 -9.72
N ILE F 198 -3.40 -35.99 -9.31
CA ILE F 198 -3.23 -37.23 -10.06
C ILE F 198 -4.57 -37.91 -10.33
N MET F 199 -5.36 -38.10 -9.26
CA MET F 199 -6.65 -38.74 -9.38
C MET F 199 -7.60 -37.95 -10.28
N HIS F 200 -7.39 -36.63 -10.33
CA HIS F 200 -8.25 -35.75 -11.12
C HIS F 200 -7.76 -35.63 -12.56
N ARG F 201 -6.45 -35.49 -12.74
CA ARG F 201 -5.87 -35.34 -14.06
C ARG F 201 -6.04 -36.60 -14.90
N LEU F 202 -5.92 -37.76 -14.26
CA LEU F 202 -6.03 -39.03 -14.95
C LEU F 202 -7.49 -39.39 -15.22
N GLY F 203 -8.39 -38.81 -14.45
CA GLY F 203 -9.81 -39.06 -14.61
C GLY F 203 -10.47 -38.13 -15.62
N ASP F 204 -9.86 -36.96 -15.81
CA ASP F 204 -10.38 -35.98 -16.75
C ASP F 204 -10.15 -36.41 -18.19
N GLU F 205 -9.29 -37.41 -18.36
CA GLU F 205 -8.96 -37.92 -19.69
C GLU F 205 -9.96 -38.99 -20.15
N GLY F 206 -10.95 -39.27 -19.28
CA GLY F 206 -11.96 -40.27 -19.60
C GLY F 206 -11.47 -41.68 -19.40
N ILE F 207 -10.70 -41.91 -18.35
CA ILE F 207 -10.16 -43.22 -18.05
C ILE F 207 -10.67 -43.72 -16.70
N ILE F 208 -10.66 -42.84 -15.71
CA ILE F 208 -11.13 -43.18 -14.37
C ILE F 208 -12.42 -42.44 -14.05
N HIS F 209 -13.51 -43.19 -13.89
CA HIS F 209 -14.81 -42.61 -13.57
C HIS F 209 -14.86 -42.11 -12.13
N LEU F 210 -15.50 -40.96 -11.93
CA LEU F 210 -15.60 -40.37 -10.60
C LEU F 210 -17.05 -40.32 -10.13
N ASP F 211 -17.29 -40.82 -8.93
CA ASP F 211 -18.63 -40.81 -8.35
C ASP F 211 -18.60 -40.37 -6.89
N GLY F 212 -17.52 -40.72 -6.20
CA GLY F 212 -17.36 -40.36 -4.80
C GLY F 212 -16.86 -41.52 -3.96
N ARG F 213 -15.67 -41.35 -3.37
CA ARG F 213 -15.08 -42.39 -2.53
C ARG F 213 -14.54 -43.54 -3.36
N GLU F 214 -15.44 -44.32 -3.95
CA GLU F 214 -15.05 -45.47 -4.77
C GLU F 214 -14.36 -45.03 -6.05
N ILE F 215 -13.36 -45.79 -6.47
CA ILE F 215 -12.62 -45.49 -7.69
C ILE F 215 -13.06 -46.39 -8.84
N SER F 216 -14.08 -45.95 -9.57
CA SER F 216 -14.59 -46.73 -10.69
C SER F 216 -13.66 -46.64 -11.89
N ILE F 217 -13.51 -47.75 -12.62
CA ILE F 217 -12.63 -47.80 -13.78
C ILE F 217 -13.42 -48.05 -15.06
N LEU F 218 -13.18 -47.22 -16.07
CA LEU F 218 -13.84 -47.37 -17.36
C LEU F 218 -13.00 -48.24 -18.29
N ASP F 219 -11.72 -47.92 -18.41
CA ASP F 219 -10.80 -48.69 -19.23
C ASP F 219 -9.70 -49.30 -18.38
N ARG F 220 -9.73 -50.62 -18.24
CA ARG F 220 -8.76 -51.33 -17.41
C ARG F 220 -7.47 -51.63 -18.16
N GLU F 221 -7.58 -51.78 -19.47
CA GLU F 221 -6.42 -52.11 -20.29
C GLU F 221 -5.52 -50.91 -20.52
N ARG F 222 -6.06 -49.70 -20.33
CA ARG F 222 -5.31 -48.48 -20.56
C ARG F 222 -4.54 -48.04 -19.32
N LEU F 223 -5.14 -48.23 -18.15
CA LEU F 223 -4.53 -47.82 -16.90
C LEU F 223 -3.22 -48.58 -16.62
N GLU F 224 -3.15 -49.81 -17.10
CA GLU F 224 -1.98 -50.65 -16.88
C GLU F 224 -0.86 -50.31 -17.87
N CYS F 225 -0.98 -49.17 -18.52
CA CYS F 225 0.01 -48.74 -19.50
C CYS F 225 0.47 -47.30 -19.27
N PHE F 226 -0.27 -46.58 -18.43
CA PHE F 226 0.05 -45.20 -18.12
C PHE F 226 1.26 -45.11 -17.19
N GLU F 227 2.13 -44.14 -17.45
CA GLU F 227 3.32 -43.94 -16.64
C GLU F 227 3.22 -42.66 -15.82
N MET G 1 4.56 -61.97 26.68
CA MET G 1 5.73 -62.35 27.53
C MET G 1 6.15 -61.20 28.44
N GLU G 2 7.04 -61.50 29.39
CA GLU G 2 7.53 -60.49 30.32
C GLU G 2 6.48 -60.10 31.34
N PHE G 3 6.90 -59.36 32.36
CA PHE G 3 6.00 -58.95 33.43
C PHE G 3 5.83 -57.43 33.46
N GLN G 4 6.95 -56.72 33.39
CA GLN G 4 6.94 -55.27 33.35
C GLN G 4 6.52 -54.65 34.69
N ARG G 5 7.39 -53.82 35.25
CA ARG G 5 7.11 -53.15 36.51
C ARG G 5 8.01 -51.93 36.67
N VAL G 6 9.20 -52.01 36.10
CA VAL G 6 10.16 -50.91 36.17
C VAL G 6 10.42 -50.32 34.79
N HIS G 7 10.09 -51.08 33.75
CA HIS G 7 10.30 -50.65 32.38
C HIS G 7 9.31 -49.56 31.97
N GLN G 8 8.33 -49.30 32.83
CA GLN G 8 7.32 -48.29 32.57
C GLN G 8 7.80 -46.89 32.94
N GLN G 9 8.83 -46.83 33.78
CA GLN G 9 9.36 -45.56 34.24
C GLN G 9 10.22 -44.89 33.18
N LEU G 10 10.97 -45.70 32.43
CA LEU G 10 11.86 -45.18 31.38
C LEU G 10 11.07 -44.54 30.25
N LEU G 11 9.92 -45.13 29.92
CA LEU G 11 9.08 -44.62 28.85
C LEU G 11 8.32 -43.38 29.29
N GLN G 12 8.07 -43.27 30.59
CA GLN G 12 7.32 -42.15 31.15
C GLN G 12 8.04 -40.82 30.90
N SER G 13 9.31 -40.90 30.50
CA SER G 13 10.10 -39.71 30.23
C SER G 13 10.06 -39.36 28.74
N HIS G 14 9.81 -40.37 27.90
CA HIS G 14 9.74 -40.16 26.46
C HIS G 14 8.43 -39.46 26.09
N HIS G 15 8.46 -38.68 25.00
CA HIS G 15 7.32 -37.88 24.60
C HIS G 15 6.12 -38.72 24.16
N LEU G 16 6.39 -39.92 23.65
CA LEU G 16 5.33 -40.78 23.13
C LEU G 16 4.63 -41.60 24.21
N PHE G 17 5.17 -41.55 25.44
CA PHE G 17 4.62 -42.35 26.52
C PHE G 17 4.19 -41.50 27.72
N GLU G 18 4.36 -40.18 27.61
CA GLU G 18 3.98 -39.27 28.69
C GLU G 18 2.47 -39.14 28.79
N PRO G 19 1.79 -38.97 27.64
CA PRO G 19 0.34 -38.86 27.59
C PRO G 19 -0.34 -40.18 27.93
N LEU G 20 0.35 -41.29 27.69
CA LEU G 20 -0.20 -42.60 27.95
C LEU G 20 -0.50 -42.80 29.43
N SER G 21 -1.73 -43.23 29.73
CA SER G 21 -2.14 -43.49 31.10
C SER G 21 -1.63 -44.85 31.56
N PRO G 22 -1.43 -45.00 32.87
CA PRO G 22 -0.92 -46.24 33.46
C PRO G 22 -1.66 -47.47 32.95
N VAL G 23 -2.94 -47.31 32.63
CA VAL G 23 -3.75 -48.42 32.15
C VAL G 23 -3.43 -48.74 30.69
N GLN G 24 -3.34 -47.69 29.87
CA GLN G 24 -3.04 -47.86 28.45
C GLN G 24 -1.56 -48.17 28.23
N LEU G 25 -0.73 -47.71 29.16
CA LEU G 25 0.71 -47.94 29.07
C LEU G 25 1.04 -49.42 29.21
N GLN G 26 0.34 -50.10 30.12
CA GLN G 26 0.55 -51.51 30.35
C GLN G 26 -0.06 -52.36 29.24
N GLU G 27 -1.07 -51.81 28.58
CA GLU G 27 -1.75 -52.51 27.49
C GLU G 27 -0.84 -52.61 26.27
N LEU G 28 -0.06 -51.56 26.03
CA LEU G 28 0.86 -51.54 24.90
C LEU G 28 2.09 -52.40 25.16
N LEU G 29 2.51 -52.46 26.42
CA LEU G 29 3.68 -53.24 26.80
C LEU G 29 3.34 -54.72 26.93
N ALA G 30 2.04 -55.03 26.96
CA ALA G 30 1.58 -56.40 27.08
C ALA G 30 1.92 -57.20 25.83
N SER G 31 1.97 -56.53 24.68
CA SER G 31 2.28 -57.17 23.42
C SER G 31 3.71 -56.85 22.97
N SER G 32 4.45 -56.15 23.82
CA SER G 32 5.82 -55.76 23.52
C SER G 32 6.78 -56.93 23.70
N ASP G 33 7.79 -57.00 22.83
CA ASP G 33 8.79 -58.05 22.90
C ASP G 33 10.20 -57.47 22.89
N LEU G 34 11.02 -57.89 23.84
CA LEU G 34 12.39 -57.39 23.96
C LEU G 34 13.33 -58.15 23.02
N VAL G 35 14.14 -57.44 22.25
CA VAL G 35 15.04 -58.11 21.32
C VAL G 35 16.51 -57.78 21.56
N ASN G 36 17.30 -58.78 21.93
CA ASN G 36 18.73 -58.55 22.09
C ASN G 36 19.51 -58.98 20.84
N LEU G 37 20.23 -58.04 20.24
CA LEU G 37 21.01 -58.33 19.04
C LEU G 37 22.47 -57.94 19.24
N ASP G 38 23.33 -58.48 18.37
CA ASP G 38 24.77 -58.18 18.44
C ASP G 38 25.21 -57.35 17.25
N LYS G 39 26.51 -57.39 16.96
CA LYS G 39 27.06 -56.63 15.84
C LYS G 39 26.75 -57.31 14.51
N GLY G 40 26.34 -56.52 13.52
CA GLY G 40 26.02 -57.06 12.20
C GLY G 40 24.64 -57.67 12.15
N ALA G 41 23.81 -57.34 13.14
CA ALA G 41 22.45 -57.87 13.20
C ALA G 41 21.44 -56.84 12.71
N TYR G 42 20.69 -57.18 11.66
CA TYR G 42 19.71 -56.28 11.08
C TYR G 42 18.42 -56.26 11.91
N VAL G 43 17.96 -55.06 12.24
CA VAL G 43 16.71 -54.89 12.96
C VAL G 43 15.53 -55.17 12.04
N PHE G 44 15.51 -54.51 10.89
CA PHE G 44 14.49 -54.73 9.88
C PHE G 44 15.02 -54.35 8.49
N ARG G 45 14.86 -55.26 7.53
CA ARG G 45 15.38 -55.06 6.19
C ARG G 45 14.43 -54.23 5.33
N GLN G 46 14.98 -53.59 4.30
CA GLN G 46 14.18 -52.78 3.38
C GLN G 46 13.39 -53.68 2.43
N GLY G 47 12.10 -53.79 2.68
CA GLY G 47 11.23 -54.65 1.89
C GLY G 47 10.30 -55.45 2.76
N GLU G 48 10.71 -55.65 4.01
CA GLU G 48 9.90 -56.38 4.98
C GLU G 48 8.67 -55.57 5.39
N PRO G 49 7.54 -56.24 5.57
CA PRO G 49 6.29 -55.59 5.97
C PRO G 49 6.44 -54.84 7.29
N ALA G 50 6.04 -53.57 7.30
CA ALA G 50 6.11 -52.75 8.50
C ALA G 50 4.98 -53.10 9.46
N HIS G 51 5.34 -53.47 10.68
CA HIS G 51 4.35 -53.86 11.68
C HIS G 51 4.72 -53.40 13.09
N ALA G 52 5.95 -52.94 13.27
CA ALA G 52 6.42 -52.54 14.60
C ALA G 52 7.48 -51.45 14.58
N PHE G 53 7.45 -50.60 15.60
CA PHE G 53 8.46 -49.57 15.77
C PHE G 53 9.35 -49.93 16.97
N TYR G 54 10.58 -49.46 16.97
CA TYR G 54 11.55 -49.86 17.98
C TYR G 54 11.96 -48.72 18.92
N TYR G 55 12.30 -49.09 20.16
CA TYR G 55 12.79 -48.14 21.14
C TYR G 55 14.12 -48.63 21.71
N LEU G 56 15.18 -47.86 21.47
CA LEU G 56 16.52 -48.24 21.91
C LEU G 56 16.79 -47.79 23.34
N ILE G 57 17.17 -48.74 24.19
CA ILE G 57 17.50 -48.43 25.58
C ILE G 57 18.99 -48.13 25.72
N SER G 58 19.82 -49.04 25.22
CA SER G 58 21.26 -48.88 25.29
C SER G 58 21.93 -49.40 24.02
N GLY G 59 22.86 -48.62 23.48
CA GLY G 59 23.58 -49.01 22.28
C GLY G 59 23.42 -48.01 21.14
N CYS G 60 23.91 -48.38 19.96
CA CYS G 60 23.83 -47.51 18.79
C CYS G 60 23.35 -48.29 17.57
N VAL G 61 22.42 -47.70 16.82
CA VAL G 61 21.88 -48.36 15.63
C VAL G 61 21.82 -47.40 14.45
N LYS G 62 22.20 -47.90 13.28
CA LYS G 62 22.16 -47.10 12.06
C LYS G 62 21.06 -47.58 11.12
N ILE G 63 20.28 -46.64 10.60
CA ILE G 63 19.18 -46.98 9.68
C ILE G 63 19.65 -46.97 8.23
N TYR G 64 20.07 -45.79 7.77
CA TYR G 64 20.60 -45.63 6.41
C TYR G 64 19.69 -46.22 5.34
N ARG G 65 20.07 -46.01 4.09
CA ARG G 65 19.32 -46.50 2.94
C ARG G 65 20.21 -47.27 1.97
N LEU G 66 19.70 -47.50 0.76
CA LEU G 66 20.46 -48.16 -0.29
C LEU G 66 20.51 -47.28 -1.53
N THR G 67 21.51 -46.40 -1.60
CA THR G 67 21.64 -45.48 -2.70
C THR G 67 22.05 -46.17 -4.00
N PRO G 68 21.93 -45.46 -5.13
CA PRO G 68 22.28 -45.99 -6.44
C PRO G 68 23.76 -46.31 -6.55
N GLU G 69 24.09 -47.33 -7.34
CA GLU G 69 25.48 -47.73 -7.51
C GLU G 69 26.01 -48.39 -6.24
N GLY G 70 25.10 -48.81 -5.38
CA GLY G 70 25.48 -49.46 -4.11
C GLY G 70 25.86 -48.46 -3.04
N GLN G 71 26.48 -48.95 -1.97
CA GLN G 71 26.90 -48.10 -0.87
C GLN G 71 25.73 -47.68 -0.01
N GLU G 72 25.93 -47.69 1.30
CA GLU G 72 24.89 -47.32 2.25
C GLU G 72 24.99 -45.85 2.66
N LYS G 73 23.87 -45.14 2.61
CA LYS G 73 23.82 -43.73 2.98
C LYS G 73 23.02 -43.54 4.27
N ILE G 74 23.70 -43.09 5.33
CA ILE G 74 23.06 -42.89 6.61
C ILE G 74 22.19 -41.63 6.63
N LEU G 75 20.94 -41.79 7.03
CA LEU G 75 20.02 -40.66 7.12
C LEU G 75 20.04 -40.06 8.53
N GLU G 76 19.89 -40.92 9.53
CA GLU G 76 19.89 -40.48 10.92
C GLU G 76 20.39 -41.58 11.85
N VAL G 77 21.15 -41.19 12.86
CA VAL G 77 21.68 -42.15 13.83
C VAL G 77 20.90 -42.08 15.14
N THR G 78 20.27 -43.21 15.50
CA THR G 78 19.48 -43.28 16.72
C THR G 78 20.34 -43.72 17.90
N ASN G 79 20.31 -42.92 18.96
CA ASN G 79 21.09 -43.22 20.16
C ASN G 79 20.22 -43.77 21.29
N GLU G 80 20.59 -43.46 22.53
CA GLU G 80 19.85 -43.94 23.69
C GLU G 80 18.69 -43.01 24.06
N ARG G 81 17.66 -43.59 24.64
CA ARG G 81 16.50 -42.83 25.09
C ARG G 81 15.79 -42.12 23.94
N ASN G 82 15.50 -42.86 22.88
CA ASN G 82 14.79 -42.30 21.73
C ASN G 82 14.28 -43.38 20.79
N THR G 83 13.11 -43.14 20.20
CA THR G 83 12.50 -44.10 19.28
C THR G 83 12.84 -43.76 17.83
N PHE G 84 12.70 -44.75 16.96
CA PHE G 84 12.97 -44.55 15.54
C PHE G 84 12.06 -45.44 14.69
N ALA G 85 11.66 -44.92 13.53
CA ALA G 85 10.81 -45.67 12.63
C ALA G 85 9.36 -45.72 13.13
N GLU G 86 9.04 -44.84 14.07
CA GLU G 86 7.68 -44.78 14.62
C GLU G 86 6.78 -43.96 13.71
N ALA G 87 7.39 -43.13 12.87
CA ALA G 87 6.64 -42.29 11.94
C ALA G 87 6.06 -43.15 10.81
N MET G 88 6.54 -44.39 10.72
CA MET G 88 6.06 -45.32 9.70
C MET G 88 4.67 -45.83 10.03
N MET G 89 4.24 -45.63 11.27
CA MET G 89 2.92 -46.08 11.72
C MET G 89 1.81 -45.24 11.12
N PHE G 90 1.71 -43.99 11.56
CA PHE G 90 0.65 -43.10 11.11
C PHE G 90 0.89 -42.56 9.70
N MET G 91 1.91 -43.09 9.02
CA MET G 91 2.17 -42.74 7.64
C MET G 91 1.59 -43.82 6.73
N ASP G 92 1.05 -44.87 7.35
CA ASP G 92 0.46 -45.99 6.63
C ASP G 92 1.45 -46.57 5.62
N THR G 93 2.55 -47.12 6.13
CA THR G 93 3.56 -47.72 5.29
C THR G 93 3.47 -49.24 5.30
N PRO G 94 3.28 -49.84 4.11
CA PRO G 94 3.14 -51.29 3.99
C PRO G 94 4.49 -52.00 4.14
N ASN G 95 5.57 -51.30 3.85
CA ASN G 95 6.91 -51.88 3.93
C ASN G 95 7.95 -50.90 4.45
N TYR G 96 9.03 -51.41 5.02
CA TYR G 96 10.11 -50.58 5.51
C TYR G 96 10.93 -50.03 4.35
N VAL G 97 11.23 -48.74 4.39
CA VAL G 97 12.02 -48.08 3.35
C VAL G 97 13.46 -47.89 3.79
N ALA G 98 13.90 -48.67 4.77
CA ALA G 98 15.25 -48.59 5.28
C ALA G 98 15.72 -49.92 5.85
N THR G 99 17.03 -50.12 5.89
CA THR G 99 17.60 -51.34 6.42
C THR G 99 18.36 -51.08 7.72
N ALA G 100 17.62 -51.02 8.82
CA ALA G 100 18.21 -50.74 10.13
C ALA G 100 19.15 -51.86 10.56
N GLN G 101 20.30 -51.47 11.12
CA GLN G 101 21.29 -52.43 11.59
C GLN G 101 22.04 -51.90 12.81
N ALA G 102 22.25 -52.77 13.80
CA ALA G 102 22.97 -52.38 15.01
C ALA G 102 24.47 -52.54 14.81
N VAL G 103 25.22 -51.49 15.17
CA VAL G 103 26.67 -51.50 15.04
C VAL G 103 27.33 -52.10 16.28
N VAL G 104 26.63 -52.03 17.41
CA VAL G 104 27.13 -52.57 18.66
C VAL G 104 26.02 -53.29 19.42
N PRO G 105 26.40 -54.29 20.23
CA PRO G 105 25.44 -55.04 21.01
C PRO G 105 24.40 -54.13 21.66
N SER G 106 23.20 -54.11 21.09
CA SER G 106 22.14 -53.22 21.58
C SER G 106 20.88 -54.00 21.95
N GLN G 107 20.07 -53.40 22.82
CA GLN G 107 18.80 -54.01 23.23
C GLN G 107 17.65 -53.05 22.93
N LEU G 108 16.68 -53.53 22.16
CA LEU G 108 15.56 -52.68 21.76
C LEU G 108 14.20 -53.33 22.02
N PHE G 109 13.19 -52.49 22.28
CA PHE G 109 11.83 -52.96 22.49
C PHE G 109 11.07 -53.03 21.17
N ARG G 110 10.23 -54.04 21.02
CA ARG G 110 9.44 -54.22 19.81
C ARG G 110 7.95 -54.21 20.10
N PHE G 111 7.32 -53.06 19.85
CA PHE G 111 5.89 -52.91 20.08
C PHE G 111 5.07 -53.31 18.86
N SER G 112 3.80 -52.96 18.86
CA SER G 112 2.91 -53.28 17.74
C SER G 112 2.26 -52.02 17.18
N ASN G 113 2.28 -51.90 15.86
CA ASN G 113 1.69 -50.73 15.20
C ASN G 113 0.17 -50.73 15.26
N LYS G 114 -0.44 -51.90 15.06
CA LYS G 114 -1.89 -52.03 15.11
C LYS G 114 -2.43 -51.77 16.51
N ALA G 115 -1.65 -52.18 17.52
CA ALA G 115 -2.05 -51.99 18.91
C ALA G 115 -1.99 -50.52 19.30
N TYR G 116 -1.07 -49.79 18.69
CA TYR G 116 -0.90 -48.37 18.98
C TYR G 116 -1.96 -47.54 18.26
N LEU G 117 -2.47 -48.07 17.15
CA LEU G 117 -3.52 -47.40 16.39
C LEU G 117 -4.88 -47.59 17.06
N ARG G 118 -5.09 -48.76 17.64
CA ARG G 118 -6.33 -49.05 18.34
C ARG G 118 -6.49 -48.13 19.55
N GLN G 119 -5.36 -47.62 20.04
CA GLN G 119 -5.36 -46.70 21.18
C GLN G 119 -5.93 -45.35 20.77
N LEU G 120 -5.79 -45.01 19.49
CA LEU G 120 -6.28 -43.74 18.98
C LEU G 120 -7.67 -43.88 18.37
N GLN G 121 -8.02 -45.10 17.99
CA GLN G 121 -9.35 -45.37 17.45
C GLN G 121 -10.43 -44.95 18.44
N ASP G 122 -11.09 -43.84 18.16
CA ASP G 122 -12.07 -43.28 19.08
C ASP G 122 -11.36 -42.54 20.20
N ASN G 123 -12.12 -41.82 21.02
CA ASN G 123 -11.53 -41.02 22.10
C ASN G 123 -10.41 -40.15 21.53
N THR G 124 -10.78 -39.00 20.98
CA THR G 124 -9.84 -38.13 20.28
C THR G 124 -8.90 -37.38 21.21
N PRO G 125 -9.43 -36.85 22.33
CA PRO G 125 -8.64 -36.06 23.26
C PRO G 125 -7.28 -36.71 23.54
N LEU G 126 -7.23 -38.03 23.46
CA LEU G 126 -5.99 -38.76 23.70
C LEU G 126 -4.99 -38.53 22.57
N ALA G 127 -5.50 -38.44 21.34
CA ALA G 127 -4.67 -38.20 20.18
C ALA G 127 -4.11 -36.78 20.21
N LEU G 128 -4.90 -35.84 20.71
CA LEU G 128 -4.46 -34.45 20.85
C LEU G 128 -3.41 -34.33 21.95
N ALA G 129 -3.54 -35.16 22.98
CA ALA G 129 -2.58 -35.18 24.07
C ALA G 129 -1.20 -35.57 23.56
N LEU G 130 -1.16 -36.51 22.62
CA LEU G 130 0.08 -36.96 22.02
C LEU G 130 0.68 -35.85 21.14
N LEU G 131 -0.20 -35.12 20.46
CA LEU G 131 0.23 -34.01 19.61
C LEU G 131 0.80 -32.88 20.45
N ALA G 132 0.33 -32.77 21.70
CA ALA G 132 0.80 -31.74 22.60
C ALA G 132 2.22 -32.00 23.06
N LYS G 133 2.49 -33.25 23.45
CA LYS G 133 3.82 -33.63 23.91
C LYS G 133 4.85 -33.56 22.78
N LEU G 134 4.38 -33.76 21.56
CA LEU G 134 5.25 -33.69 20.39
C LEU G 134 5.57 -32.24 20.06
N SER G 135 4.67 -31.33 20.44
CA SER G 135 4.86 -29.91 20.19
C SER G 135 5.71 -29.26 21.28
N THR G 136 5.76 -29.91 22.45
CA THR G 136 6.55 -29.41 23.56
C THR G 136 8.03 -29.66 23.33
N ARG G 137 8.34 -30.40 22.27
CA ARG G 137 9.73 -30.71 21.93
C ARG G 137 10.43 -29.50 21.32
N LEU G 138 9.76 -28.35 21.38
CA LEU G 138 10.32 -27.12 20.84
C LEU G 138 11.57 -26.71 21.61
N HIS G 139 11.69 -27.19 22.84
CA HIS G 139 12.86 -26.89 23.67
C HIS G 139 14.12 -27.47 23.05
N GLN G 140 13.96 -28.52 22.26
CA GLN G 140 15.08 -29.15 21.58
C GLN G 140 15.50 -28.32 20.38
N ARG G 141 14.53 -27.65 19.76
CA ARG G 141 14.79 -26.79 18.62
C ARG G 141 15.66 -25.60 19.03
N ILE G 142 15.41 -25.08 20.23
CA ILE G 142 16.19 -23.98 20.75
C ILE G 142 17.62 -24.42 21.06
N ASP G 143 17.76 -25.68 21.48
CA ASP G 143 19.07 -26.24 21.76
C ASP G 143 19.89 -26.35 20.48
N GLU G 144 19.19 -26.40 19.35
CA GLU G 144 19.85 -26.48 18.05
C GLU G 144 20.56 -25.18 17.73
N ILE G 145 19.84 -24.06 17.91
CA ILE G 145 20.40 -22.75 17.65
C ILE G 145 21.49 -22.40 18.66
N GLU G 146 21.29 -22.82 19.91
CA GLU G 146 22.26 -22.57 20.95
C GLU G 146 23.59 -23.25 20.63
N THR G 147 23.52 -24.48 20.13
CA THR G 147 24.71 -25.24 19.76
C THR G 147 25.30 -24.71 18.45
N LEU G 148 24.45 -24.16 17.59
CA LEU G 148 24.88 -23.60 16.32
C LEU G 148 25.57 -22.26 16.53
N SER G 149 25.07 -21.48 17.48
CA SER G 149 25.65 -20.18 17.79
C SER G 149 27.00 -20.35 18.49
N LEU G 150 27.08 -21.28 19.43
CA LEU G 150 28.32 -21.55 20.15
C LEU G 150 29.38 -22.11 19.21
N LYS G 151 28.94 -22.79 18.16
CA LYS G 151 29.85 -23.35 17.17
C LYS G 151 30.39 -22.25 16.26
N ASN G 152 29.50 -21.41 15.74
CA ASN G 152 29.90 -20.32 14.87
C ASN G 152 30.75 -19.29 15.61
N ALA G 153 30.41 -19.03 16.87
CA ALA G 153 31.15 -18.08 17.68
C ALA G 153 32.58 -18.55 17.89
N THR G 154 32.74 -19.84 18.16
CA THR G 154 34.06 -20.42 18.36
C THR G 154 34.89 -20.33 17.08
N HIS G 155 34.22 -20.48 15.94
CA HIS G 155 34.89 -20.36 14.65
C HIS G 155 35.39 -18.94 14.43
N ARG G 156 34.59 -17.96 14.84
CA ARG G 156 34.95 -16.55 14.67
C ARG G 156 36.07 -16.13 15.62
N VAL G 157 35.96 -16.52 16.88
CA VAL G 157 36.96 -16.18 17.87
C VAL G 157 38.37 -16.56 17.40
N VAL G 158 38.51 -17.77 16.89
CA VAL G 158 39.80 -18.24 16.39
C VAL G 158 40.27 -17.39 15.22
N ARG G 159 39.35 -17.04 14.34
CA ARG G 159 39.66 -16.21 13.19
C ARG G 159 40.15 -14.84 13.62
N TYR G 160 39.58 -14.33 14.71
CA TYR G 160 39.97 -13.03 15.23
C TYR G 160 41.32 -13.09 15.95
N LEU G 161 41.60 -14.25 16.55
CA LEU G 161 42.85 -14.45 17.27
C LEU G 161 44.01 -14.70 16.31
N LEU G 162 43.73 -15.41 15.22
CA LEU G 162 44.75 -15.73 14.23
C LEU G 162 45.29 -14.48 13.54
N THR G 163 44.43 -13.47 13.41
CA THR G 163 44.81 -12.22 12.77
C THR G 163 45.58 -11.31 13.71
N LEU G 164 45.46 -11.58 15.01
CA LEU G 164 46.14 -10.78 16.02
C LEU G 164 47.29 -11.54 16.66
N ALA G 165 47.36 -12.83 16.37
CA ALA G 165 48.42 -13.68 16.91
C ALA G 165 49.65 -13.64 16.02
N ALA G 166 49.56 -12.91 14.91
CA ALA G 166 50.66 -12.80 13.98
C ALA G 166 51.36 -11.45 14.11
N HIS G 167 50.70 -10.53 14.90
CA HIS G 167 51.17 -9.15 15.06
C HIS G 167 51.29 -8.74 16.52
N ALA G 168 52.10 -9.48 17.26
CA ALA G 168 52.41 -9.19 18.67
C ALA G 168 51.23 -9.36 19.64
N PRO G 169 51.51 -9.70 20.90
CA PRO G 169 50.44 -9.86 21.89
C PRO G 169 50.16 -8.55 22.65
N GLY G 170 49.23 -8.54 23.60
CA GLY G 170 48.78 -7.39 24.38
C GLY G 170 48.09 -6.35 23.54
N GLU G 171 48.88 -5.53 22.84
CA GLU G 171 48.34 -4.48 21.99
C GLU G 171 47.98 -5.02 20.61
N ASN G 172 46.91 -5.80 20.55
CA ASN G 172 46.45 -6.37 19.29
C ASN G 172 45.63 -5.38 18.47
N CYS G 173 46.29 -4.69 17.55
CA CYS G 173 45.62 -3.70 16.71
C CYS G 173 46.11 -3.79 15.26
N ARG G 174 45.75 -4.87 14.59
CA ARG G 174 46.14 -5.08 13.20
C ARG G 174 45.17 -6.02 12.48
N VAL G 175 44.58 -5.54 11.41
CA VAL G 175 43.62 -6.32 10.64
C VAL G 175 44.17 -6.66 9.25
N GLU G 176 44.22 -7.87 8.82
CA GLU G 176 44.77 -8.27 7.53
C GLU G 176 43.72 -8.55 6.48
N ILE G 177 42.62 -9.15 6.91
CA ILE G 177 41.55 -9.56 6.02
C ILE G 177 40.82 -8.33 5.49
N PRO G 178 40.50 -8.36 4.07
CA PRO G 178 40.28 -7.02 3.57
C PRO G 178 38.81 -6.62 3.66
N VAL G 179 37.96 -7.34 2.94
CA VAL G 179 36.53 -7.03 2.91
C VAL G 179 35.82 -7.61 4.14
N ALA G 180 34.69 -6.99 4.50
CA ALA G 180 33.91 -7.45 5.65
C ALA G 180 33.26 -8.80 5.34
N LYS G 181 32.99 -9.05 4.07
CA LYS G 181 32.40 -10.32 3.64
C LYS G 181 33.47 -11.40 3.57
N GLN G 182 34.73 -10.98 3.46
CA GLN G 182 35.85 -11.92 3.41
C GLN G 182 36.05 -12.58 4.76
N LEU G 183 35.51 -11.96 5.81
CA LEU G 183 35.62 -12.48 7.16
C LEU G 183 34.52 -13.50 7.44
N VAL G 184 33.54 -13.57 6.54
CA VAL G 184 32.42 -14.48 6.69
C VAL G 184 32.78 -15.90 6.25
N ALA G 185 33.37 -16.01 5.07
CA ALA G 185 33.73 -17.31 4.52
C ALA G 185 34.91 -17.94 5.26
N GLY G 186 35.55 -17.15 6.12
CA GLY G 186 36.71 -17.61 6.87
C GLY G 186 36.34 -18.59 7.98
N HIS G 187 35.12 -18.45 8.48
CA HIS G 187 34.65 -19.31 9.57
C HIS G 187 33.57 -20.29 9.10
N LEU G 188 33.16 -20.14 7.84
CA LEU G 188 32.14 -21.01 7.26
C LEU G 188 30.79 -20.81 7.95
N SER G 189 30.09 -19.75 7.54
CA SER G 189 28.79 -19.44 8.12
C SER G 189 28.07 -18.39 7.28
N ILE G 190 26.82 -18.11 7.64
CA ILE G 190 26.02 -17.12 6.93
C ILE G 190 26.46 -15.70 7.27
N GLN G 191 26.09 -14.75 6.42
CA GLN G 191 26.53 -13.36 6.58
C GLN G 191 25.83 -12.64 7.73
N PRO G 192 24.52 -12.90 7.91
CA PRO G 192 23.74 -12.26 8.95
C PRO G 192 24.18 -12.67 10.35
N GLU G 193 24.75 -13.86 10.46
CA GLU G 193 25.20 -14.38 11.75
C GLU G 193 26.51 -13.72 12.19
N THR G 194 27.26 -13.19 11.22
CA THR G 194 28.54 -12.57 11.50
C THR G 194 28.37 -11.23 12.21
N PHE G 195 27.58 -10.34 11.62
CA PHE G 195 27.36 -9.01 12.18
C PHE G 195 26.74 -9.07 13.56
N SER G 196 25.89 -10.06 13.79
CA SER G 196 25.22 -10.23 15.08
C SER G 196 26.20 -10.69 16.15
N ARG G 197 27.09 -11.61 15.77
CA ARG G 197 28.07 -12.15 16.71
C ARG G 197 29.02 -11.06 17.21
N ILE G 198 29.37 -10.13 16.34
CA ILE G 198 30.26 -9.04 16.69
C ILE G 198 29.56 -8.03 17.60
N MET G 199 28.26 -7.86 17.40
CA MET G 199 27.47 -6.94 18.21
C MET G 199 27.31 -7.45 19.64
N HIS G 200 27.32 -8.77 19.80
CA HIS G 200 27.18 -9.37 21.12
C HIS G 200 28.40 -9.13 21.99
N ARG G 201 29.57 -9.02 21.36
CA ARG G 201 30.81 -8.81 22.08
C ARG G 201 30.94 -7.36 22.58
N LEU G 202 30.17 -6.46 21.98
CA LEU G 202 30.20 -5.05 22.36
C LEU G 202 29.61 -4.85 23.75
N GLY G 203 28.46 -5.47 24.01
CA GLY G 203 27.80 -5.35 25.30
C GLY G 203 28.56 -6.06 26.41
N ASP G 204 29.30 -7.07 26.09
CA ASP G 204 30.08 -7.81 27.06
C ASP G 204 31.34 -7.05 27.46
N GLU G 205 31.68 -6.00 26.72
CA GLU G 205 32.86 -5.20 26.98
C GLU G 205 34.12 -6.00 26.73
N GLY G 206 34.26 -6.42 25.40
CA GLY G 206 35.55 -7.06 25.13
C GLY G 206 36.19 -6.55 23.85
N ILE G 207 35.37 -6.15 22.90
CA ILE G 207 35.85 -5.64 21.62
C ILE G 207 35.14 -4.35 21.23
N ILE G 208 35.91 -3.39 20.71
CA ILE G 208 35.35 -2.12 20.25
C ILE G 208 35.06 -2.16 18.76
N HIS G 209 33.80 -1.88 18.41
CA HIS G 209 33.39 -1.92 17.01
C HIS G 209 33.94 -0.72 16.23
N LEU G 210 34.62 -1.01 15.13
CA LEU G 210 35.19 0.04 14.29
C LEU G 210 34.90 -0.23 12.81
N ASP G 211 34.92 0.81 12.04
CA ASP G 211 34.60 0.72 10.62
C ASP G 211 35.71 0.03 9.83
N GLY G 212 35.69 -1.31 9.85
CA GLY G 212 36.69 -2.10 9.14
C GLY G 212 37.93 -2.36 9.93
N ARG G 213 37.92 -1.96 11.19
CA ARG G 213 39.05 -2.12 12.08
C ARG G 213 38.67 -2.85 13.35
N GLU G 214 39.73 -3.38 13.97
CA GLU G 214 39.36 -4.20 15.11
C GLU G 214 40.26 -3.90 16.32
N ILE G 215 39.67 -3.33 17.36
CA ILE G 215 40.41 -3.01 18.57
C ILE G 215 39.79 -3.68 19.80
N SER G 216 40.60 -4.46 20.50
CA SER G 216 40.12 -5.16 21.70
C SER G 216 40.28 -4.30 22.94
N ILE G 217 39.31 -4.50 23.83
CA ILE G 217 39.37 -3.95 25.18
C ILE G 217 40.20 -4.87 26.05
N LEU G 218 39.79 -6.23 25.80
CA LEU G 218 40.57 -7.18 26.59
C LEU G 218 40.80 -8.49 25.83
N ASP G 219 42.00 -8.66 25.31
CA ASP G 219 42.34 -9.87 24.58
C ASP G 219 42.35 -11.09 25.49
N ARG G 220 42.39 -10.86 26.79
CA ARG G 220 42.40 -11.93 27.77
C ARG G 220 41.07 -12.67 27.78
N GLU G 221 39.98 -11.92 27.71
CA GLU G 221 38.64 -12.51 27.72
C GLU G 221 38.29 -13.13 26.38
N ARG G 222 38.93 -12.63 25.32
CA ARG G 222 38.68 -13.12 23.97
C ARG G 222 39.19 -14.56 23.81
N LEU G 223 40.31 -14.86 24.47
CA LEU G 223 40.90 -16.19 24.37
C LEU G 223 40.22 -17.17 25.32
N GLU G 224 39.52 -16.63 26.32
CA GLU G 224 38.83 -17.47 27.30
C GLU G 224 37.43 -17.85 26.83
N CYS G 225 36.91 -17.10 25.87
CA CYS G 225 35.57 -17.36 25.35
C CYS G 225 35.53 -18.63 24.50
N PHE G 226 36.68 -18.99 23.94
CA PHE G 226 36.78 -20.16 23.08
C PHE G 226 37.07 -21.43 23.89
N GLU G 227 37.98 -21.31 24.86
CA GLU G 227 38.36 -22.44 25.69
C GLU G 227 39.01 -23.54 24.86
N MET H 1 -6.68 -7.78 -7.13
CA MET H 1 -8.09 -8.19 -6.86
C MET H 1 -8.23 -8.86 -5.49
N GLU H 2 -9.00 -9.95 -5.45
CA GLU H 2 -9.26 -10.65 -4.20
C GLU H 2 -8.08 -11.54 -3.80
N PHE H 3 -8.09 -11.96 -2.53
CA PHE H 3 -7.05 -12.85 -2.01
C PHE H 3 -5.69 -12.15 -1.93
N GLN H 4 -4.86 -12.63 -1.00
CA GLN H 4 -3.53 -12.06 -0.81
C GLN H 4 -2.50 -12.82 -1.63
N ARG H 5 -2.45 -14.13 -1.47
CA ARG H 5 -1.54 -14.97 -2.22
C ARG H 5 -0.09 -14.48 -2.12
N VAL H 6 0.30 -14.06 -0.93
CA VAL H 6 1.65 -13.58 -0.69
C VAL H 6 2.37 -14.43 0.36
N HIS H 7 1.62 -14.84 1.38
CA HIS H 7 2.19 -15.65 2.45
C HIS H 7 1.38 -16.91 2.68
N GLN H 8 0.66 -17.34 1.64
CA GLN H 8 -0.15 -18.55 1.71
C GLN H 8 0.71 -19.80 1.59
N GLN H 9 1.74 -19.72 0.75
CA GLN H 9 2.64 -20.84 0.54
C GLN H 9 3.77 -20.83 1.56
N LEU H 10 4.01 -19.68 2.16
CA LEU H 10 5.08 -19.52 3.15
C LEU H 10 4.76 -20.26 4.44
N LEU H 11 3.47 -20.40 4.73
CA LEU H 11 3.03 -21.09 5.94
C LEU H 11 3.11 -22.60 5.77
N GLN H 12 3.02 -23.06 4.53
CA GLN H 12 3.05 -24.49 4.23
C GLN H 12 4.41 -25.10 4.55
N SER H 13 5.44 -24.27 4.59
CA SER H 13 6.80 -24.73 4.88
C SER H 13 6.92 -25.16 6.33
N HIS H 14 5.98 -24.72 7.16
CA HIS H 14 5.98 -25.06 8.59
C HIS H 14 5.52 -26.50 8.79
N HIS H 15 5.95 -27.11 9.89
CA HIS H 15 5.65 -28.51 10.15
C HIS H 15 4.19 -28.73 10.54
N LEU H 16 3.56 -27.70 11.09
CA LEU H 16 2.17 -27.81 11.53
C LEU H 16 1.18 -27.59 10.40
N PHE H 17 1.65 -27.03 9.29
CA PHE H 17 0.79 -26.71 8.16
C PHE H 17 1.16 -27.51 6.91
N GLU H 18 2.11 -28.42 7.05
CA GLU H 18 2.59 -29.20 5.91
C GLU H 18 1.61 -30.31 5.53
N PRO H 19 1.14 -31.08 6.54
CA PRO H 19 0.25 -32.20 6.32
C PRO H 19 -1.16 -31.76 5.93
N LEU H 20 -1.47 -30.49 6.18
CA LEU H 20 -2.80 -29.96 5.88
C LEU H 20 -3.04 -29.84 4.38
N SER H 21 -4.25 -30.16 3.96
CA SER H 21 -4.62 -30.05 2.54
C SER H 21 -5.00 -28.60 2.21
N PRO H 22 -4.90 -28.24 0.92
CA PRO H 22 -5.20 -26.89 0.46
C PRO H 22 -6.64 -26.49 0.79
N VAL H 23 -7.49 -27.50 0.98
CA VAL H 23 -8.89 -27.25 1.31
C VAL H 23 -9.05 -26.77 2.75
N GLN H 24 -8.25 -27.34 3.65
CA GLN H 24 -8.29 -26.97 5.06
C GLN H 24 -7.29 -25.86 5.36
N LEU H 25 -6.36 -25.65 4.45
CA LEU H 25 -5.35 -24.61 4.61
C LEU H 25 -5.92 -23.24 4.27
N GLN H 26 -6.71 -23.18 3.21
CA GLN H 26 -7.34 -21.93 2.79
C GLN H 26 -8.42 -21.51 3.78
N GLU H 27 -9.15 -22.49 4.31
CA GLU H 27 -10.20 -22.23 5.29
C GLU H 27 -9.61 -21.75 6.61
N LEU H 28 -8.39 -22.21 6.90
CA LEU H 28 -7.69 -21.82 8.12
C LEU H 28 -7.18 -20.39 8.00
N LEU H 29 -6.87 -19.97 6.77
CA LEU H 29 -6.40 -18.62 6.52
C LEU H 29 -7.51 -17.61 6.76
N ALA H 30 -8.75 -18.05 6.64
CA ALA H 30 -9.90 -17.19 6.84
C ALA H 30 -10.08 -16.86 8.32
N SER H 31 -9.84 -17.84 9.17
CA SER H 31 -9.96 -17.66 10.61
C SER H 31 -8.64 -17.25 11.23
N SER H 32 -7.89 -16.42 10.52
CA SER H 32 -6.60 -15.94 11.00
C SER H 32 -6.41 -14.45 10.71
N ASP H 33 -6.02 -13.70 11.74
CA ASP H 33 -5.83 -12.26 11.60
C ASP H 33 -4.34 -11.89 11.68
N LEU H 34 -3.86 -11.19 10.66
CA LEU H 34 -2.48 -10.73 10.63
C LEU H 34 -2.34 -9.39 11.35
N VAL H 35 -1.49 -9.36 12.37
CA VAL H 35 -1.29 -8.15 13.16
C VAL H 35 0.19 -7.85 13.39
N ASN H 36 0.56 -6.59 13.21
CA ASN H 36 1.94 -6.16 13.46
C ASN H 36 2.10 -5.54 14.84
N LEU H 37 3.13 -5.97 15.55
CA LEU H 37 3.38 -5.47 16.90
C LEU H 37 4.64 -4.63 16.97
N ASP H 38 4.61 -3.59 17.79
CA ASP H 38 5.76 -2.70 17.95
C ASP H 38 6.65 -3.16 19.11
N LYS H 39 7.75 -2.44 19.31
CA LYS H 39 8.69 -2.77 20.38
C LYS H 39 8.09 -2.46 21.75
N GLY H 40 7.94 -3.48 22.58
CA GLY H 40 7.38 -3.33 23.91
C GLY H 40 5.95 -3.83 24.00
N ALA H 41 5.33 -4.03 22.84
CA ALA H 41 3.95 -4.51 22.79
C ALA H 41 3.85 -5.96 23.26
N TYR H 42 2.75 -6.29 23.93
CA TYR H 42 2.54 -7.63 24.44
C TYR H 42 1.65 -8.46 23.51
N VAL H 43 2.09 -9.67 23.20
CA VAL H 43 1.29 -10.58 22.39
C VAL H 43 0.08 -11.06 23.19
N PHE H 44 0.35 -11.64 24.35
CA PHE H 44 -0.70 -12.07 25.26
C PHE H 44 -0.19 -12.02 26.70
N ARG H 45 -1.08 -11.66 27.63
CA ARG H 45 -0.68 -11.49 29.02
C ARG H 45 -1.18 -12.65 29.89
N GLN H 46 -0.48 -12.88 31.00
CA GLN H 46 -0.83 -13.95 31.92
C GLN H 46 -2.22 -13.73 32.54
N GLY H 47 -3.08 -14.73 32.40
CA GLY H 47 -4.44 -14.64 32.93
C GLY H 47 -5.47 -14.47 31.83
N GLU H 48 -5.00 -14.15 30.63
CA GLU H 48 -5.88 -13.97 29.50
C GLU H 48 -6.31 -15.30 28.90
N PRO H 49 -7.61 -15.43 28.57
CA PRO H 49 -8.15 -16.66 27.99
C PRO H 49 -7.45 -17.04 26.70
N ALA H 50 -7.00 -18.28 26.60
CA ALA H 50 -6.32 -18.76 25.41
C ALA H 50 -7.33 -19.27 24.38
N HIS H 51 -7.38 -18.62 23.22
CA HIS H 51 -8.32 -19.00 22.17
C HIS H 51 -7.65 -18.98 20.79
N ALA H 52 -6.36 -18.64 20.76
CA ALA H 52 -5.63 -18.59 19.49
C ALA H 52 -4.13 -18.65 19.71
N PHE H 53 -3.45 -19.41 18.85
CA PHE H 53 -2.00 -19.51 18.89
C PHE H 53 -1.38 -18.63 17.80
N TYR H 54 -0.14 -18.20 18.03
CA TYR H 54 0.51 -17.25 17.13
C TYR H 54 1.62 -17.87 16.29
N TYR H 55 1.83 -17.31 15.11
CA TYR H 55 2.92 -17.72 14.24
C TYR H 55 3.79 -16.52 13.89
N LEU H 56 5.09 -16.61 14.20
CA LEU H 56 6.01 -15.51 13.96
C LEU H 56 6.67 -15.60 12.59
N ILE H 57 6.52 -14.56 11.79
CA ILE H 57 7.13 -14.51 10.47
C ILE H 57 8.49 -13.82 10.54
N SER H 58 8.54 -12.68 11.22
CA SER H 58 9.77 -11.92 11.37
C SER H 58 9.87 -11.29 12.74
N GLY H 59 11.07 -11.29 13.32
CA GLY H 59 11.29 -10.70 14.64
C GLY H 59 11.55 -11.74 15.71
N CYS H 60 11.44 -11.33 16.97
CA CYS H 60 11.67 -12.23 18.09
C CYS H 60 10.69 -11.93 19.22
N VAL H 61 10.11 -13.00 19.79
CA VAL H 61 9.14 -12.86 20.86
C VAL H 61 9.52 -13.70 22.08
N LYS H 62 9.62 -13.06 23.24
CA LYS H 62 9.92 -13.75 24.48
C LYS H 62 8.67 -13.95 25.31
N ILE H 63 8.71 -14.92 26.22
CA ILE H 63 7.56 -15.22 27.07
C ILE H 63 7.83 -14.90 28.53
N TYR H 64 8.89 -15.48 29.08
CA TYR H 64 9.27 -15.27 30.47
C TYR H 64 8.10 -15.44 31.42
N ARG H 65 8.39 -15.51 32.72
CA ARG H 65 7.37 -15.72 33.74
C ARG H 65 7.57 -14.81 34.95
N LEU H 66 8.42 -13.81 34.79
CA LEU H 66 8.65 -12.83 35.85
C LEU H 66 9.47 -13.42 37.00
N THR H 67 8.81 -14.16 37.89
CA THR H 67 9.46 -14.73 39.05
C THR H 67 9.62 -13.69 40.15
N PRO H 68 10.10 -14.13 41.32
CA PRO H 68 10.24 -13.23 42.47
C PRO H 68 11.29 -12.13 42.26
N GLU H 69 12.53 -12.42 42.66
CA GLU H 69 13.61 -11.45 42.61
C GLU H 69 14.01 -11.18 41.18
N GLY H 70 14.93 -12.00 40.65
CA GLY H 70 15.42 -11.89 39.27
C GLY H 70 14.95 -10.68 38.51
N GLN H 71 13.92 -10.83 37.72
CA GLN H 71 13.14 -9.84 36.99
C GLN H 71 12.29 -10.49 35.90
N GLU H 72 12.96 -11.08 34.92
CA GLU H 72 12.29 -11.74 33.82
C GLU H 72 12.97 -13.05 33.44
N LYS H 73 12.49 -14.16 34.01
CA LYS H 73 13.04 -15.47 33.72
C LYS H 73 12.47 -16.04 32.42
N ILE H 74 13.30 -16.06 31.39
CA ILE H 74 12.88 -16.56 30.09
C ILE H 74 12.97 -18.08 30.02
N LEU H 75 11.87 -18.71 29.62
CA LEU H 75 11.83 -20.17 29.50
C LEU H 75 12.21 -20.62 28.10
N GLU H 76 11.68 -19.95 27.10
CA GLU H 76 11.96 -20.30 25.70
C GLU H 76 11.90 -19.09 24.79
N VAL H 77 12.95 -18.90 23.99
CA VAL H 77 13.01 -17.79 23.06
C VAL H 77 12.52 -18.23 21.67
N THR H 78 11.54 -17.51 21.14
CA THR H 78 10.96 -17.85 19.85
C THR H 78 11.56 -16.99 18.73
N ASN H 79 12.08 -17.65 17.70
CA ASN H 79 12.67 -16.94 16.56
C ASN H 79 11.71 -16.83 15.39
N GLU H 80 12.22 -16.37 14.25
CA GLU H 80 11.41 -16.19 13.06
C GLU H 80 11.11 -17.53 12.39
N ARG H 81 9.92 -17.65 11.79
CA ARG H 81 9.51 -18.86 11.12
C ARG H 81 9.24 -20.00 12.10
N ASN H 82 8.83 -19.63 13.31
CA ASN H 82 8.50 -20.62 14.33
C ASN H 82 7.25 -20.24 15.13
N THR H 83 6.52 -21.26 15.59
CA THR H 83 5.32 -21.03 16.37
C THR H 83 5.59 -21.14 17.87
N PHE H 84 4.79 -20.42 18.66
CA PHE H 84 4.94 -20.46 20.11
C PHE H 84 3.58 -20.45 20.80
N ALA H 85 3.44 -21.26 21.85
CA ALA H 85 2.20 -21.34 22.59
C ALA H 85 1.12 -22.04 21.79
N GLU H 86 1.53 -22.96 20.92
CA GLU H 86 0.58 -23.71 20.10
C GLU H 86 0.17 -25.00 20.80
N ALA H 87 0.99 -25.45 21.75
CA ALA H 87 0.72 -26.67 22.49
C ALA H 87 -0.36 -26.43 23.55
N MET H 88 -0.51 -25.18 23.97
CA MET H 88 -1.51 -24.83 24.97
C MET H 88 -2.91 -25.11 24.45
N MET H 89 -3.05 -25.14 23.13
CA MET H 89 -4.32 -25.46 22.50
C MET H 89 -4.78 -26.85 22.91
N PHE H 90 -3.87 -27.81 22.77
CA PHE H 90 -4.16 -29.20 23.13
C PHE H 90 -4.13 -29.37 24.64
N MET H 91 -3.44 -28.46 25.33
CA MET H 91 -3.33 -28.51 26.78
C MET H 91 -4.70 -28.30 27.44
N ASP H 92 -4.78 -28.61 28.72
CA ASP H 92 -6.03 -28.46 29.47
C ASP H 92 -6.21 -27.03 29.97
N THR H 93 -5.12 -26.27 30.02
CA THR H 93 -5.17 -24.89 30.48
C THR H 93 -5.94 -24.00 29.51
N PRO H 94 -7.00 -23.34 29.99
CA PRO H 94 -7.83 -22.47 29.18
C PRO H 94 -7.25 -21.08 29.02
N ASN H 95 -6.33 -20.71 29.93
CA ASN H 95 -5.71 -19.40 29.88
C ASN H 95 -4.19 -19.47 29.69
N TYR H 96 -3.60 -18.36 29.26
CA TYR H 96 -2.16 -18.29 29.06
C TYR H 96 -1.42 -18.33 30.39
N VAL H 97 -0.29 -19.01 30.41
CA VAL H 97 0.48 -19.19 31.64
C VAL H 97 1.44 -18.05 31.91
N ALA H 98 1.77 -17.30 30.86
CA ALA H 98 2.73 -16.20 31.00
C ALA H 98 2.36 -15.00 30.13
N THR H 99 3.11 -13.91 30.29
CA THR H 99 2.88 -12.70 29.53
C THR H 99 3.94 -12.52 28.46
N ALA H 100 3.59 -12.83 27.22
CA ALA H 100 4.54 -12.73 26.10
C ALA H 100 4.75 -11.28 25.68
N GLN H 101 5.95 -11.00 25.17
CA GLN H 101 6.29 -9.65 24.73
C GLN H 101 7.32 -9.70 23.59
N ALA H 102 7.24 -8.73 22.68
CA ALA H 102 8.16 -8.65 21.56
C ALA H 102 9.27 -7.64 21.83
N VAL H 103 10.50 -8.00 21.50
CA VAL H 103 11.64 -7.13 21.71
C VAL H 103 11.91 -6.25 20.50
N VAL H 104 11.50 -6.72 19.34
CA VAL H 104 11.70 -5.97 18.10
C VAL H 104 10.42 -5.96 17.25
N PRO H 105 10.25 -4.91 16.44
CA PRO H 105 9.08 -4.80 15.58
C PRO H 105 8.81 -6.10 14.85
N SER H 106 7.80 -6.84 15.31
CA SER H 106 7.48 -8.15 14.75
C SER H 106 6.13 -8.18 14.07
N GLN H 107 5.92 -9.18 13.21
CA GLN H 107 4.66 -9.37 12.52
C GLN H 107 4.18 -10.80 12.74
N LEU H 108 2.98 -10.96 13.26
CA LEU H 108 2.48 -12.29 13.63
C LEU H 108 1.12 -12.62 13.03
N PHE H 109 0.89 -13.90 12.78
CA PHE H 109 -0.41 -14.40 12.37
C PHE H 109 -1.15 -14.97 13.58
N ARG H 110 -2.38 -14.53 13.80
CA ARG H 110 -3.16 -15.00 14.94
C ARG H 110 -4.17 -16.06 14.53
N PHE H 111 -3.70 -17.30 14.43
CA PHE H 111 -4.56 -18.43 14.11
C PHE H 111 -5.40 -18.84 15.31
N SER H 112 -6.71 -18.97 15.11
CA SER H 112 -7.62 -19.35 16.19
C SER H 112 -7.48 -20.83 16.53
N ASN H 113 -7.66 -21.15 17.81
CA ASN H 113 -7.57 -22.53 18.28
C ASN H 113 -8.79 -23.35 17.90
N LYS H 114 -9.95 -22.72 17.91
CA LYS H 114 -11.20 -23.40 17.60
C LYS H 114 -11.24 -23.88 16.15
N ALA H 115 -10.60 -23.13 15.28
CA ALA H 115 -10.58 -23.46 13.85
C ALA H 115 -9.61 -24.59 13.55
N TYR H 116 -8.66 -24.81 14.44
CA TYR H 116 -7.63 -25.84 14.23
C TYR H 116 -7.99 -27.12 14.97
N LEU H 117 -8.79 -27.00 16.03
CA LEU H 117 -9.22 -28.16 16.79
C LEU H 117 -10.36 -28.90 16.10
N ARG H 118 -11.34 -28.14 15.63
CA ARG H 118 -12.49 -28.71 14.94
C ARG H 118 -12.06 -29.57 13.75
N GLN H 119 -11.00 -29.13 13.07
CA GLN H 119 -10.48 -29.85 11.91
C GLN H 119 -9.73 -31.11 12.33
N LEU H 120 -9.31 -31.14 13.60
CA LEU H 120 -8.60 -32.29 14.14
C LEU H 120 -9.56 -33.28 14.77
N GLN H 121 -10.57 -32.75 15.45
CA GLN H 121 -11.58 -33.60 16.10
C GLN H 121 -11.90 -34.78 15.20
N ASP H 122 -12.60 -34.52 14.11
CA ASP H 122 -12.90 -35.56 13.13
C ASP H 122 -11.74 -35.71 12.16
N ASN H 123 -11.73 -36.82 11.41
CA ASN H 123 -10.65 -37.08 10.47
C ASN H 123 -9.36 -37.48 11.20
N THR H 124 -9.34 -38.70 11.74
CA THR H 124 -8.18 -39.19 12.44
C THR H 124 -6.97 -39.31 11.52
N PRO H 125 -7.23 -39.49 10.21
CA PRO H 125 -6.17 -39.58 9.22
C PRO H 125 -5.34 -38.30 9.19
N LEU H 126 -5.99 -37.17 9.46
CA LEU H 126 -5.30 -35.88 9.51
C LEU H 126 -4.55 -35.73 10.83
N ALA H 127 -5.13 -36.28 11.90
CA ALA H 127 -4.51 -36.23 13.22
C ALA H 127 -3.28 -37.13 13.26
N LEU H 128 -3.34 -38.24 12.52
CA LEU H 128 -2.23 -39.18 12.46
C LEU H 128 -1.09 -38.63 11.59
N ALA H 129 -1.46 -37.99 10.48
CA ALA H 129 -0.48 -37.43 9.57
C ALA H 129 0.28 -36.26 10.21
N LEU H 130 -0.37 -35.59 11.15
CA LEU H 130 0.24 -34.46 11.83
C LEU H 130 1.27 -34.95 12.85
N LEU H 131 1.09 -36.17 13.31
CA LEU H 131 2.02 -36.78 14.26
C LEU H 131 3.32 -37.16 13.57
N ALA H 132 3.23 -37.50 12.29
CA ALA H 132 4.40 -37.89 11.51
C ALA H 132 5.25 -36.66 11.15
N LYS H 133 4.58 -35.56 10.82
CA LYS H 133 5.26 -34.33 10.45
C LYS H 133 6.07 -33.77 11.63
N LEU H 134 5.48 -33.85 12.82
CA LEU H 134 6.14 -33.35 14.02
C LEU H 134 7.33 -34.23 14.41
N SER H 135 7.22 -35.53 14.14
CA SER H 135 8.28 -36.47 14.50
C SER H 135 9.44 -36.43 13.52
N THR H 136 9.14 -36.60 12.23
CA THR H 136 10.17 -36.64 11.20
C THR H 136 11.12 -35.44 11.29
N ARG H 137 10.57 -34.27 11.55
CA ARG H 137 11.40 -33.06 11.64
C ARG H 137 12.22 -33.02 12.93
N LEU H 138 11.59 -33.38 14.05
CA LEU H 138 12.28 -33.40 15.33
C LEU H 138 13.30 -34.53 15.40
N HIS H 139 13.16 -35.52 14.53
CA HIS H 139 14.14 -36.58 14.42
C HIS H 139 15.40 -36.02 13.76
N GLN H 140 15.22 -35.11 12.82
CA GLN H 140 16.34 -34.43 12.17
C GLN H 140 16.98 -33.46 13.15
N ARG H 141 16.16 -32.92 14.05
CA ARG H 141 16.65 -32.02 15.08
C ARG H 141 17.51 -32.79 16.08
N ILE H 142 17.01 -33.94 16.52
CA ILE H 142 17.77 -34.81 17.42
C ILE H 142 19.07 -35.24 16.76
N ASP H 143 19.02 -35.42 15.43
CA ASP H 143 20.20 -35.79 14.67
C ASP H 143 21.18 -34.63 14.60
N GLU H 144 20.65 -33.40 14.68
CA GLU H 144 21.49 -32.21 14.66
C GLU H 144 22.08 -31.95 16.05
N ILE H 145 21.34 -32.34 17.08
CA ILE H 145 21.81 -32.17 18.45
C ILE H 145 23.12 -32.90 18.69
N GLU H 146 23.21 -34.12 18.16
CA GLU H 146 24.41 -34.95 18.34
C GLU H 146 25.57 -34.44 17.49
N THR H 147 25.31 -34.21 16.21
CA THR H 147 26.34 -33.79 15.28
C THR H 147 26.96 -32.46 15.67
N LEU H 148 26.20 -31.64 16.39
CA LEU H 148 26.68 -30.32 16.82
C LEU H 148 27.34 -30.40 18.20
N SER H 149 26.83 -31.27 19.05
CA SER H 149 27.38 -31.44 20.39
C SER H 149 28.71 -32.19 20.34
N LEU H 150 28.82 -33.12 19.40
CA LEU H 150 30.05 -33.88 19.24
C LEU H 150 31.15 -33.00 18.67
N LYS H 151 30.77 -32.10 17.77
CA LYS H 151 31.72 -31.16 17.17
C LYS H 151 32.25 -30.20 18.22
N ASN H 152 31.33 -29.52 18.92
CA ASN H 152 31.71 -28.60 19.97
C ASN H 152 32.54 -29.28 21.05
N ALA H 153 32.43 -30.60 21.12
CA ALA H 153 33.18 -31.39 22.11
C ALA H 153 34.57 -31.70 21.59
N THR H 154 34.66 -32.16 20.34
CA THR H 154 35.93 -32.51 19.73
C THR H 154 36.79 -31.28 19.48
N HIS H 155 36.20 -30.27 18.84
CA HIS H 155 36.93 -29.06 18.49
C HIS H 155 37.67 -28.47 19.68
N ARG H 156 37.08 -28.59 20.86
CA ARG H 156 37.67 -28.03 22.07
C ARG H 156 38.89 -28.81 22.53
N VAL H 157 38.77 -30.14 22.55
CA VAL H 157 39.87 -31.00 22.98
C VAL H 157 41.05 -30.89 22.03
N VAL H 158 40.77 -30.59 20.77
CA VAL H 158 41.82 -30.47 19.76
C VAL H 158 42.74 -29.29 20.05
N ARG H 159 42.19 -28.23 20.60
CA ARG H 159 42.95 -27.02 20.89
C ARG H 159 43.65 -27.10 22.25
N TYR H 160 43.14 -27.96 23.12
CA TYR H 160 43.68 -28.08 24.47
C TYR H 160 44.78 -29.13 24.56
N LEU H 161 44.57 -30.26 23.91
CA LEU H 161 45.53 -31.37 23.97
C LEU H 161 46.46 -31.39 22.75
N LEU H 162 46.34 -30.39 21.89
CA LEU H 162 47.15 -30.32 20.68
C LEU H 162 48.29 -29.32 20.84
N THR H 163 48.62 -28.99 22.09
CA THR H 163 49.69 -28.04 22.38
C THR H 163 51.06 -28.70 22.21
N LEU H 164 51.87 -28.27 21.23
CA LEU H 164 53.13 -28.93 20.90
C LEU H 164 54.26 -27.92 20.74
N ALA H 165 54.30 -26.91 20.01
CA ALA H 165 55.16 -25.80 19.64
C ALA H 165 54.50 -24.92 18.59
N ALA H 166 54.96 -25.02 17.35
CA ALA H 166 54.41 -24.25 16.25
C ALA H 166 53.82 -25.16 15.18
N HIS H 167 53.77 -26.45 15.47
CA HIS H 167 53.25 -27.44 14.54
C HIS H 167 54.13 -27.58 13.30
N ALA H 168 55.03 -28.55 13.33
CA ALA H 168 55.94 -28.80 12.23
C ALA H 168 55.72 -30.18 11.63
N PRO H 169 56.02 -30.33 10.32
CA PRO H 169 55.86 -31.59 9.61
C PRO H 169 56.71 -32.70 10.23
N GLY H 170 57.97 -32.72 9.86
CA GLY H 170 58.87 -33.79 10.23
C GLY H 170 59.51 -33.58 11.58
N GLU H 171 60.72 -34.08 11.72
CA GLU H 171 61.52 -33.99 12.93
C GLU H 171 60.80 -34.58 14.15
N ASN H 172 60.69 -33.78 15.26
CA ASN H 172 60.13 -34.40 16.46
C ASN H 172 59.34 -33.39 17.31
N CYS H 173 58.24 -33.87 17.89
CA CYS H 173 57.40 -33.01 18.73
C CYS H 173 57.70 -33.24 20.22
N ARG H 174 57.33 -32.28 21.05
CA ARG H 174 57.55 -32.38 22.49
C ARG H 174 56.50 -31.60 23.27
N VAL H 175 56.92 -31.01 24.38
CA VAL H 175 56.02 -30.22 25.22
C VAL H 175 55.50 -31.03 26.41
N GLU H 176 55.03 -30.32 27.43
CA GLU H 176 54.50 -30.95 28.63
C GLU H 176 53.73 -32.22 28.31
N ILE H 177 53.79 -33.19 29.24
CA ILE H 177 53.08 -34.45 29.07
C ILE H 177 51.74 -34.42 29.79
N PRO H 178 50.64 -34.58 29.03
CA PRO H 178 49.29 -34.55 29.57
C PRO H 178 48.98 -35.80 30.41
N VAL H 179 48.07 -35.65 31.37
CA VAL H 179 47.67 -36.76 32.21
C VAL H 179 46.24 -37.19 31.90
N ALA H 180 46.06 -38.48 31.62
CA ALA H 180 44.75 -39.02 31.25
C ALA H 180 43.62 -38.37 32.03
N LYS H 181 43.72 -38.41 33.36
CA LYS H 181 42.66 -37.90 34.23
C LYS H 181 42.42 -36.40 34.02
N GLN H 182 43.50 -35.63 33.90
CA GLN H 182 43.40 -34.18 33.75
C GLN H 182 42.67 -33.80 32.47
N LEU H 183 42.90 -34.57 31.41
CA LEU H 183 42.29 -34.29 30.12
C LEU H 183 40.80 -34.67 30.11
N VAL H 184 40.46 -35.71 30.85
CA VAL H 184 39.08 -36.18 30.92
C VAL H 184 38.19 -35.18 31.66
N ALA H 185 38.74 -34.59 32.73
CA ALA H 185 38.00 -33.62 33.53
C ALA H 185 37.81 -32.31 32.77
N GLY H 186 38.82 -31.93 31.99
CA GLY H 186 38.76 -30.69 31.22
C GLY H 186 37.86 -30.80 30.00
N HIS H 187 37.18 -31.87 29.77
CA HIS H 187 36.30 -32.05 28.64
C HIS H 187 34.88 -32.37 29.06
N LEU H 188 34.43 -31.76 30.03
CA LEU H 188 33.03 -31.79 30.47
C LEU H 188 32.61 -33.20 30.86
N SER H 189 32.54 -34.10 29.87
CA SER H 189 32.14 -35.47 30.12
C SER H 189 33.23 -36.23 30.89
N ILE H 190 32.94 -37.48 31.23
CA ILE H 190 33.89 -38.31 31.96
C ILE H 190 34.48 -39.40 31.08
N GLN H 191 33.70 -40.45 30.71
CA GLN H 191 34.18 -41.58 29.93
C GLN H 191 33.34 -41.96 28.71
N PRO H 192 32.18 -41.37 28.58
CA PRO H 192 31.43 -41.94 27.45
C PRO H 192 31.66 -41.14 26.17
N GLU H 193 32.05 -39.88 26.31
CA GLU H 193 32.29 -39.01 25.15
C GLU H 193 33.76 -38.66 25.01
N THR H 194 34.43 -38.49 26.14
CA THR H 194 35.85 -38.12 26.15
C THR H 194 36.69 -39.08 25.31
N PHE H 195 36.52 -40.38 25.54
CA PHE H 195 37.30 -41.39 24.84
C PHE H 195 36.95 -41.46 23.35
N SER H 196 35.67 -41.25 23.04
CA SER H 196 35.19 -41.32 21.67
C SER H 196 35.66 -40.13 20.85
N ARG H 197 35.62 -38.95 21.45
CA ARG H 197 36.01 -37.71 20.76
C ARG H 197 37.47 -37.76 20.30
N ILE H 198 38.29 -38.48 21.05
CA ILE H 198 39.72 -38.58 20.74
C ILE H 198 39.99 -39.64 19.68
N MET H 199 39.30 -40.77 19.80
CA MET H 199 39.47 -41.88 18.86
C MET H 199 39.22 -41.46 17.43
N HIS H 200 38.24 -40.58 17.24
CA HIS H 200 37.88 -40.10 15.91
C HIS H 200 39.02 -39.29 15.28
N ARG H 201 39.71 -38.52 16.10
CA ARG H 201 40.82 -37.71 15.64
C ARG H 201 42.05 -38.56 15.33
N LEU H 202 42.25 -39.62 16.12
CA LEU H 202 43.37 -40.52 15.92
C LEU H 202 43.33 -41.14 14.53
N GLY H 203 42.13 -41.49 14.08
CA GLY H 203 41.96 -42.07 12.75
C GLY H 203 42.20 -41.05 11.66
N ASP H 204 42.10 -39.77 12.01
CA ASP H 204 42.35 -38.69 11.07
C ASP H 204 43.78 -38.18 11.19
N GLU H 205 44.66 -39.04 11.67
CA GLU H 205 46.07 -38.68 11.84
C GLU H 205 46.26 -37.70 12.99
N GLY H 206 46.44 -38.24 14.19
CA GLY H 206 46.64 -37.40 15.37
C GLY H 206 47.80 -37.86 16.22
N ILE H 207 47.67 -37.72 17.49
CA ILE H 207 48.72 -38.12 18.41
C ILE H 207 48.39 -39.45 19.06
N ILE H 208 49.29 -39.93 19.89
CA ILE H 208 49.10 -41.20 20.58
C ILE H 208 49.28 -41.03 22.08
N HIS H 209 48.40 -41.66 22.85
CA HIS H 209 48.45 -41.59 24.29
C HIS H 209 49.59 -42.42 24.84
N LEU H 210 50.39 -41.81 25.69
CA LEU H 210 51.52 -42.50 26.28
C LEU H 210 51.76 -42.01 27.70
N ASP H 211 52.09 -42.94 28.57
CA ASP H 211 52.35 -42.62 29.96
C ASP H 211 53.49 -41.63 30.09
N GLY H 212 54.24 -41.46 29.01
CA GLY H 212 55.35 -40.55 29.00
C GLY H 212 55.18 -39.41 28.03
N ARG H 213 55.76 -39.55 26.85
CA ARG H 213 55.67 -38.54 25.81
C ARG H 213 54.79 -39.01 24.68
N GLU H 214 54.25 -38.04 23.96
CA GLU H 214 53.46 -38.36 22.79
C GLU H 214 53.94 -37.60 21.57
N ILE H 215 53.65 -38.15 20.33
CA ILE H 215 54.04 -37.52 19.07
C ILE H 215 52.83 -37.38 18.15
N SER H 216 52.75 -36.21 17.37
CA SER H 216 51.69 -35.97 16.38
C SER H 216 52.12 -36.41 14.99
N ILE H 217 51.26 -36.18 14.01
CA ILE H 217 51.55 -36.56 12.63
C ILE H 217 51.55 -35.36 11.70
N LEU H 218 50.36 -34.95 11.26
CA LEU H 218 50.23 -33.81 10.35
C LEU H 218 49.65 -32.59 11.07
N ASP H 219 50.27 -31.43 10.83
CA ASP H 219 49.83 -30.20 11.49
C ASP H 219 48.56 -29.65 10.86
N ARG H 220 48.55 -29.52 9.54
CA ARG H 220 47.40 -28.98 8.83
C ARG H 220 46.10 -29.60 9.32
N GLU H 221 46.06 -30.92 9.39
CA GLU H 221 44.89 -31.65 9.83
C GLU H 221 44.52 -31.30 11.27
N ARG H 222 45.55 -31.11 12.10
CA ARG H 222 45.33 -30.76 13.50
C ARG H 222 44.87 -29.32 13.63
N LEU H 223 45.22 -28.48 12.66
CA LEU H 223 44.81 -27.08 12.65
C LEU H 223 43.37 -26.94 12.18
N GLU H 224 42.86 -27.99 11.55
CA GLU H 224 41.49 -27.98 11.05
C GLU H 224 40.50 -28.43 12.13
N CYS H 225 40.82 -29.55 12.78
CA CYS H 225 39.96 -30.10 13.83
C CYS H 225 39.73 -29.07 14.94
N PHE H 226 40.38 -28.05 15.14
CA PHE H 226 40.04 -27.01 16.12
C PHE H 226 38.63 -26.51 15.85
N GLU H 227 38.52 -25.21 15.61
CA GLU H 227 37.30 -24.61 15.14
C GLU H 227 36.05 -25.33 15.63
N MET I 1 -5.38 19.88 -40.73
CA MET I 1 -6.14 18.83 -40.01
C MET I 1 -5.82 18.83 -38.51
N GLU I 2 -6.83 18.53 -37.71
CA GLU I 2 -6.65 18.49 -36.25
C GLU I 2 -7.28 17.25 -35.66
N PHE I 3 -6.50 16.52 -34.86
CA PHE I 3 -6.98 15.29 -34.23
C PHE I 3 -6.29 15.03 -32.90
N GLN I 4 -7.03 14.44 -31.97
CA GLN I 4 -6.51 14.14 -30.63
C GLN I 4 -6.34 15.42 -29.80
N ARG I 5 -7.02 15.46 -28.65
CA ARG I 5 -6.93 16.59 -27.75
C ARG I 5 -5.90 16.35 -26.67
N VAL I 6 -5.11 15.29 -26.83
CA VAL I 6 -4.09 14.93 -25.85
C VAL I 6 -2.90 15.89 -25.93
N HIS I 7 -2.64 16.41 -27.12
CA HIS I 7 -1.53 17.33 -27.32
C HIS I 7 -1.90 18.73 -26.84
N GLN I 8 -3.20 19.04 -26.87
CA GLN I 8 -3.69 20.36 -26.49
C GLN I 8 -3.69 20.56 -24.98
N GLN I 9 -3.96 19.48 -24.24
CA GLN I 9 -4.10 19.57 -22.79
C GLN I 9 -2.78 19.86 -22.08
N LEU I 10 -1.68 19.37 -22.67
CA LEU I 10 -0.36 19.57 -22.08
C LEU I 10 0.11 21.01 -22.24
N LEU I 11 -0.29 21.64 -23.34
CA LEU I 11 0.10 23.02 -23.62
C LEU I 11 -0.65 24.00 -22.72
N GLN I 12 -1.84 23.61 -22.29
CA GLN I 12 -2.66 24.46 -21.42
C GLN I 12 -1.94 24.79 -20.12
N SER I 13 -1.07 23.89 -19.69
CA SER I 13 -0.32 24.07 -18.45
C SER I 13 0.82 25.06 -18.63
N HIS I 14 1.33 25.15 -19.86
CA HIS I 14 2.44 26.05 -20.17
C HIS I 14 1.95 27.50 -20.18
N HIS I 15 2.82 28.41 -19.76
CA HIS I 15 2.47 29.83 -19.65
C HIS I 15 2.23 30.50 -20.99
N LEU I 16 2.97 30.07 -22.01
CA LEU I 16 2.88 30.69 -23.33
C LEU I 16 1.62 30.27 -24.08
N PHE I 17 0.82 29.40 -23.48
CA PHE I 17 -0.38 28.90 -24.13
C PHE I 17 -1.61 28.97 -23.21
N GLU I 18 -1.47 29.69 -22.10
CA GLU I 18 -2.55 29.79 -21.13
C GLU I 18 -3.61 30.80 -21.55
N PRO I 19 -3.17 32.01 -21.93
CA PRO I 19 -4.08 33.09 -22.32
C PRO I 19 -4.77 32.84 -23.64
N LEU I 20 -4.17 32.01 -24.49
CA LEU I 20 -4.72 31.71 -25.80
C LEU I 20 -5.98 30.86 -25.70
N SER I 21 -6.95 31.13 -26.57
CA SER I 21 -8.19 30.38 -26.60
C SER I 21 -8.04 29.11 -27.43
N PRO I 22 -8.80 28.06 -27.07
CA PRO I 22 -8.76 26.78 -27.77
C PRO I 22 -8.90 26.96 -29.28
N VAL I 23 -9.63 27.99 -29.69
CA VAL I 23 -9.84 28.26 -31.11
C VAL I 23 -8.54 28.73 -31.77
N GLN I 24 -7.80 29.58 -31.07
CA GLN I 24 -6.54 30.10 -31.58
C GLN I 24 -5.44 29.05 -31.46
N LEU I 25 -5.54 28.21 -30.43
CA LEU I 25 -4.56 27.15 -30.21
C LEU I 25 -4.69 26.05 -31.25
N GLN I 26 -5.90 25.86 -31.76
CA GLN I 26 -6.16 24.83 -32.75
C GLN I 26 -5.55 25.19 -34.10
N GLU I 27 -5.47 26.49 -34.38
CA GLU I 27 -4.86 26.97 -35.60
C GLU I 27 -3.34 26.92 -35.49
N LEU I 28 -2.84 26.96 -34.26
CA LEU I 28 -1.42 26.88 -34.00
C LEU I 28 -0.92 25.45 -34.13
N LEU I 29 -1.76 24.50 -33.72
CA LEU I 29 -1.41 23.09 -33.80
C LEU I 29 -1.59 22.55 -35.22
N ALA I 30 -2.40 23.26 -36.01
CA ALA I 30 -2.65 22.87 -37.39
C ALA I 30 -1.42 23.11 -38.26
N SER I 31 -0.63 24.11 -37.88
CA SER I 31 0.58 24.45 -38.62
C SER I 31 1.82 23.89 -37.93
N SER I 32 1.61 22.95 -37.02
CA SER I 32 2.70 22.32 -36.29
C SER I 32 2.94 20.90 -36.76
N ASP I 33 4.17 20.41 -36.59
CA ASP I 33 4.53 19.07 -37.01
C ASP I 33 5.23 18.30 -35.90
N LEU I 34 4.91 17.02 -35.77
CA LEU I 34 5.53 16.17 -34.75
C LEU I 34 6.99 15.91 -35.10
N VAL I 35 7.85 15.89 -34.09
CA VAL I 35 9.28 15.69 -34.30
C VAL I 35 9.80 14.49 -33.52
N ASN I 36 10.56 13.64 -34.21
CA ASN I 36 11.17 12.47 -33.59
C ASN I 36 12.67 12.41 -33.86
N LEU I 37 13.46 12.86 -32.89
CA LEU I 37 14.91 12.88 -33.04
C LEU I 37 15.59 11.90 -32.09
N ASP I 38 16.66 11.28 -32.58
CA ASP I 38 17.43 10.33 -31.78
C ASP I 38 18.60 11.02 -31.10
N LYS I 39 19.52 10.22 -30.55
CA LYS I 39 20.69 10.76 -29.87
C LYS I 39 21.72 11.29 -30.87
N GLY I 40 22.11 12.54 -30.71
CA GLY I 40 23.09 13.16 -31.60
C GLY I 40 22.45 13.98 -32.69
N ALA I 41 21.12 13.91 -32.78
CA ALA I 41 20.38 14.64 -33.79
C ALA I 41 20.30 16.13 -33.46
N TYR I 42 20.43 16.97 -34.48
CA TYR I 42 20.38 18.41 -34.29
C TYR I 42 18.97 18.95 -34.46
N VAL I 43 18.58 19.87 -33.58
CA VAL I 43 17.27 20.51 -33.68
C VAL I 43 17.34 21.68 -34.66
N PHE I 44 18.31 22.56 -34.46
CA PHE I 44 18.53 23.67 -35.37
C PHE I 44 19.97 24.15 -35.27
N ARG I 45 20.62 24.32 -36.43
CA ARG I 45 22.03 24.70 -36.47
C ARG I 45 22.23 26.20 -36.58
N GLN I 46 23.41 26.67 -36.20
CA GLN I 46 23.75 28.09 -36.29
C GLN I 46 24.03 28.47 -37.74
N GLY I 47 23.38 29.53 -38.20
CA GLY I 47 23.50 29.97 -39.58
C GLY I 47 22.23 29.72 -40.36
N GLU I 48 21.48 28.71 -39.93
CA GLU I 48 20.20 28.38 -40.55
C GLU I 48 19.15 29.42 -40.17
N PRO I 49 18.23 29.71 -41.11
CA PRO I 49 17.16 30.69 -40.91
C PRO I 49 16.19 30.26 -39.81
N ALA I 50 15.84 31.19 -38.93
CA ALA I 50 14.87 30.91 -37.88
C ALA I 50 13.46 30.90 -38.44
N HIS I 51 12.73 29.82 -38.18
CA HIS I 51 11.38 29.67 -38.73
C HIS I 51 10.39 29.12 -37.70
N ALA I 52 10.88 28.39 -36.70
CA ALA I 52 10.01 27.79 -35.70
C ALA I 52 10.69 27.56 -34.37
N PHE I 53 9.97 27.80 -33.28
CA PHE I 53 10.46 27.52 -31.94
C PHE I 53 9.96 26.16 -31.48
N TYR I 54 10.71 25.53 -30.58
CA TYR I 54 10.40 24.16 -30.18
C TYR I 54 9.93 24.05 -28.74
N TYR I 55 9.09 23.04 -28.48
CA TYR I 55 8.62 22.74 -27.14
C TYR I 55 8.95 21.30 -26.78
N LEU I 56 9.76 21.11 -25.74
CA LEU I 56 10.20 19.79 -25.32
C LEU I 56 9.15 19.08 -24.48
N ILE I 57 8.69 17.93 -24.94
CA ILE I 57 7.71 17.13 -24.22
C ILE I 57 8.40 16.25 -23.18
N SER I 58 9.42 15.51 -23.62
CA SER I 58 10.18 14.65 -22.74
C SER I 58 11.59 14.43 -23.28
N GLY I 59 12.58 14.52 -22.41
CA GLY I 59 13.97 14.36 -22.80
C GLY I 59 14.83 15.54 -22.42
N CYS I 60 15.78 15.89 -23.29
CA CYS I 60 16.67 17.01 -23.03
C CYS I 60 17.29 17.56 -24.31
N VAL I 61 17.36 18.89 -24.40
CA VAL I 61 17.96 19.56 -25.55
C VAL I 61 18.83 20.72 -25.09
N LYS I 62 20.14 20.61 -25.33
CA LYS I 62 21.07 21.65 -24.90
C LYS I 62 21.34 22.66 -26.01
N ILE I 63 21.37 23.94 -25.63
CA ILE I 63 21.66 25.01 -26.57
C ILE I 63 23.06 25.56 -26.34
N TYR I 64 23.87 25.60 -27.39
CA TYR I 64 25.25 26.05 -27.28
C TYR I 64 25.71 26.85 -28.49
N ARG I 65 26.61 27.80 -28.25
CA ARG I 65 27.20 28.60 -29.32
C ARG I 65 28.70 28.38 -29.36
N LEU I 66 29.22 28.14 -30.56
CA LEU I 66 30.65 27.87 -30.73
C LEU I 66 31.50 29.12 -30.51
N THR I 67 32.47 29.00 -29.62
CA THR I 67 33.39 30.11 -29.34
C THR I 67 34.49 30.16 -30.40
N PRO I 68 34.97 31.38 -30.70
CA PRO I 68 35.99 31.61 -31.71
C PRO I 68 36.95 30.45 -31.85
N GLU I 69 37.47 29.94 -30.74
CA GLU I 69 38.43 28.85 -30.75
C GLU I 69 37.75 27.50 -30.71
N GLY I 70 37.23 27.06 -31.85
CA GLY I 70 36.56 25.78 -31.95
C GLY I 70 36.36 25.08 -30.63
N GLN I 71 35.23 25.35 -29.97
CA GLN I 71 34.90 24.71 -28.70
C GLN I 71 33.42 24.88 -28.37
N GLU I 72 32.79 23.80 -27.91
CA GLU I 72 31.37 23.81 -27.59
C GLU I 72 31.10 24.49 -26.25
N LYS I 73 30.54 25.69 -26.30
CA LYS I 73 30.22 26.43 -25.08
C LYS I 73 28.72 26.46 -24.83
N ILE I 74 28.29 25.74 -23.80
CA ILE I 74 26.88 25.67 -23.45
C ILE I 74 26.39 26.99 -22.87
N LEU I 75 25.21 27.42 -23.31
CA LEU I 75 24.64 28.68 -22.85
C LEU I 75 23.29 28.47 -22.17
N GLU I 76 22.48 27.58 -22.72
CA GLU I 76 21.15 27.31 -22.19
C GLU I 76 20.84 25.81 -22.11
N VAL I 77 20.32 25.39 -20.97
CA VAL I 77 19.93 24.00 -20.77
C VAL I 77 18.41 23.91 -20.58
N THR I 78 17.77 23.03 -21.33
CA THR I 78 16.32 22.91 -21.31
C THR I 78 15.84 21.54 -20.84
N ASN I 79 14.80 21.54 -20.02
CA ASN I 79 14.18 20.30 -19.55
C ASN I 79 12.77 20.12 -20.11
N GLU I 80 12.11 19.04 -19.72
CA GLU I 80 10.77 18.74 -20.21
C GLU I 80 9.75 19.77 -19.74
N ARG I 81 8.65 19.89 -20.48
CA ARG I 81 7.58 20.81 -20.12
C ARG I 81 8.05 22.26 -20.19
N ASN I 82 9.06 22.53 -21.00
CA ASN I 82 9.60 23.87 -21.15
C ASN I 82 9.95 24.21 -22.60
N THR I 83 9.67 25.43 -23.01
CA THR I 83 9.97 25.88 -24.36
C THR I 83 11.32 26.55 -24.44
N PHE I 84 12.02 26.36 -25.55
CA PHE I 84 13.34 26.95 -25.73
C PHE I 84 13.48 27.58 -27.12
N ALA I 85 14.18 28.70 -27.18
CA ALA I 85 14.40 29.40 -28.44
C ALA I 85 13.15 30.09 -28.94
N GLU I 86 12.27 30.48 -28.02
CA GLU I 86 11.05 31.17 -28.38
C GLU I 86 11.27 32.69 -28.37
N ALA I 87 12.45 33.11 -27.92
CA ALA I 87 12.80 34.52 -27.88
C ALA I 87 13.38 34.97 -29.22
N MET I 88 13.69 34.01 -30.08
CA MET I 88 14.26 34.30 -31.39
C MET I 88 13.25 35.00 -32.28
N MET I 89 11.96 34.83 -31.96
CA MET I 89 10.90 35.44 -32.74
C MET I 89 10.87 36.95 -32.55
N PHE I 90 11.32 37.40 -31.38
CA PHE I 90 11.34 38.82 -31.05
C PHE I 90 12.74 39.40 -31.22
N MET I 91 13.70 38.53 -31.56
CA MET I 91 15.08 38.96 -31.75
C MET I 91 15.25 39.74 -33.05
N ASP I 92 14.29 39.56 -33.96
CA ASP I 92 14.33 40.24 -35.25
C ASP I 92 15.37 39.62 -36.17
N THR I 93 16.16 38.70 -35.63
CA THR I 93 17.20 38.03 -36.40
C THR I 93 16.62 36.97 -37.32
N PRO I 94 16.95 37.07 -38.61
CA PRO I 94 16.45 36.11 -39.60
C PRO I 94 17.05 34.71 -39.42
N ASN I 95 18.21 34.64 -38.77
CA ASN I 95 18.90 33.36 -38.60
C ASN I 95 19.11 33.01 -37.13
N TYR I 96 19.34 31.73 -36.86
CA TYR I 96 19.61 31.27 -35.51
C TYR I 96 21.01 31.73 -35.06
N VAL I 97 21.16 31.96 -33.77
CA VAL I 97 22.43 32.44 -33.23
C VAL I 97 23.17 31.31 -32.50
N ALA I 98 22.45 30.26 -32.14
CA ALA I 98 23.05 29.14 -31.42
C ALA I 98 22.60 27.80 -32.01
N THR I 99 23.32 26.74 -31.67
CA THR I 99 23.01 25.40 -32.15
C THR I 99 22.44 24.53 -31.04
N ALA I 100 21.40 23.78 -31.35
CA ALA I 100 20.75 22.91 -30.38
C ALA I 100 20.98 21.43 -30.71
N GLN I 101 21.16 20.62 -29.67
CA GLN I 101 21.39 19.20 -29.85
C GLN I 101 20.81 18.40 -28.69
N ALA I 102 20.25 17.23 -29.00
CA ALA I 102 19.66 16.37 -27.99
C ALA I 102 20.61 15.26 -27.57
N VAL I 103 20.74 15.06 -26.26
CA VAL I 103 21.61 14.01 -25.72
C VAL I 103 20.85 12.71 -25.50
N VAL I 104 19.53 12.80 -25.43
CA VAL I 104 18.68 11.64 -25.24
C VAL I 104 17.47 11.68 -26.16
N PRO I 105 17.02 10.51 -26.62
CA PRO I 105 15.85 10.41 -27.48
C PRO I 105 14.70 11.26 -26.97
N SER I 106 14.42 12.36 -27.67
CA SER I 106 13.37 13.29 -27.24
C SER I 106 12.32 13.51 -28.33
N GLN I 107 11.14 13.92 -27.91
CA GLN I 107 10.04 14.21 -28.82
C GLN I 107 9.66 15.68 -28.72
N LEU I 108 9.68 16.38 -29.85
CA LEU I 108 9.46 17.82 -29.86
C LEU I 108 8.25 18.23 -30.70
N PHE I 109 7.87 19.50 -30.57
CA PHE I 109 6.77 20.06 -31.36
C PHE I 109 7.27 21.30 -32.12
N ARG I 110 7.01 21.33 -33.42
CA ARG I 110 7.49 22.42 -34.26
C ARG I 110 6.40 23.45 -34.55
N PHE I 111 6.32 24.47 -33.70
CA PHE I 111 5.37 25.55 -33.89
C PHE I 111 5.96 26.64 -34.78
N SER I 112 5.25 26.99 -35.85
CA SER I 112 5.71 28.01 -36.77
C SER I 112 5.72 29.39 -36.13
N ASN I 113 6.77 30.16 -36.40
CA ASN I 113 6.89 31.50 -35.85
C ASN I 113 5.85 32.47 -36.43
N LYS I 114 5.68 32.41 -37.75
CA LYS I 114 4.73 33.27 -38.43
C LYS I 114 3.30 32.97 -38.00
N ALA I 115 3.04 31.69 -37.71
CA ALA I 115 1.71 31.26 -37.28
C ALA I 115 1.41 31.74 -35.86
N TYR I 116 2.46 31.88 -35.05
CA TYR I 116 2.31 32.33 -33.68
C TYR I 116 2.21 33.85 -33.61
N LEU I 117 2.87 34.52 -34.55
CA LEU I 117 2.84 35.98 -34.61
C LEU I 117 1.57 36.48 -35.27
N ARG I 118 0.95 35.63 -36.08
CA ARG I 118 -0.28 35.99 -36.78
C ARG I 118 -1.37 36.42 -35.80
N GLN I 119 -1.52 35.65 -34.71
CA GLN I 119 -2.52 35.94 -33.70
C GLN I 119 -2.11 37.14 -32.85
N LEU I 120 -0.85 37.55 -32.98
CA LEU I 120 -0.33 38.65 -32.19
C LEU I 120 0.03 39.84 -33.08
N GLN I 121 -0.59 39.90 -34.25
CA GLN I 121 -0.34 40.98 -35.20
C GLN I 121 -1.05 42.27 -34.79
N ASP I 122 -2.31 42.15 -34.39
CA ASP I 122 -3.10 43.31 -34.01
C ASP I 122 -3.62 43.22 -32.58
N ASN I 123 -3.83 42.00 -32.10
CA ASN I 123 -4.32 41.78 -30.74
C ASN I 123 -3.37 42.33 -29.68
N THR I 124 -3.87 43.27 -28.89
CA THR I 124 -3.05 43.89 -27.84
C THR I 124 -3.42 43.35 -26.46
N PRO I 125 -4.69 43.00 -26.26
CA PRO I 125 -5.16 42.46 -24.99
C PRO I 125 -4.56 41.08 -24.73
N LEU I 126 -4.41 40.29 -25.78
CA LEU I 126 -3.81 38.98 -25.67
C LEU I 126 -2.29 39.12 -25.47
N ALA I 127 -1.73 40.18 -26.02
CA ALA I 127 -0.30 40.46 -25.85
C ALA I 127 0.01 40.77 -24.40
N LEU I 128 -0.89 41.51 -23.75
CA LEU I 128 -0.75 41.84 -22.33
C LEU I 128 -1.01 40.61 -21.48
N ALA I 129 -1.95 39.78 -21.89
CA ALA I 129 -2.27 38.55 -21.20
C ALA I 129 -1.06 37.64 -21.14
N LEU I 130 -0.34 37.56 -22.25
CA LEU I 130 0.89 36.77 -22.32
C LEU I 130 1.93 37.33 -21.36
N LEU I 131 2.02 38.66 -21.30
CA LEU I 131 2.94 39.32 -20.40
C LEU I 131 2.56 39.09 -18.94
N ALA I 132 1.26 38.94 -18.70
CA ALA I 132 0.75 38.70 -17.36
C ALA I 132 1.13 37.30 -16.88
N LYS I 133 1.11 36.34 -17.80
CA LYS I 133 1.48 34.97 -17.48
C LYS I 133 2.99 34.84 -17.32
N LEU I 134 3.73 35.70 -18.01
CA LEU I 134 5.18 35.69 -17.95
C LEU I 134 5.68 36.46 -16.73
N SER I 135 4.76 37.09 -16.01
CA SER I 135 5.09 37.85 -14.82
C SER I 135 4.72 37.09 -13.56
N THR I 136 3.51 36.54 -13.54
CA THR I 136 3.03 35.79 -12.39
C THR I 136 3.86 34.53 -12.17
N ARG I 137 4.22 33.86 -13.27
CA ARG I 137 5.03 32.65 -13.20
C ARG I 137 6.48 32.98 -12.85
N LEU I 138 6.97 34.10 -13.39
CA LEU I 138 8.35 34.51 -13.16
C LEU I 138 8.60 34.86 -11.70
N HIS I 139 7.74 35.70 -11.13
CA HIS I 139 7.88 36.13 -9.75
C HIS I 139 7.87 34.95 -8.78
N GLN I 140 7.18 33.88 -9.18
CA GLN I 140 7.13 32.67 -8.37
C GLN I 140 8.44 31.89 -8.47
N ARG I 141 9.10 32.01 -9.62
CA ARG I 141 10.38 31.36 -9.85
C ARG I 141 11.49 32.09 -9.10
N ILE I 142 11.44 33.42 -9.13
CA ILE I 142 12.41 34.23 -8.41
C ILE I 142 12.28 34.02 -6.91
N ASP I 143 11.05 33.77 -6.46
CA ASP I 143 10.79 33.52 -5.05
C ASP I 143 11.36 32.17 -4.64
N GLU I 144 11.38 31.22 -5.57
CA GLU I 144 11.94 29.91 -5.30
C GLU I 144 13.46 29.98 -5.23
N ILE I 145 14.05 30.90 -5.99
CA ILE I 145 15.49 31.10 -5.98
C ILE I 145 15.96 31.69 -4.66
N GLU I 146 15.19 32.66 -4.16
CA GLU I 146 15.53 33.32 -2.89
C GLU I 146 15.46 32.32 -1.73
N THR I 147 14.61 31.32 -1.87
CA THR I 147 14.46 30.30 -0.84
C THR I 147 15.53 29.22 -0.96
N LEU I 148 15.84 28.84 -2.19
CA LEU I 148 16.88 27.83 -2.44
C LEU I 148 18.27 28.40 -2.19
N SER I 149 18.45 29.68 -2.50
CA SER I 149 19.73 30.33 -2.28
C SER I 149 20.01 30.49 -0.79
N LEU I 150 18.95 30.66 -0.01
CA LEU I 150 19.07 30.78 1.43
C LEU I 150 19.36 29.44 2.08
N LYS I 151 18.66 28.40 1.62
CA LYS I 151 18.86 27.05 2.13
C LYS I 151 20.27 26.55 1.83
N ASN I 152 20.76 26.87 0.64
CA ASN I 152 22.09 26.46 0.23
C ASN I 152 23.18 27.21 0.99
N ALA I 153 22.84 28.42 1.44
CA ALA I 153 23.77 29.24 2.21
C ALA I 153 23.83 28.78 3.66
N THR I 154 22.71 28.27 4.17
CA THR I 154 22.63 27.78 5.54
C THR I 154 23.36 26.46 5.70
N HIS I 155 23.55 25.75 4.58
CA HIS I 155 24.24 24.47 4.61
C HIS I 155 25.75 24.63 4.75
N ARG I 156 26.37 25.28 3.77
CA ARG I 156 27.82 25.43 3.74
C ARG I 156 28.40 25.97 5.04
N VAL I 157 27.71 26.95 5.62
CA VAL I 157 28.19 27.57 6.87
C VAL I 157 28.38 26.53 7.97
N VAL I 158 27.45 25.59 8.07
CA VAL I 158 27.51 24.55 9.08
C VAL I 158 28.63 23.55 8.78
N ARG I 159 28.77 23.21 7.50
CA ARG I 159 29.79 22.26 7.06
C ARG I 159 31.17 22.89 7.09
N TYR I 160 31.20 24.22 7.08
CA TYR I 160 32.45 24.97 7.12
C TYR I 160 32.98 25.13 8.54
N LEU I 161 32.14 24.84 9.52
CA LEU I 161 32.51 24.99 10.92
C LEU I 161 32.89 23.64 11.54
N LEU I 162 32.20 22.59 11.12
CA LEU I 162 32.44 21.25 11.65
C LEU I 162 33.80 20.71 11.22
N THR I 163 34.25 21.12 10.04
CA THR I 163 35.53 20.65 9.51
C THR I 163 36.70 21.40 10.15
N LEU I 164 36.44 22.60 10.64
CA LEU I 164 37.47 23.42 11.25
C LEU I 164 37.59 23.14 12.75
N ALA I 165 36.59 22.45 13.29
CA ALA I 165 36.58 22.13 14.71
C ALA I 165 37.10 20.72 14.98
N ALA I 166 37.56 20.07 13.93
CA ALA I 166 38.09 18.71 14.04
C ALA I 166 39.61 18.70 13.97
N HIS I 167 40.21 19.88 13.88
CA HIS I 167 41.66 20.01 13.80
C HIS I 167 42.31 19.72 15.16
N ALA I 168 41.83 20.46 16.19
CA ALA I 168 42.34 20.30 17.53
C ALA I 168 41.23 19.95 18.52
N PRO I 169 41.24 18.71 18.99
CA PRO I 169 40.23 18.24 19.93
C PRO I 169 40.50 18.73 21.34
N GLY I 170 39.45 18.94 22.11
CA GLY I 170 39.59 19.40 23.48
C GLY I 170 38.51 20.39 23.87
N GLU I 171 38.07 21.12 22.85
CA GLU I 171 37.01 22.08 23.11
C GLU I 171 35.99 22.09 21.97
N ASN I 172 34.71 22.21 22.33
CA ASN I 172 33.64 22.22 21.35
C ASN I 172 33.01 23.61 21.18
N CYS I 173 33.54 24.58 21.92
CA CYS I 173 33.03 25.94 21.87
C CYS I 173 33.97 26.86 21.12
N ARG I 174 35.01 26.29 20.53
CA ARG I 174 35.99 27.07 19.77
C ARG I 174 36.33 26.39 18.44
N VAL I 175 36.44 27.19 17.39
CA VAL I 175 36.76 26.67 16.07
C VAL I 175 38.26 26.60 15.87
N GLU I 176 38.81 27.57 15.16
CA GLU I 176 40.23 27.61 14.88
C GLU I 176 40.61 28.85 14.08
N ILE I 177 39.80 29.07 13.00
CA ILE I 177 40.21 30.18 12.14
C ILE I 177 39.09 31.18 11.94
N PRO I 178 39.22 32.36 12.55
CA PRO I 178 38.22 33.42 12.44
C PRO I 178 38.00 33.86 11.00
N VAL I 179 37.10 33.22 10.27
CA VAL I 179 36.75 33.72 8.93
C VAL I 179 35.84 34.96 8.99
N ALA I 180 36.13 36.00 8.19
CA ALA I 180 35.29 37.19 8.15
C ALA I 180 33.91 36.86 7.59
N LYS I 181 33.00 37.76 7.77
CA LYS I 181 31.66 37.56 7.27
C LYS I 181 31.57 37.55 5.75
N GLN I 182 32.40 38.28 5.11
CA GLN I 182 32.34 38.39 3.66
C GLN I 182 33.15 37.29 2.99
N LEU I 183 34.03 36.65 3.75
CA LEU I 183 34.88 35.59 3.24
C LEU I 183 34.12 34.26 3.18
N VAL I 184 33.21 34.07 4.13
CA VAL I 184 32.42 32.84 4.19
C VAL I 184 31.34 32.83 3.10
N ALA I 185 30.76 33.99 2.83
CA ALA I 185 29.73 34.10 1.82
C ALA I 185 30.30 33.95 0.41
N GLY I 186 31.56 34.35 0.26
CA GLY I 186 32.24 34.26 -1.03
C GLY I 186 32.35 32.82 -1.51
N HIS I 187 32.55 31.90 -0.56
CA HIS I 187 32.66 30.49 -0.89
C HIS I 187 31.31 29.92 -1.33
N LEU I 188 30.24 30.58 -0.90
CA LEU I 188 28.89 30.18 -1.26
C LEU I 188 28.48 30.81 -2.58
N SER I 189 29.22 31.86 -2.98
CA SER I 189 28.91 32.60 -4.19
C SER I 189 27.62 33.39 -4.01
N ILE I 190 27.29 33.69 -2.75
CA ILE I 190 26.08 34.44 -2.44
C ILE I 190 26.42 35.74 -1.69
N GLN I 191 25.44 36.62 -1.57
CA GLN I 191 25.63 37.91 -0.91
C GLN I 191 26.07 37.72 0.54
N PRO I 192 26.86 38.67 1.07
CA PRO I 192 27.35 38.64 2.44
C PRO I 192 26.30 39.13 3.43
N GLU I 193 25.24 39.74 2.92
CA GLU I 193 24.18 40.26 3.78
C GLU I 193 23.31 39.15 4.35
N THR I 194 23.13 38.08 3.57
CA THR I 194 22.30 36.96 3.99
C THR I 194 23.06 36.01 4.91
N PHE I 195 24.38 36.15 4.94
CA PHE I 195 25.21 35.31 5.80
C PHE I 195 24.97 35.60 7.27
N SER I 196 24.84 36.89 7.60
CA SER I 196 24.58 37.29 8.98
C SER I 196 23.19 36.83 9.43
N ARG I 197 22.26 36.78 8.49
CA ARG I 197 20.90 36.34 8.77
C ARG I 197 20.89 34.89 9.26
N ILE I 198 21.80 34.09 8.71
CA ILE I 198 21.92 32.69 9.09
C ILE I 198 22.42 32.58 10.53
N MET I 199 23.36 33.45 10.88
CA MET I 199 23.93 33.46 12.22
C MET I 199 22.90 33.89 13.26
N HIS I 200 22.05 34.84 12.89
CA HIS I 200 21.02 35.33 13.79
C HIS I 200 19.95 34.27 14.05
N ARG I 201 19.63 33.50 13.02
CA ARG I 201 18.67 32.42 13.14
C ARG I 201 19.26 31.25 13.92
N LEU I 202 20.58 31.12 13.87
CA LEU I 202 21.27 30.04 14.56
C LEU I 202 21.57 30.41 16.01
N GLY I 203 21.28 31.66 16.37
CA GLY I 203 21.52 32.14 17.72
C GLY I 203 20.29 32.07 18.60
N ASP I 204 19.13 32.28 18.00
CA ASP I 204 17.87 32.26 18.74
C ASP I 204 17.43 30.83 19.05
N GLU I 205 17.92 29.88 18.26
CA GLU I 205 17.57 28.48 18.46
C GLU I 205 18.39 27.85 19.58
N GLY I 206 19.54 28.46 19.88
CA GLY I 206 20.42 27.96 20.92
C GLY I 206 21.35 26.86 20.44
N ILE I 207 22.05 27.14 19.35
CA ILE I 207 22.99 26.17 18.78
C ILE I 207 24.37 26.79 18.59
N ILE I 208 24.39 28.06 18.20
CA ILE I 208 25.64 28.78 17.98
C ILE I 208 25.55 30.22 18.46
N HIS I 209 26.46 30.66 19.34
CA HIS I 209 26.48 32.01 19.92
C HIS I 209 27.23 32.97 19.04
N LEU I 210 26.96 34.27 19.20
CA LEU I 210 27.61 35.30 18.41
C LEU I 210 28.83 35.86 19.09
N ASP I 211 29.92 36.00 18.34
CA ASP I 211 31.16 36.52 18.90
C ASP I 211 31.92 37.32 17.85
N GLY I 212 33.09 37.81 18.24
CA GLY I 212 33.93 38.59 17.35
C GLY I 212 34.68 37.72 16.37
N ARG I 213 34.07 37.44 15.23
CA ARG I 213 34.69 36.62 14.20
C ARG I 213 34.69 35.14 14.59
N GLU I 214 35.27 34.85 15.73
CA GLU I 214 35.33 33.49 16.22
C GLU I 214 33.96 32.93 16.55
N ILE I 215 33.46 32.04 15.70
CA ILE I 215 32.16 31.44 15.91
C ILE I 215 32.22 30.30 16.92
N SER I 216 31.40 30.37 17.95
CA SER I 216 31.36 29.37 19.00
C SER I 216 30.21 28.38 18.78
N ILE I 217 30.52 27.09 18.91
CA ILE I 217 29.52 26.04 18.73
C ILE I 217 29.03 25.51 20.07
N LEU I 218 27.71 25.49 20.25
CA LEU I 218 27.12 25.01 21.49
C LEU I 218 26.67 23.55 21.36
N ASP I 219 26.00 23.25 20.24
CA ASP I 219 25.51 21.91 19.99
C ASP I 219 26.05 21.37 18.67
N ARG I 220 26.71 20.22 18.73
CA ARG I 220 27.29 19.60 17.55
C ARG I 220 26.30 18.64 16.89
N GLU I 221 25.39 18.10 17.69
CA GLU I 221 24.38 17.16 17.19
C GLU I 221 23.30 17.89 16.40
N ARG I 222 22.87 19.04 16.88
CA ARG I 222 21.80 19.79 16.25
C ARG I 222 22.21 20.49 14.96
N LEU I 223 23.57 20.67 14.76
CA LEU I 223 23.99 21.25 13.49
C LEU I 223 23.81 20.26 12.34
N GLU I 224 23.84 18.97 12.67
CA GLU I 224 23.69 17.92 11.67
C GLU I 224 22.23 17.77 11.25
N CYS I 225 21.33 18.33 12.05
CA CYS I 225 19.90 18.22 11.78
C CYS I 225 19.42 19.24 10.74
N PHE I 226 20.20 20.31 10.56
CA PHE I 226 19.86 21.34 9.60
C PHE I 226 19.76 20.81 8.18
N GLU I 227 18.65 21.11 7.52
CA GLU I 227 18.43 20.67 6.14
C GLU I 227 17.79 21.78 5.32
N MET J 1 12.29 64.65 -8.27
CA MET J 1 13.03 65.11 -9.48
C MET J 1 14.50 65.36 -9.17
N GLU J 2 15.03 64.62 -8.20
CA GLU J 2 16.42 64.75 -7.81
C GLU J 2 17.30 63.71 -8.51
N PHE J 3 16.66 62.67 -9.04
CA PHE J 3 17.38 61.61 -9.74
C PHE J 3 17.88 62.09 -11.10
N GLN J 4 16.97 62.16 -12.07
CA GLN J 4 17.31 62.64 -13.41
C GLN J 4 18.03 61.59 -14.23
N ARG J 5 19.33 61.45 -14.02
CA ARG J 5 20.14 60.52 -14.81
C ARG J 5 20.64 59.34 -13.99
N VAL J 6 20.63 59.49 -12.67
CA VAL J 6 21.12 58.45 -11.77
C VAL J 6 20.14 57.29 -11.63
N HIS J 7 18.91 57.50 -12.10
CA HIS J 7 17.86 56.50 -11.97
C HIS J 7 17.70 55.67 -13.25
N GLN J 8 18.17 56.22 -14.36
CA GLN J 8 18.04 55.55 -15.65
C GLN J 8 19.05 54.42 -15.81
N GLN J 9 19.96 54.31 -14.84
CA GLN J 9 21.06 53.34 -14.94
C GLN J 9 20.70 51.99 -14.34
N LEU J 10 20.10 52.00 -13.16
CA LEU J 10 19.76 50.76 -12.46
C LEU J 10 18.55 50.07 -13.06
N LEU J 11 17.69 50.84 -13.72
CA LEU J 11 16.47 50.29 -14.33
C LEU J 11 16.80 49.50 -15.60
N GLN J 12 17.95 49.80 -16.19
CA GLN J 12 18.36 49.13 -17.42
C GLN J 12 18.66 47.65 -17.18
N SER J 13 18.80 47.28 -15.91
CA SER J 13 19.07 45.90 -15.55
C SER J 13 17.77 45.12 -15.37
N HIS J 14 16.69 45.83 -15.08
CA HIS J 14 15.38 45.22 -14.90
C HIS J 14 14.77 44.85 -16.25
N HIS J 15 14.01 43.78 -16.28
CA HIS J 15 13.45 43.27 -17.53
C HIS J 15 12.41 44.18 -18.16
N LEU J 16 11.66 44.88 -17.31
CA LEU J 16 10.57 45.74 -17.78
C LEU J 16 11.06 47.01 -18.47
N PHE J 17 12.24 47.49 -18.06
CA PHE J 17 12.76 48.74 -18.60
C PHE J 17 13.94 48.52 -19.55
N GLU J 18 14.14 47.27 -19.96
CA GLU J 18 15.25 46.93 -20.85
C GLU J 18 14.93 47.25 -22.31
N PRO J 19 13.77 46.79 -22.79
CA PRO J 19 13.38 46.96 -24.18
C PRO J 19 12.85 48.37 -24.48
N LEU J 20 12.91 49.26 -23.50
CA LEU J 20 12.44 50.63 -23.68
C LEU J 20 13.55 51.55 -24.17
N SER J 21 13.19 52.49 -25.04
CA SER J 21 14.15 53.45 -25.58
C SER J 21 14.43 54.55 -24.56
N PRO J 22 15.67 55.07 -24.57
CA PRO J 22 16.09 56.12 -23.65
C PRO J 22 15.14 57.31 -23.68
N VAL J 23 14.57 57.60 -24.84
CA VAL J 23 13.65 58.71 -24.98
C VAL J 23 12.29 58.39 -24.36
N GLN J 24 11.88 57.14 -24.48
CA GLN J 24 10.60 56.70 -23.93
C GLN J 24 10.72 56.41 -22.43
N LEU J 25 11.95 56.17 -21.98
CA LEU J 25 12.20 55.89 -20.57
C LEU J 25 12.10 57.16 -19.73
N GLN J 26 12.58 58.26 -20.27
CA GLN J 26 12.56 59.54 -19.57
C GLN J 26 11.14 60.05 -19.42
N GLU J 27 10.29 59.73 -20.40
CA GLU J 27 8.89 60.15 -20.37
C GLU J 27 8.14 59.46 -19.24
N LEU J 28 8.47 58.20 -18.99
CA LEU J 28 7.83 57.42 -17.94
C LEU J 28 8.41 57.78 -16.57
N LEU J 29 9.67 58.21 -16.56
CA LEU J 29 10.34 58.59 -15.32
C LEU J 29 9.91 59.98 -14.87
N ALA J 30 9.24 60.71 -15.75
CA ALA J 30 8.76 62.05 -15.43
C ALA J 30 7.60 61.99 -14.44
N SER J 31 6.79 60.95 -14.55
CA SER J 31 5.64 60.77 -13.67
C SER J 31 5.99 59.88 -12.47
N SER J 32 7.28 59.61 -12.31
CA SER J 32 7.76 58.77 -11.21
C SER J 32 7.76 59.53 -9.90
N ASP J 33 7.23 58.90 -8.85
CA ASP J 33 7.17 59.52 -7.54
C ASP J 33 8.03 58.76 -6.53
N LEU J 34 8.76 59.50 -5.70
CA LEU J 34 9.62 58.89 -4.69
C LEU J 34 8.91 58.83 -3.33
N VAL J 35 8.79 57.62 -2.79
CA VAL J 35 8.14 57.43 -1.51
C VAL J 35 9.03 56.65 -0.54
N ASN J 36 9.48 57.31 0.52
CA ASN J 36 10.33 56.68 1.53
C ASN J 36 9.53 56.24 2.75
N LEU J 37 9.04 55.01 2.70
CA LEU J 37 8.25 54.46 3.79
C LEU J 37 9.12 54.10 4.99
N ASP J 38 8.56 54.21 6.19
CA ASP J 38 9.27 53.86 7.41
C ASP J 38 8.86 52.50 7.93
N LYS J 39 9.02 52.29 9.24
CA LYS J 39 8.66 51.01 9.85
C LYS J 39 7.16 50.88 10.01
N GLY J 40 6.62 49.74 9.57
CA GLY J 40 5.19 49.48 9.69
C GLY J 40 4.35 50.35 8.78
N ALA J 41 4.93 50.76 7.65
CA ALA J 41 4.23 51.61 6.69
C ALA J 41 3.61 50.78 5.57
N TYR J 42 2.40 51.15 5.17
CA TYR J 42 1.69 50.42 4.11
C TYR J 42 1.94 51.05 2.75
N VAL J 43 2.09 50.21 1.74
CA VAL J 43 2.25 50.68 0.37
C VAL J 43 0.89 50.92 -0.28
N PHE J 44 0.03 49.90 -0.20
CA PHE J 44 -1.33 49.99 -0.70
C PHE J 44 -2.24 48.96 -0.03
N ARG J 45 -3.41 49.40 0.42
CA ARG J 45 -4.34 48.52 1.12
C ARG J 45 -5.26 47.78 0.15
N GLN J 46 -5.82 46.67 0.62
CA GLN J 46 -6.73 45.87 -0.19
C GLN J 46 -8.10 46.55 -0.29
N GLY J 47 -8.56 46.76 -1.51
CA GLY J 47 -9.84 47.42 -1.75
C GLY J 47 -9.67 48.87 -2.17
N GLU J 48 -8.50 49.17 -2.74
CA GLU J 48 -8.21 50.52 -3.20
C GLU J 48 -7.95 50.55 -4.70
N PRO J 49 -8.33 51.65 -5.37
CA PRO J 49 -8.14 51.82 -6.79
C PRO J 49 -6.69 51.59 -7.20
N ALA J 50 -6.46 50.59 -8.05
CA ALA J 50 -5.11 50.27 -8.53
C ALA J 50 -4.79 51.07 -9.78
N HIS J 51 -3.79 51.95 -9.69
CA HIS J 51 -3.40 52.78 -10.81
C HIS J 51 -1.88 52.94 -10.91
N ALA J 52 -1.14 52.27 -10.03
CA ALA J 52 0.31 52.39 -10.01
C ALA J 52 0.99 51.17 -9.39
N PHE J 53 2.04 50.70 -10.06
CA PHE J 53 2.86 49.62 -9.53
C PHE J 53 4.12 50.21 -8.89
N TYR J 54 4.79 49.43 -8.05
CA TYR J 54 5.93 49.93 -7.29
C TYR J 54 7.22 49.17 -7.56
N TYR J 55 8.33 49.92 -7.60
CA TYR J 55 9.66 49.34 -7.76
C TYR J 55 10.50 49.65 -6.52
N LEU J 56 10.99 48.60 -5.87
CA LEU J 56 11.76 48.76 -4.64
C LEU J 56 13.25 48.97 -4.91
N ILE J 57 13.80 50.01 -4.29
CA ILE J 57 15.22 50.30 -4.43
C ILE J 57 16.03 49.62 -3.33
N SER J 58 15.60 49.82 -2.09
CA SER J 58 16.28 49.20 -0.95
C SER J 58 15.30 48.96 0.20
N GLY J 59 15.31 47.75 0.73
CA GLY J 59 14.42 47.38 1.82
C GLY J 59 13.68 46.07 1.56
N CYS J 60 12.54 45.90 2.22
CA CYS J 60 11.74 44.69 2.06
C CYS J 60 10.25 45.00 2.18
N VAL J 61 9.49 44.58 1.17
CA VAL J 61 8.04 44.79 1.17
C VAL J 61 7.30 43.48 0.98
N LYS J 62 6.41 43.16 1.91
CA LYS J 62 5.65 41.92 1.86
C LYS J 62 4.23 42.16 1.37
N ILE J 63 3.70 41.17 0.64
CA ILE J 63 2.33 41.24 0.14
C ILE J 63 1.52 40.07 0.69
N TYR J 64 0.45 40.40 1.42
CA TYR J 64 -0.36 39.38 2.08
C TYR J 64 -1.85 39.52 1.75
N ARG J 65 -2.57 38.41 1.84
CA ARG J 65 -4.01 38.42 1.63
C ARG J 65 -4.74 38.28 2.96
N LEU J 66 -5.99 38.74 3.00
CA LEU J 66 -6.77 38.70 4.23
C LEU J 66 -7.62 37.44 4.32
N THR J 67 -7.33 36.61 5.32
CA THR J 67 -8.09 35.38 5.54
C THR J 67 -9.19 35.61 6.56
N PRO J 68 -10.36 34.97 6.34
CA PRO J 68 -11.52 35.12 7.22
C PRO J 68 -11.20 34.78 8.67
N GLU J 69 -10.31 33.80 8.86
CA GLU J 69 -9.94 33.37 10.20
C GLU J 69 -9.30 34.50 11.01
N GLY J 70 -8.50 35.32 10.33
CA GLY J 70 -7.82 36.43 10.98
C GLY J 70 -6.31 36.30 10.91
N GLN J 71 -5.81 35.90 9.74
CA GLN J 71 -4.38 35.74 9.54
C GLN J 71 -3.92 36.44 8.26
N GLU J 72 -2.63 36.76 8.20
CA GLU J 72 -2.07 37.42 7.03
C GLU J 72 -1.31 36.43 6.15
N LYS J 73 -2.03 35.83 5.19
CA LYS J 73 -1.43 34.85 4.28
C LYS J 73 -0.54 35.53 3.26
N ILE J 74 0.78 35.40 3.44
CA ILE J 74 1.75 36.00 2.54
C ILE J 74 1.87 35.20 1.25
N LEU J 75 1.81 35.91 0.12
CA LEU J 75 1.93 35.26 -1.19
C LEU J 75 3.39 35.19 -1.62
N GLU J 76 4.01 36.35 -1.81
CA GLU J 76 5.40 36.43 -2.22
C GLU J 76 6.11 37.61 -1.57
N VAL J 77 7.41 37.46 -1.33
CA VAL J 77 8.20 38.52 -0.72
C VAL J 77 9.10 39.19 -1.76
N THR J 78 8.79 40.44 -2.08
CA THR J 78 9.56 41.20 -3.07
C THR J 78 10.74 41.92 -2.43
N ASN J 79 11.94 41.66 -2.93
CA ASN J 79 13.14 42.30 -2.41
C ASN J 79 13.56 43.50 -3.24
N GLU J 80 14.78 43.97 -3.02
CA GLU J 80 15.31 45.15 -3.71
C GLU J 80 15.63 44.84 -5.17
N ARG J 81 15.55 45.87 -6.01
CA ARG J 81 15.85 45.73 -7.44
C ARG J 81 14.82 44.85 -8.13
N ASN J 82 13.59 44.87 -7.63
CA ASN J 82 12.50 44.08 -8.22
C ASN J 82 11.16 44.80 -8.15
N THR J 83 10.31 44.54 -9.13
CA THR J 83 8.99 45.16 -9.19
C THR J 83 7.90 44.21 -8.75
N PHE J 84 6.87 44.73 -8.11
CA PHE J 84 5.75 43.92 -7.65
C PHE J 84 4.42 44.61 -7.92
N ALA J 85 3.41 43.82 -8.27
CA ALA J 85 2.09 44.36 -8.57
C ALA J 85 2.03 44.92 -9.98
N GLU J 86 3.01 44.56 -10.80
CA GLU J 86 3.05 45.03 -12.19
C GLU J 86 2.07 44.23 -13.05
N ALA J 87 1.69 43.05 -12.58
CA ALA J 87 0.74 42.22 -13.29
C ALA J 87 -0.67 42.80 -13.20
N MET J 88 -0.82 43.84 -12.38
CA MET J 88 -2.10 44.51 -12.22
C MET J 88 -2.40 45.38 -13.44
N MET J 89 -1.36 45.70 -14.20
CA MET J 89 -1.51 46.51 -15.40
C MET J 89 -2.06 45.68 -16.55
N PHE J 90 -1.44 44.54 -16.81
CA PHE J 90 -1.86 43.66 -17.90
C PHE J 90 -3.28 43.17 -17.64
N MET J 91 -3.54 42.69 -16.43
CA MET J 91 -4.87 42.27 -16.03
C MET J 91 -5.70 43.48 -15.64
N ASP J 92 -7.03 43.35 -15.73
CA ASP J 92 -7.91 44.47 -15.43
C ASP J 92 -8.68 44.29 -14.13
N THR J 93 -8.02 44.58 -13.02
CA THR J 93 -8.65 44.55 -11.70
C THR J 93 -8.59 45.93 -11.06
N PRO J 94 -9.76 46.57 -10.91
CA PRO J 94 -9.86 47.94 -10.41
C PRO J 94 -9.31 48.09 -8.99
N ASN J 95 -9.46 47.04 -8.19
CA ASN J 95 -9.00 47.07 -6.80
C ASN J 95 -7.89 46.07 -6.53
N TYR J 96 -7.00 46.41 -5.60
CA TYR J 96 -5.92 45.51 -5.22
C TYR J 96 -6.45 44.25 -4.56
N VAL J 97 -5.87 43.10 -4.92
CA VAL J 97 -6.32 41.82 -4.40
C VAL J 97 -5.64 41.47 -3.08
N ALA J 98 -4.47 42.05 -2.84
CA ALA J 98 -3.71 41.78 -1.62
C ALA J 98 -3.18 43.07 -1.01
N THR J 99 -2.99 43.06 0.31
CA THR J 99 -2.48 44.21 1.03
C THR J 99 -0.95 44.19 1.08
N ALA J 100 -0.34 45.35 0.86
CA ALA J 100 1.12 45.47 0.90
C ALA J 100 1.57 46.22 2.14
N GLN J 101 2.65 45.73 2.76
CA GLN J 101 3.18 46.35 3.96
C GLN J 101 4.70 46.25 4.01
N ALA J 102 5.34 47.29 4.53
CA ALA J 102 6.79 47.34 4.65
C ALA J 102 7.22 47.07 6.10
N VAL J 103 8.07 46.07 6.28
CA VAL J 103 8.55 45.71 7.61
C VAL J 103 9.73 46.58 8.04
N VAL J 104 10.52 47.02 7.05
CA VAL J 104 11.68 47.85 7.32
C VAL J 104 11.66 49.11 6.46
N PRO J 105 12.33 50.17 6.94
CA PRO J 105 12.41 51.44 6.20
C PRO J 105 12.80 51.19 4.74
N SER J 106 11.84 51.36 3.84
CA SER J 106 12.08 51.09 2.43
C SER J 106 11.85 52.34 1.56
N GLN J 107 12.50 52.36 0.40
CA GLN J 107 12.36 53.46 -0.55
C GLN J 107 11.82 52.93 -1.87
N LEU J 108 10.61 53.35 -2.23
CA LEU J 108 9.95 52.83 -3.42
C LEU J 108 9.66 53.90 -4.47
N PHE J 109 9.59 53.47 -5.72
CA PHE J 109 9.18 54.34 -6.83
C PHE J 109 7.74 54.04 -7.22
N ARG J 110 7.03 55.06 -7.69
CA ARG J 110 5.63 54.91 -8.07
C ARG J 110 5.40 55.32 -9.53
N PHE J 111 5.15 54.33 -10.38
CA PHE J 111 4.90 54.59 -11.79
C PHE J 111 3.42 54.38 -12.12
N SER J 112 2.88 55.25 -12.97
CA SER J 112 1.48 55.16 -13.36
C SER J 112 1.23 53.99 -14.31
N ASN J 113 0.12 53.29 -14.10
CA ASN J 113 -0.23 52.15 -14.95
C ASN J 113 -0.66 52.59 -16.35
N LYS J 114 -1.40 53.69 -16.42
CA LYS J 114 -1.89 54.21 -17.69
C LYS J 114 -0.73 54.74 -18.54
N ALA J 115 0.26 55.34 -17.89
CA ALA J 115 1.41 55.90 -18.59
C ALA J 115 2.30 54.80 -19.16
N TYR J 116 2.24 53.63 -18.56
CA TYR J 116 3.06 52.50 -18.99
C TYR J 116 2.37 51.70 -20.10
N LEU J 117 1.05 51.62 -20.03
CA LEU J 117 0.27 50.86 -21.01
C LEU J 117 0.21 51.57 -22.35
N ARG J 118 0.25 52.90 -22.33
CA ARG J 118 0.17 53.70 -23.55
C ARG J 118 1.45 53.62 -24.37
N GLN J 119 2.57 53.39 -23.70
CA GLN J 119 3.85 53.24 -24.38
C GLN J 119 3.93 51.89 -25.07
N LEU J 120 3.04 50.98 -24.69
CA LEU J 120 3.00 49.65 -25.28
C LEU J 120 1.83 49.53 -26.25
N GLN J 121 1.05 50.61 -26.37
CA GLN J 121 -0.12 50.61 -27.23
C GLN J 121 0.21 51.10 -28.63
N ASP J 122 0.67 52.34 -28.74
CA ASP J 122 0.96 52.94 -30.03
C ASP J 122 2.05 52.19 -30.80
N ASN J 123 3.18 51.96 -30.14
CA ASN J 123 4.30 51.26 -30.77
C ASN J 123 3.87 49.94 -31.40
N THR J 124 3.78 48.90 -30.58
CA THR J 124 3.40 47.57 -31.04
C THR J 124 4.58 46.62 -31.06
N PRO J 125 5.60 46.93 -31.87
CA PRO J 125 6.81 46.12 -31.94
C PRO J 125 7.44 45.96 -30.56
N LEU J 126 7.33 46.99 -29.74
CA LEU J 126 7.85 46.95 -28.37
C LEU J 126 7.12 45.92 -27.54
N ALA J 127 5.84 45.71 -27.86
CA ALA J 127 5.05 44.68 -27.18
C ALA J 127 5.69 43.31 -27.42
N LEU J 128 6.31 43.15 -28.58
CA LEU J 128 7.01 41.92 -28.91
C LEU J 128 8.40 41.95 -28.29
N ALA J 129 9.01 43.13 -28.26
CA ALA J 129 10.35 43.30 -27.70
C ALA J 129 10.35 43.11 -26.19
N LEU J 130 9.20 43.38 -25.56
CA LEU J 130 9.06 43.21 -24.13
C LEU J 130 8.88 41.74 -23.76
N LEU J 131 8.40 40.96 -24.73
CA LEU J 131 8.22 39.53 -24.54
C LEU J 131 9.57 38.82 -24.62
N ALA J 132 10.54 39.46 -25.29
CA ALA J 132 11.86 38.89 -25.45
C ALA J 132 12.67 39.00 -24.16
N LYS J 133 12.54 40.13 -23.48
CA LYS J 133 13.28 40.36 -22.24
C LYS J 133 12.75 39.49 -21.10
N LEU J 134 11.44 39.26 -21.09
CA LEU J 134 10.81 38.43 -20.07
C LEU J 134 11.15 36.95 -20.26
N SER J 135 11.17 36.51 -21.51
CA SER J 135 11.47 35.12 -21.83
C SER J 135 12.93 34.79 -21.56
N THR J 136 13.83 35.65 -22.06
CA THR J 136 15.26 35.44 -21.89
C THR J 136 15.64 35.41 -20.42
N ARG J 137 14.95 36.22 -19.62
CA ARG J 137 15.22 36.28 -18.19
C ARG J 137 14.76 35.01 -17.49
N LEU J 138 13.67 34.43 -17.98
CA LEU J 138 13.15 33.20 -17.41
C LEU J 138 14.12 32.05 -17.58
N HIS J 139 14.63 31.86 -18.80
CA HIS J 139 15.58 30.80 -19.08
C HIS J 139 16.80 30.92 -18.18
N GLN J 140 17.23 32.14 -17.93
CA GLN J 140 18.40 32.39 -17.08
C GLN J 140 18.11 32.00 -15.63
N ARG J 141 16.89 32.22 -15.18
CA ARG J 141 16.50 31.90 -13.81
C ARG J 141 16.13 30.42 -13.67
N ILE J 142 15.64 29.83 -14.75
CA ILE J 142 15.31 28.41 -14.75
C ILE J 142 16.58 27.57 -14.67
N ASP J 143 17.61 28.01 -15.36
CA ASP J 143 18.91 27.32 -15.33
C ASP J 143 19.56 27.49 -13.96
N GLU J 144 19.27 28.61 -13.31
CA GLU J 144 19.82 28.88 -11.97
C GLU J 144 19.14 27.99 -10.93
N ILE J 145 17.86 27.73 -11.12
CA ILE J 145 17.10 26.88 -10.21
C ILE J 145 17.58 25.43 -10.31
N GLU J 146 17.82 24.98 -11.54
CA GLU J 146 18.31 23.63 -11.77
C GLU J 146 19.71 23.46 -11.21
N THR J 147 20.55 24.48 -11.39
CA THR J 147 21.92 24.45 -10.90
C THR J 147 21.95 24.45 -9.37
N LEU J 148 21.10 25.28 -8.78
CA LEU J 148 21.02 25.38 -7.32
C LEU J 148 20.44 24.11 -6.71
N SER J 149 19.45 23.53 -7.38
CA SER J 149 18.83 22.29 -6.91
C SER J 149 19.88 21.18 -6.82
N LEU J 150 20.71 21.07 -7.84
CA LEU J 150 21.79 20.09 -7.85
C LEU J 150 22.75 20.35 -6.70
N LYS J 151 23.19 21.60 -6.57
CA LYS J 151 24.07 21.97 -5.47
C LYS J 151 23.46 21.59 -4.14
N ASN J 152 22.15 21.78 -4.01
CA ASN J 152 21.43 21.39 -2.80
C ASN J 152 21.41 19.88 -2.62
N ALA J 153 21.46 19.16 -3.74
CA ALA J 153 21.45 17.70 -3.72
C ALA J 153 22.85 17.16 -3.41
N THR J 154 23.86 17.97 -3.67
CA THR J 154 25.24 17.56 -3.43
C THR J 154 25.62 17.69 -1.96
N HIS J 155 25.07 18.70 -1.29
CA HIS J 155 25.39 18.97 0.10
C HIS J 155 24.70 17.99 1.06
N ARG J 156 23.45 17.66 0.76
CA ARG J 156 22.66 16.80 1.64
C ARG J 156 23.17 15.36 1.67
N VAL J 157 23.70 14.89 0.55
CA VAL J 157 24.14 13.50 0.43
C VAL J 157 25.58 13.32 0.89
N VAL J 158 26.48 14.15 0.37
CA VAL J 158 27.91 14.01 0.64
C VAL J 158 28.24 14.14 2.13
N ARG J 159 27.65 15.13 2.79
CA ARG J 159 27.94 15.37 4.20
C ARG J 159 27.36 14.28 5.09
N TYR J 160 26.22 13.74 4.68
CA TYR J 160 25.58 12.66 5.43
C TYR J 160 26.53 11.46 5.53
N LEU J 161 27.34 11.26 4.50
CA LEU J 161 28.33 10.20 4.50
C LEU J 161 29.50 10.58 5.41
N LEU J 162 29.72 11.88 5.56
CA LEU J 162 30.78 12.38 6.42
C LEU J 162 30.39 12.24 7.89
N THR J 163 29.12 12.44 8.19
CA THR J 163 28.61 12.30 9.54
C THR J 163 28.76 10.85 10.02
N LEU J 164 28.51 9.91 9.11
CA LEU J 164 28.68 8.50 9.42
C LEU J 164 30.16 8.16 9.57
N ALA J 165 31.00 8.94 8.89
CA ALA J 165 32.44 8.76 8.99
C ALA J 165 33.00 9.58 10.15
N ALA J 166 32.11 10.33 10.80
CA ALA J 166 32.51 11.17 11.93
C ALA J 166 32.67 10.36 13.20
N HIS J 167 33.12 9.12 13.06
CA HIS J 167 33.37 8.25 14.21
C HIS J 167 34.85 8.16 14.51
N ALA J 168 35.64 7.75 13.52
CA ALA J 168 37.09 7.65 13.67
C ALA J 168 37.79 8.43 12.57
N PRO J 169 37.80 9.76 12.72
CA PRO J 169 38.34 10.66 11.71
C PRO J 169 39.81 10.36 11.41
N GLY J 170 40.04 9.66 10.30
CA GLY J 170 41.40 9.34 9.89
C GLY J 170 42.06 10.43 9.08
N GLU J 171 41.26 11.37 8.57
CA GLU J 171 41.78 12.44 7.74
C GLU J 171 42.03 11.94 6.32
N ASN J 172 42.54 10.72 6.21
CA ASN J 172 42.80 10.11 4.90
C ASN J 172 41.90 8.90 4.66
N CYS J 173 42.50 7.80 4.25
CA CYS J 173 41.75 6.57 4.01
C CYS J 173 40.63 6.42 5.03
N ARG J 174 39.40 6.28 4.55
CA ARG J 174 38.24 6.19 5.42
C ARG J 174 37.48 4.88 5.24
N VAL J 175 36.83 4.73 4.10
CA VAL J 175 36.01 3.56 3.83
C VAL J 175 34.61 3.75 4.39
N GLU J 176 33.63 3.92 3.51
CA GLU J 176 32.25 4.17 3.92
C GLU J 176 31.50 2.87 4.21
N ILE J 177 30.64 2.91 5.22
CA ILE J 177 29.85 1.74 5.61
C ILE J 177 28.42 2.12 5.97
N PRO J 178 27.52 2.09 4.96
CA PRO J 178 26.10 2.38 5.18
C PRO J 178 25.34 1.10 5.50
N VAL J 179 24.88 0.98 6.75
CA VAL J 179 24.17 -0.21 7.20
C VAL J 179 22.71 -0.21 6.75
N ALA J 180 22.28 0.88 6.13
CA ALA J 180 20.90 1.00 5.65
C ALA J 180 20.84 0.94 4.13
N LYS J 181 19.63 1.00 3.60
CA LYS J 181 19.43 0.96 2.15
C LYS J 181 19.93 2.23 1.49
N GLN J 182 20.22 2.16 0.19
CA GLN J 182 20.73 3.30 -0.55
C GLN J 182 19.69 4.41 -0.64
N LEU J 183 18.45 4.05 -0.96
CA LEU J 183 17.38 5.03 -1.12
C LEU J 183 16.77 5.41 0.23
N VAL J 184 16.77 4.47 1.17
CA VAL J 184 16.22 4.72 2.50
C VAL J 184 16.95 5.87 3.19
N ALA J 185 18.26 5.94 3.00
CA ALA J 185 19.06 7.01 3.55
C ALA J 185 18.71 8.34 2.89
N GLY J 186 18.20 8.26 1.66
CA GLY J 186 17.80 9.44 0.91
C GLY J 186 16.40 9.90 1.28
N HIS J 187 15.65 8.99 1.91
CA HIS J 187 14.28 9.30 2.33
C HIS J 187 14.29 10.21 3.55
N LEU J 188 15.31 10.08 4.39
CA LEU J 188 15.44 10.90 5.58
C LEU J 188 15.99 12.27 5.25
N SER J 189 16.65 12.38 4.09
CA SER J 189 17.22 13.65 3.65
C SER J 189 16.24 14.41 2.78
N ILE J 190 15.02 13.88 2.66
CA ILE J 190 13.98 14.51 1.85
C ILE J 190 14.44 14.74 0.42
N GLN J 191 14.93 13.67 -0.22
CA GLN J 191 15.39 13.75 -1.59
C GLN J 191 14.86 12.58 -2.42
N PRO J 192 14.63 12.82 -3.72
CA PRO J 192 14.14 11.79 -4.64
C PRO J 192 15.08 10.59 -4.69
N GLU J 193 14.53 9.43 -5.04
CA GLU J 193 15.32 8.21 -5.11
C GLU J 193 16.22 8.17 -6.34
N THR J 194 15.78 8.85 -7.40
CA THR J 194 16.52 8.88 -8.65
C THR J 194 17.74 9.78 -8.58
N PHE J 195 17.59 10.92 -7.89
CA PHE J 195 18.68 11.89 -7.79
C PHE J 195 19.81 11.40 -6.89
N SER J 196 19.51 10.43 -6.03
CA SER J 196 20.50 9.88 -5.11
C SER J 196 21.61 9.15 -5.87
N ARG J 197 21.22 8.23 -6.74
CA ARG J 197 22.18 7.45 -7.52
C ARG J 197 22.82 8.30 -8.61
N ILE J 198 22.23 9.45 -8.88
CA ILE J 198 22.77 10.37 -9.88
C ILE J 198 23.93 11.17 -9.29
N MET J 199 23.80 11.53 -8.02
CA MET J 199 24.85 12.27 -7.32
C MET J 199 26.07 11.38 -7.08
N HIS J 200 25.82 10.11 -6.78
CA HIS J 200 26.90 9.16 -6.55
C HIS J 200 27.71 8.93 -7.83
N ARG J 201 27.02 8.94 -8.97
CA ARG J 201 27.66 8.71 -10.25
C ARG J 201 28.50 9.91 -10.67
N LEU J 202 28.01 11.12 -10.36
CA LEU J 202 28.75 12.34 -10.68
C LEU J 202 30.10 12.35 -9.96
N GLY J 203 30.12 11.81 -8.75
CA GLY J 203 31.35 11.72 -7.98
C GLY J 203 32.21 10.55 -8.43
N ASP J 204 31.57 9.56 -9.04
CA ASP J 204 32.28 8.39 -9.55
C ASP J 204 33.08 8.73 -10.80
N GLU J 205 32.47 9.51 -11.70
CA GLU J 205 33.11 9.91 -12.94
C GLU J 205 34.17 10.99 -12.69
N GLY J 206 34.05 11.68 -11.57
CA GLY J 206 34.99 12.73 -11.22
C GLY J 206 36.22 12.20 -10.50
N ILE J 207 36.40 10.88 -10.56
CA ILE J 207 37.54 10.23 -9.90
C ILE J 207 37.60 10.58 -8.42
N ILE J 208 36.45 10.55 -7.76
CA ILE J 208 36.37 10.85 -6.33
C ILE J 208 35.84 9.65 -5.55
N HIS J 209 34.71 9.12 -6.00
CA HIS J 209 34.09 7.97 -5.35
C HIS J 209 34.25 6.71 -6.19
N LEU J 210 34.34 5.57 -5.67
CA LEU J 210 34.53 4.32 -6.41
C LEU J 210 33.48 3.28 -6.04
N ASP J 211 32.86 2.69 -7.05
CA ASP J 211 31.83 1.69 -6.83
C ASP J 211 32.40 0.33 -6.50
N GLY J 212 32.30 -0.04 -5.23
CA GLY J 212 32.76 -1.33 -4.77
C GLY J 212 31.76 -2.06 -3.91
N ARG J 213 30.50 -1.96 -4.13
CA ARG J 213 29.35 -2.51 -3.41
C ARG J 213 29.28 -1.96 -1.99
N GLU J 214 28.48 -0.92 -1.80
CA GLU J 214 28.33 -0.29 -0.49
C GLU J 214 29.64 0.34 -0.01
N ILE J 215 30.68 -0.49 0.10
CA ILE J 215 31.98 -0.01 0.53
C ILE J 215 32.65 0.82 -0.56
N SER J 216 32.42 2.12 -0.53
CA SER J 216 32.99 3.02 -1.53
C SER J 216 34.40 3.47 -1.14
N ILE J 217 35.38 2.98 -1.90
CA ILE J 217 36.77 3.33 -1.65
C ILE J 217 37.05 4.77 -2.02
N LEU J 218 37.74 5.50 -1.13
CA LEU J 218 38.04 6.91 -1.35
C LEU J 218 39.53 7.12 -1.59
N ASP J 219 39.87 7.68 -2.75
CA ASP J 219 41.26 7.98 -3.07
C ASP J 219 41.65 9.36 -2.55
N ARG J 220 40.89 10.37 -2.93
CA ARG J 220 41.13 11.74 -2.48
C ARG J 220 40.08 12.16 -1.45
N GLU J 221 40.54 12.69 -0.33
CA GLU J 221 39.64 13.10 0.75
C GLU J 221 39.34 14.59 0.71
N ARG J 222 40.27 15.37 0.19
CA ARG J 222 40.12 16.82 0.12
C ARG J 222 39.06 17.23 -0.91
N LEU J 223 38.71 16.31 -1.80
CA LEU J 223 37.73 16.59 -2.84
C LEU J 223 36.30 16.49 -2.30
N GLU J 224 36.13 15.73 -1.22
CA GLU J 224 34.80 15.53 -0.63
C GLU J 224 34.55 16.50 0.50
N CYS J 225 35.61 16.88 1.21
CA CYS J 225 35.49 17.77 2.36
C CYS J 225 35.24 19.21 1.94
N PHE J 226 35.50 19.51 0.68
CA PHE J 226 35.33 20.87 0.17
C PHE J 226 34.46 20.90 -1.08
N GLU J 227 33.61 19.89 -1.24
CA GLU J 227 32.73 19.79 -2.40
C GLU J 227 31.41 20.51 -2.15
#